data_6G0L
#
_entry.id   6G0L
#
loop_
_entity.id
_entity.type
_entity.pdbx_description
1 polymer 'Histone H3'
2 polymer 'Histone H4'
3 polymer 'Histone H2A type 1'
4 polymer 'Histone H4'
5 polymer 'Histone H2A type 1'
6 polymer 'DNA (176-MER)'
7 polymer 'DNA (177-MER)'
8 polymer 'Chromo domain-containing protein 1'
9 non-polymer "ADENOSINE-5'-DIPHOSPHATE"
10 non-polymer 'BERYLLIUM TRIFLUORIDE ION'
#
loop_
_entity_poly.entity_id
_entity_poly.type
_entity_poly.pdbx_seq_one_letter_code
_entity_poly.pdbx_strand_id
1 'polypeptide(L)'
;MARTKQTARKSTGGKAPRKQLATKAARKSAPATGGVKKPHRYRPGTVALREIRRYQKSTELLIRKLPFQRLVREIAQDFK
TDLRFQSSAVMALQEASEAYLVGLFEDTNLCGIHAKRVTIMPKDIQLARRIRGERA
;
A,E
2 'polypeptide(L)'
;MSGRGKGGKGLGKGGAKRHRKVLRDNIQGITKPAIRRLARRGGVKRISGLIYEETRGVLKVFLENVIRDAVTYTEHAKRK
TVTAMDVVYALKRQGRTLYGFGG
;
B,F
3 'polypeptide(L)'
;MSGRGKQGGKTRAKAKTRSSRAGLQFPVGRVHRLLRKGNYAERVGAGAPVYLAAVLEYLTAEILELAGNAARDNKKTRII
PRHLQLAVRNDEELNKLLGRVTIAQGRVLPNIQSVLLPKKTESAKSAKSK
;
C
4 'polypeptide(L)'
;MPDPAKSAPAAKKGSKKAVTKTQKKDGKKRRKTRKESYAIYVYKVLKQVHPDTGISSKAMSIMNSFVNDVFERIAGEASR
LAHYNKRSTITSREIQTAVRLLLPGELAKHAVSEGTKAVTKYTSAK
;
D,H
5 'polypeptide(L)'
;MSGRGKQGGKTRAKAKTRSSRAGLQFPVGRVHRLLRKGNYAERVGAGAPVYLAAVLEYLTAEILELAGNAARDNKKTRII
PRHLQLAVRNDEELNKLLGRVTIAQGGVLPNIQSVLLPKKTESAKSAKSK
;
G
6 'polydeoxyribonucleotide'
;(DA)(DT)(DA)(DC)(DG)(DC)(DG)(DG)(DC)(DC)(DG)(DC)(DC)(DC)(DA)(DT)(DC)(DA)(DG)(DA)
(DA)(DT)(DC)(DC)(DC)(DG)(DG)(DT)(DG)(DC)(DC)(DG)(DA)(DG)(DG)(DC)(DC)(DG)(DC)(DT)
(DC)(DA)(DA)(DT)(DT)(DG)(DG)(DT)(DC)(DG)(DT)(DA)(DG)(DA)(DC)(DA)(DG)(DC)(DT)(DC)
(DT)(DA)(DG)(DC)(DA)(DC)(DC)(DG)(DC)(DT)(DT)(DA)(DA)(DA)(DC)(DG)(DC)(DA)(DC)(DG)
(DT)(DA)(DC)(DG)(DC)(DG)(DC)(DT)(DG)(DT)(DC)(DC)(DC)(DC)(DC)(DG)(DC)(DG)(DT)(DT)
(DT)(DT)(DA)(DA)(DC)(DC)(DG)(DC)(DC)(DA)(DA)(DG)(DG)(DG)(DG)(DA)(DT)(DT)(DA)(DC)
(DT)(DC)(DC)(DC)(DT)(DA)(DG)(DT)(DC)(DT)(DC)(DC)(DA)(DG)(DG)(DC)(DA)(DC)(DG)(DT)
(DG)(DT)(DC)(DA)(DG)(DA)(DT)(DA)(DT)(DA)(DT)(DA)(DC)(DA)(DT)(DC)(DG)(DA)(DT)(DT)
(DA)(DA)(DC)(DG)(DA)(DT)(DG)(DC)(DT)(DG)(DG)(DG)(DC)(DA)(DT)(DA)
;
I
7 'polydeoxyribonucleotide'
;(DT)(DA)(DT)(DG)(DC)(DC)(DC)(DA)(DG)(DC)(DA)(DT)(DC)(DG)(DT)(DT)(DA)(DA)(DT)(DC)
(DG)(DA)(DT)(DG)(DT)(DA)(DT)(DA)(DT)(DA)(DT)(DC)(DT)(DG)(DA)(DC)(DA)(DC)(DG)(DT)
(DG)(DC)(DC)(DT)(DG)(DG)(DA)(DG)(DA)(DC)(DT)(DA)(DG)(DG)(DG)(DA)(DG)(DT)(DA)(DA)
(DT)(DC)(DC)(DC)(DC)(DT)(DT)(DG)(DG)(DC)(DG)(DG)(DT)(DT)(DA)(DA)(DA)(DA)(DC)(DG)
(DC)(DG)(DG)(DG)(DG)(DG)(DA)(DC)(DA)(DG)(DC)(DG)(DC)(DG)(DT)(DA)(DC)(DG)(DT)(DG)
(DC)(DG)(DT)(DT)(DT)(DA)(DA)(DG)(DC)(DG)(DG)(DT)(DG)(DC)(DT)(DA)(DG)(DA)(DG)(DC)
(DT)(DG)(DT)(DC)(DT)(DA)(DC)(DG)(DA)(DC)(DC)(DA)(DA)(DT)(DT)(DG)(DA)(DG)(DC)(DG)
(DG)(DC)(DC)(DT)(DT)(DC)(DG)(DG)(DC)(DA)(DC)(DC)(DG)(DG)(DG)(DA)(DT)(DT)(DC)(DT)
(DG)(DA)(DT)(DG)(DG)(DG)(DC)(DG)(DG)(DC)(DC)(DG)(DC)(DG)(DT)(DA)(DT)
;
J
8 'polypeptide(L)'
;MAAKDISTEVLQNPELYGLRRSHRAAAHQQNYFNDSDDEDDEDNIKQSRRKRMTTIEDDEDEFEDEEGEEDSGEDEDEED
FEEDDDYYGSPIKQNRSKPKSRTKSKSKSKPKSQSEKQSTVKIPTRFSNRQNKTVNYNIDYSDDDLLESEDDYGSEEALS
EENVHEASANPQPEDFHGIDIVINHRLKTSLEEGKVLEKTVPDLNNCKENYEFLIKWTDESHLHNTWETYESIGQVRGLK
RLDNYCKQFIIEDQQVRLDPYVTAEDIEIMDMERERRLDEFEEFHVPERIIDSQRASLEDGTSQLQYLVKWRRLNYDEAT
WENATDIVKLAPEQVKHFQNRENSKILPQYSSNYTSQRPRFEKLSVQPPFIKGGELRDFQLTGINWMAFLWSKGDNGILA
DEMGLGKTVQTVAFISWLIFARRQNGPHIIVVPLSTMPAWLDTFEKWAPDLNCICYMGNQKSRDTIREYEFYTNPRAKGK
KTMKFNVLLTTYEYILKDRAELGSIKWQFMAVDEAHRLKNAESSLYESLNSFKVANRMLITGTPLQNNIKELAALVNFLM
PGRFTIDQEIDFENQDEEQEEYIHDLHRRIQPFILRRLKKDVEKSLPSKTERILRVELSDVQTEYYKNILTKNYSALTAG
AKGGHFSLLNIMNELKKASNHPYLFDNAEERVLQKFGDGKMTRENVLRGLIMSSGKMVLLDQLLTRLKKDGHRVLIFSQM
VRMLDILGDYLSIKGINFQRLDGTVPSAQRRISIDHFNSPDSNDFVFLLSTRAGGLGINLMTADTVVIFDSDWNPQADLQ
AMARAHRIGQKNHVMVYRLVSKDTVEEEVLERARKKMILEYAIISLGVTDGNKYTKKNEPNAGELSAILKFGAGNMFTAT
DNQKKLEDLNLDDVLNHAEDHVTTPDLGESHLGGEEFLKQFEVTDYKADIDWDDIIPEEELKKLQDEEQKRKDEEYVKEQ
LEMMNRRDNALKKIKNSVNGDGTAANSDSDDDSTSRSSRRRARANDMDSIGESEVRALYKAILKFGNLKEILDELIADGT
LPVKSFEKYGETYDEMMEAAKDCVHEEEKNRKEILEKLEKHATAYRAKLKSGEIKAENQPKDNPLTRLSLKKREKKAVLF
NFKGVKSLNAESLLSRVEDLKYLKNLINSNYKDDPLKFSLGNNTPKPVQNWSSNWTKEEDEKLLIGVFKYGYGSWTQIRD
DPFLGITDKIFLNEVHNPVAKKSASSSDTTPTPSKKGKGITGSSKKVPGAIHLGRRVDYLLSFLRGGLNTKSPSADIGSK
KLPTGPSKKRQRKPANHSKSMTPEITSSEPANGPPSKRMKALPKGPAALINNTRLSPNSPTPPLKSKVSRDNGTRQSSNP
SSGSAHEKEYDSMDEEDCRHTMSAIRTSLKRLRRGGKSLDRKEWAKILKTELTTIGNHIESQKGSSRKASPEKYRKHLWS
YSANFWPADVKSTKLMAMYDKITESQKK
;
M,W
#
# COMPACT_ATOMS: atom_id res chain seq x y z
N PRO A 39 -16.10 -43.07 17.40
CA PRO A 39 -16.54 -42.15 16.36
C PRO A 39 -15.69 -40.88 16.22
N HIS A 40 -15.61 -40.39 14.98
CA HIS A 40 -14.50 -39.61 14.50
C HIS A 40 -15.01 -38.32 13.86
N ARG A 41 -14.31 -37.27 14.16
CA ARG A 41 -14.49 -35.94 13.51
C ARG A 41 -13.13 -35.26 13.53
N TYR A 42 -12.72 -34.74 12.38
CA TYR A 42 -11.36 -34.18 12.21
C TYR A 42 -11.09 -33.06 13.24
N ARG A 43 -9.87 -33.04 13.77
CA ARG A 43 -9.44 -32.03 14.76
C ARG A 43 -9.51 -30.65 14.09
N PRO A 44 -9.94 -29.59 14.78
CA PRO A 44 -10.11 -28.29 14.14
C PRO A 44 -8.84 -27.78 13.45
N GLY A 45 -9.00 -27.34 12.20
CA GLY A 45 -7.96 -26.74 11.37
C GLY A 45 -7.21 -27.74 10.51
N THR A 46 -7.79 -28.93 10.38
CA THR A 46 -7.14 -30.01 9.64
C THR A 46 -7.68 -30.10 8.20
N VAL A 47 -8.87 -29.52 7.96
CA VAL A 47 -9.54 -29.69 6.72
C VAL A 47 -9.15 -28.47 5.87
N ALA A 48 -8.98 -27.29 6.51
CA ALA A 48 -9.15 -26.00 5.87
C ALA A 48 -7.92 -25.70 5.00
N LEU A 49 -6.76 -26.10 5.53
CA LEU A 49 -5.48 -25.89 4.93
C LEU A 49 -5.39 -26.76 3.68
N ARG A 50 -5.94 -27.98 3.82
CA ARG A 50 -5.85 -29.06 2.82
C ARG A 50 -6.46 -28.60 1.52
N GLU A 51 -7.60 -27.96 1.67
CA GLU A 51 -8.27 -27.38 0.58
C GLU A 51 -7.57 -26.15 0.03
N ILE A 52 -7.00 -25.31 0.92
CA ILE A 52 -6.39 -24.06 0.59
C ILE A 52 -5.54 -24.28 -0.67
N ARG A 53 -4.73 -25.32 -0.51
CA ARG A 53 -3.76 -25.68 -1.48
C ARG A 53 -4.48 -26.23 -2.74
N ARG A 54 -5.40 -27.18 -2.49
CA ARG A 54 -6.06 -27.86 -3.60
C ARG A 54 -6.60 -26.75 -4.51
N TYR A 55 -7.13 -25.79 -3.75
CA TYR A 55 -7.80 -24.64 -4.37
C TYR A 55 -6.77 -23.69 -4.92
N GLN A 56 -5.60 -23.65 -4.29
CA GLN A 56 -4.47 -22.86 -4.84
C GLN A 56 -3.88 -23.38 -6.16
N LYS A 57 -3.81 -24.70 -6.33
CA LYS A 57 -3.21 -25.29 -7.52
C LYS A 57 -3.95 -25.00 -8.84
N SER A 58 -5.30 -24.96 -8.76
CA SER A 58 -6.28 -24.88 -9.89
C SER A 58 -6.53 -23.46 -10.43
N THR A 59 -7.15 -23.34 -11.59
CA THR A 59 -7.37 -21.98 -12.16
C THR A 59 -8.83 -21.50 -12.15
N GLU A 60 -9.73 -22.48 -12.25
CA GLU A 60 -11.15 -22.37 -12.42
C GLU A 60 -11.89 -21.43 -11.45
N LEU A 61 -12.84 -20.65 -12.00
CA LEU A 61 -13.47 -19.55 -11.28
C LEU A 61 -14.39 -20.09 -10.16
N LEU A 62 -14.49 -19.28 -9.10
CA LEU A 62 -15.20 -19.64 -7.91
C LEU A 62 -16.62 -19.07 -7.85
N ILE A 63 -16.82 -17.91 -8.51
CA ILE A 63 -18.10 -17.25 -8.54
C ILE A 63 -19.08 -17.90 -9.53
N ARG A 64 -20.36 -17.72 -9.27
CA ARG A 64 -21.39 -18.39 -10.08
C ARG A 64 -21.67 -17.58 -11.34
N LYS A 65 -21.82 -18.31 -12.44
CA LYS A 65 -22.22 -17.79 -13.76
C LYS A 65 -23.57 -17.04 -13.79
N LEU A 66 -24.63 -17.59 -13.16
CA LEU A 66 -25.97 -16.93 -13.22
C LEU A 66 -26.16 -15.69 -12.38
N PRO A 67 -25.93 -15.79 -11.05
CA PRO A 67 -26.11 -14.69 -10.12
C PRO A 67 -25.23 -13.49 -10.43
N PHE A 68 -23.94 -13.75 -10.70
CA PHE A 68 -23.00 -12.75 -11.12
C PHE A 68 -23.63 -11.87 -12.19
N GLN A 69 -24.08 -12.57 -13.24
CA GLN A 69 -24.60 -12.01 -14.45
C GLN A 69 -25.78 -11.10 -14.08
N ARG A 70 -26.73 -11.62 -13.31
CA ARG A 70 -27.89 -10.88 -12.91
C ARG A 70 -27.46 -9.58 -12.24
N LEU A 71 -26.46 -9.73 -11.35
CA LEU A 71 -26.02 -8.60 -10.57
C LEU A 71 -25.43 -7.52 -11.49
N VAL A 72 -24.68 -7.97 -12.48
CA VAL A 72 -24.02 -7.04 -13.42
C VAL A 72 -25.11 -6.26 -14.16
N ARG A 73 -26.13 -7.00 -14.58
CA ARG A 73 -27.31 -6.43 -15.26
C ARG A 73 -28.00 -5.42 -14.35
N GLU A 74 -28.12 -5.73 -13.04
CA GLU A 74 -28.84 -4.87 -12.11
C GLU A 74 -28.35 -3.41 -12.09
N ILE A 75 -27.05 -3.23 -11.92
CA ILE A 75 -26.43 -1.90 -11.88
C ILE A 75 -26.39 -1.25 -13.28
N ALA A 76 -26.03 -2.06 -14.26
CA ALA A 76 -25.88 -1.45 -15.62
C ALA A 76 -27.18 -0.78 -15.99
N GLN A 77 -28.29 -1.43 -15.62
CA GLN A 77 -29.64 -0.85 -15.87
C GLN A 77 -29.70 0.51 -15.17
N ASP A 78 -29.13 0.57 -13.96
CA ASP A 78 -29.27 1.79 -13.16
C ASP A 78 -28.57 3.02 -13.77
N PHE A 79 -27.65 2.87 -14.73
CA PHE A 79 -27.25 4.02 -15.48
C PHE A 79 -28.21 4.21 -16.67
N LYS A 80 -28.22 3.18 -17.51
CA LYS A 80 -29.13 3.04 -18.63
C LYS A 80 -29.68 1.64 -18.59
N THR A 81 -30.99 1.58 -18.89
CA THR A 81 -31.81 0.33 -18.74
C THR A 81 -31.87 -0.54 -20.00
N ASP A 82 -31.80 -1.87 -19.75
CA ASP A 82 -31.95 -2.97 -20.74
C ASP A 82 -30.84 -3.08 -21.83
N LEU A 83 -29.59 -3.34 -21.45
CA LEU A 83 -28.46 -3.45 -22.39
C LEU A 83 -27.82 -4.85 -22.26
N ARG A 84 -27.05 -5.24 -23.31
CA ARG A 84 -26.66 -6.58 -23.58
C ARG A 84 -25.13 -6.74 -23.53
N PHE A 85 -24.66 -7.95 -23.26
CA PHE A 85 -23.22 -8.19 -23.33
C PHE A 85 -22.94 -9.60 -23.83
N GLN A 86 -21.95 -9.74 -24.72
CA GLN A 86 -21.49 -11.04 -25.15
C GLN A 86 -21.15 -11.91 -23.93
N SER A 87 -21.56 -13.19 -23.96
CA SER A 87 -21.30 -14.07 -22.81
C SER A 87 -19.86 -13.96 -22.28
N SER A 88 -18.85 -13.92 -23.13
CA SER A 88 -17.48 -13.74 -22.75
C SER A 88 -17.26 -12.39 -22.01
N ALA A 89 -17.84 -11.30 -22.58
CA ALA A 89 -17.67 -10.00 -22.02
C ALA A 89 -17.95 -10.07 -20.54
N VAL A 90 -18.89 -10.93 -20.15
CA VAL A 90 -19.27 -11.16 -18.77
C VAL A 90 -18.10 -11.82 -18.01
N MET A 91 -17.51 -12.86 -18.60
CA MET A 91 -16.36 -13.52 -18.00
C MET A 91 -15.17 -12.55 -17.82
N ALA A 92 -14.90 -11.70 -18.83
CA ALA A 92 -13.83 -10.75 -18.83
C ALA A 92 -13.86 -9.95 -17.50
N LEU A 93 -15.07 -9.52 -17.21
CA LEU A 93 -15.44 -8.85 -16.02
C LEU A 93 -15.30 -9.80 -14.81
N GLN A 94 -15.73 -11.06 -14.93
CA GLN A 94 -15.75 -12.00 -13.80
C GLN A 94 -14.40 -12.32 -13.22
N GLU A 95 -13.48 -12.55 -14.14
CA GLU A 95 -12.05 -12.82 -13.73
C GLU A 95 -11.38 -11.66 -12.95
N ALA A 96 -11.54 -10.43 -13.49
CA ALA A 96 -10.79 -9.27 -12.96
C ALA A 96 -11.07 -9.01 -11.49
N SER A 97 -12.24 -9.39 -11.01
CA SER A 97 -12.64 -9.20 -9.62
C SER A 97 -12.48 -10.44 -8.69
N GLU A 98 -12.66 -11.64 -9.22
CA GLU A 98 -12.49 -12.80 -8.46
C GLU A 98 -11.06 -12.86 -7.86
N ALA A 99 -10.07 -12.58 -8.73
CA ALA A 99 -8.67 -12.53 -8.33
C ALA A 99 -8.45 -11.37 -7.36
N TYR A 100 -9.21 -10.28 -7.64
CA TYR A 100 -8.98 -9.01 -6.89
C TYR A 100 -9.18 -9.16 -5.39
N LEU A 101 -10.21 -9.88 -4.94
CA LEU A 101 -10.50 -10.15 -3.57
C LEU A 101 -9.41 -10.98 -2.89
N VAL A 102 -9.06 -12.03 -3.61
CA VAL A 102 -8.17 -13.05 -3.07
C VAL A 102 -6.90 -12.33 -2.63
N GLY A 103 -6.42 -11.43 -3.47
CA GLY A 103 -5.32 -10.49 -3.08
C GLY A 103 -5.50 -9.64 -1.81
N LEU A 104 -6.69 -9.07 -1.68
CA LEU A 104 -7.01 -8.28 -0.48
C LEU A 104 -7.05 -9.18 0.76
N PHE A 105 -7.70 -10.34 0.64
CA PHE A 105 -7.75 -11.27 1.74
C PHE A 105 -6.34 -11.59 2.24
N GLU A 106 -5.40 -11.68 1.30
CA GLU A 106 -3.99 -11.92 1.64
C GLU A 106 -3.40 -10.79 2.50
N ASP A 107 -3.69 -9.52 2.19
CA ASP A 107 -3.23 -8.41 2.98
C ASP A 107 -3.92 -8.40 4.36
N THR A 108 -5.20 -8.80 4.37
CA THR A 108 -5.95 -8.82 5.58
C THR A 108 -5.34 -9.79 6.58
N ASN A 109 -4.89 -10.93 6.06
CA ASN A 109 -4.28 -11.98 6.86
C ASN A 109 -2.97 -11.61 7.55
N LEU A 110 -2.03 -10.93 6.86
CA LEU A 110 -0.78 -10.52 7.44
C LEU A 110 -1.01 -9.69 8.70
N CYS A 111 -1.95 -8.76 8.52
CA CYS A 111 -2.28 -7.82 9.62
C CYS A 111 -2.92 -8.57 10.80
N GLY A 112 -3.71 -9.57 10.50
CA GLY A 112 -4.27 -10.47 11.54
C GLY A 112 -3.11 -11.14 12.25
N ILE A 113 -2.14 -11.57 11.50
CA ILE A 113 -0.93 -12.19 12.05
C ILE A 113 -0.14 -11.22 12.90
N HIS A 114 0.01 -9.99 12.39
CA HIS A 114 0.90 -8.98 13.03
C HIS A 114 0.50 -8.79 14.52
N ALA A 115 -0.78 -9.04 14.81
CA ALA A 115 -1.31 -8.73 16.12
C ALA A 115 -1.18 -9.93 17.06
N LYS A 116 -0.58 -11.02 16.61
CA LYS A 116 -0.68 -12.31 17.38
C LYS A 116 -2.07 -12.92 17.20
N ARG A 117 -2.80 -12.54 16.16
CA ARG A 117 -4.11 -13.16 15.98
C ARG A 117 -4.08 -14.20 14.86
N VAL A 118 -5.27 -14.75 14.62
CA VAL A 118 -5.47 -16.04 14.08
C VAL A 118 -6.67 -16.00 13.12
N THR A 119 -7.54 -15.01 13.22
CA THR A 119 -8.71 -14.94 12.43
C THR A 119 -8.78 -13.51 11.92
N ILE A 120 -8.98 -13.37 10.58
CA ILE A 120 -9.10 -12.09 9.95
C ILE A 120 -10.32 -11.36 10.45
N MET A 121 -10.12 -10.24 11.18
CA MET A 121 -11.21 -9.49 11.75
C MET A 121 -11.58 -8.39 10.80
N PRO A 122 -12.55 -7.55 11.20
CA PRO A 122 -13.16 -6.64 10.23
C PRO A 122 -12.21 -5.52 9.89
N LYS A 123 -11.87 -4.73 10.87
CA LYS A 123 -11.03 -3.61 10.84
C LYS A 123 -9.85 -4.00 9.95
N ASP A 124 -9.24 -5.18 10.07
CA ASP A 124 -8.05 -5.47 9.41
C ASP A 124 -8.28 -5.14 7.93
N ILE A 125 -9.40 -5.55 7.43
CA ILE A 125 -9.79 -5.32 6.03
C ILE A 125 -9.82 -3.83 5.77
N GLN A 126 -10.50 -3.14 6.66
CA GLN A 126 -10.61 -1.69 6.51
C GLN A 126 -9.23 -1.05 6.66
N LEU A 127 -8.51 -1.53 7.65
CA LEU A 127 -7.17 -1.03 7.96
C LEU A 127 -6.35 -1.14 6.69
N ALA A 128 -6.54 -2.25 6.01
CA ALA A 128 -5.87 -2.57 4.87
C ALA A 128 -6.31 -1.58 3.79
N ARG A 129 -7.62 -1.36 3.73
CA ARG A 129 -8.18 -0.50 2.70
C ARG A 129 -7.63 0.92 2.82
N ARG A 130 -7.55 1.40 4.05
CA ARG A 130 -7.11 2.75 4.36
C ARG A 130 -5.63 2.93 4.02
N ILE A 131 -4.80 1.96 4.34
CA ILE A 131 -3.38 2.06 4.13
C ILE A 131 -3.00 2.06 2.64
N ARG A 132 -3.60 1.16 1.87
CA ARG A 132 -3.39 1.08 0.45
C ARG A 132 -3.77 2.44 -0.14
N GLY A 133 -4.63 3.14 0.59
CA GLY A 133 -5.02 4.48 0.23
C GLY A 133 -5.55 4.44 -1.19
N GLU A 134 -6.28 3.36 -1.52
CA GLU A 134 -7.04 3.36 -2.77
C GLU A 134 -8.16 4.39 -2.66
N ARG A 135 -8.98 4.19 -1.62
CA ARG A 135 -10.08 5.06 -1.27
C ARG A 135 -9.62 6.44 -0.79
N LYS B 21 -37.66 -5.97 -15.81
CA LYS B 21 -37.69 -6.07 -14.30
C LYS B 21 -36.33 -5.64 -13.72
N VAL B 22 -36.29 -4.57 -12.89
CA VAL B 22 -34.98 -4.05 -12.29
C VAL B 22 -34.39 -5.16 -11.40
N LEU B 23 -33.19 -5.61 -11.71
CA LEU B 23 -32.60 -6.69 -10.91
C LEU B 23 -32.17 -6.20 -9.52
N ARG B 24 -32.62 -6.96 -8.51
CA ARG B 24 -32.48 -6.76 -7.06
C ARG B 24 -32.55 -8.13 -6.36
N ASP B 25 -32.38 -8.20 -5.03
CA ASP B 25 -32.02 -9.48 -4.32
C ASP B 25 -30.83 -10.16 -5.04
N ASN B 26 -29.89 -9.34 -5.51
CA ASN B 26 -28.74 -9.68 -6.36
C ASN B 26 -27.52 -9.84 -5.43
N ILE B 27 -27.38 -8.78 -4.64
CA ILE B 27 -26.29 -8.61 -3.77
C ILE B 27 -26.06 -9.92 -3.07
N GLN B 28 -27.14 -10.61 -2.62
CA GLN B 28 -26.94 -11.88 -1.90
C GLN B 28 -26.35 -13.01 -2.77
N GLY B 29 -26.73 -13.04 -4.04
CA GLY B 29 -26.39 -14.15 -4.93
C GLY B 29 -25.04 -14.70 -4.52
N ILE B 30 -24.09 -13.77 -4.30
CA ILE B 30 -22.77 -14.10 -3.77
C ILE B 30 -22.86 -14.55 -2.29
N THR B 31 -23.32 -15.79 -2.17
CA THR B 31 -23.59 -16.46 -0.90
C THR B 31 -22.31 -16.83 -0.15
N LYS B 32 -22.62 -17.08 1.13
CA LYS B 32 -21.69 -17.41 2.23
C LYS B 32 -20.46 -18.11 1.67
N PRO B 33 -20.64 -19.28 1.03
CA PRO B 33 -19.48 -20.10 0.68
C PRO B 33 -18.51 -19.41 -0.29
N ALA B 34 -19.06 -18.71 -1.30
CA ALA B 34 -18.24 -18.26 -2.43
C ALA B 34 -17.28 -17.15 -1.94
N ILE B 35 -17.83 -16.25 -1.12
CA ILE B 35 -16.96 -15.19 -0.57
C ILE B 35 -15.81 -15.86 0.18
N ARG B 36 -16.13 -16.97 0.89
CA ARG B 36 -15.18 -17.66 1.74
C ARG B 36 -14.04 -18.32 0.93
N ARG B 37 -14.46 -18.94 -0.17
CA ARG B 37 -13.47 -19.65 -0.93
C ARG B 37 -12.41 -18.66 -1.38
N LEU B 38 -12.81 -17.43 -1.85
CA LEU B 38 -11.86 -16.44 -2.29
C LEU B 38 -10.73 -16.33 -1.26
N ALA B 39 -11.19 -16.20 0.00
CA ALA B 39 -10.30 -15.90 1.11
C ALA B 39 -9.25 -17.01 1.32
N ARG B 40 -9.67 -18.28 1.11
CA ARG B 40 -8.76 -19.39 1.23
C ARG B 40 -7.74 -19.28 0.11
N ARG B 41 -8.27 -18.89 -1.03
CA ARG B 41 -7.37 -18.66 -2.15
C ARG B 41 -6.37 -17.62 -1.67
N GLY B 42 -6.86 -16.70 -0.87
CA GLY B 42 -6.03 -15.59 -0.38
C GLY B 42 -4.91 -16.06 0.50
N GLY B 43 -5.16 -17.15 1.25
CA GLY B 43 -4.23 -17.64 2.25
C GLY B 43 -4.59 -17.19 3.67
N VAL B 44 -5.81 -16.74 3.83
CA VAL B 44 -6.41 -16.58 5.15
C VAL B 44 -6.63 -17.99 5.71
N LYS B 45 -6.49 -18.18 7.03
CA LYS B 45 -6.96 -19.44 7.58
C LYS B 45 -8.45 -19.37 7.96
N ARG B 46 -8.86 -18.49 8.87
CA ARG B 46 -10.36 -18.52 9.32
C ARG B 46 -11.08 -17.19 9.17
N ILE B 47 -12.38 -17.09 9.62
CA ILE B 47 -13.25 -15.96 9.25
C ILE B 47 -14.46 -15.76 10.20
N SER B 48 -14.54 -14.53 10.72
CA SER B 48 -15.71 -14.09 11.55
C SER B 48 -16.95 -13.89 10.69
N GLY B 49 -18.11 -14.04 11.31
CA GLY B 49 -19.44 -13.93 10.67
C GLY B 49 -19.68 -12.61 9.90
N LEU B 50 -19.11 -11.54 10.41
CA LEU B 50 -19.50 -10.18 10.12
C LEU B 50 -19.13 -9.71 8.70
N ILE B 51 -18.11 -10.29 8.06
CA ILE B 51 -17.44 -9.54 6.98
C ILE B 51 -17.95 -10.07 5.63
N TYR B 52 -18.82 -11.09 5.68
CA TYR B 52 -19.43 -11.52 4.45
C TYR B 52 -20.17 -10.32 3.86
N GLU B 53 -20.83 -9.57 4.73
CA GLU B 53 -21.62 -8.45 4.36
C GLU B 53 -20.69 -7.30 3.94
N GLU B 54 -19.55 -7.12 4.62
CA GLU B 54 -18.71 -5.99 4.35
C GLU B 54 -18.13 -6.01 2.92
N THR B 55 -17.72 -7.17 2.48
CA THR B 55 -17.06 -7.34 1.22
C THR B 55 -18.00 -7.14 0.05
N ARG B 56 -19.23 -7.56 0.17
CA ARG B 56 -20.24 -7.46 -0.86
C ARG B 56 -20.36 -6.00 -1.26
N GLY B 57 -20.30 -5.17 -0.23
CA GLY B 57 -20.37 -3.72 -0.38
C GLY B 57 -19.23 -3.23 -1.26
N VAL B 58 -17.99 -3.68 -1.05
CA VAL B 58 -16.88 -3.30 -1.78
C VAL B 58 -16.98 -3.86 -3.18
N LEU B 59 -17.33 -5.13 -3.25
CA LEU B 59 -17.38 -5.85 -4.55
C LEU B 59 -18.21 -4.97 -5.43
N LYS B 60 -19.30 -4.45 -4.81
CA LYS B 60 -20.25 -3.67 -5.51
C LYS B 60 -19.55 -2.39 -5.93
N VAL B 61 -18.79 -1.78 -5.01
CA VAL B 61 -18.09 -0.54 -5.25
C VAL B 61 -17.27 -0.75 -6.51
N PHE B 62 -16.56 -1.87 -6.56
CA PHE B 62 -15.57 -2.06 -7.60
C PHE B 62 -16.23 -2.24 -8.97
N LEU B 63 -17.30 -3.06 -9.00
CA LEU B 63 -18.06 -3.34 -10.20
C LEU B 63 -18.67 -2.07 -10.80
N GLU B 64 -19.19 -1.26 -9.88
CA GLU B 64 -19.91 -0.04 -10.21
C GLU B 64 -19.02 0.90 -11.04
N ASN B 65 -17.79 1.08 -10.54
CA ASN B 65 -16.85 2.06 -11.07
C ASN B 65 -16.33 1.64 -12.46
N VAL B 66 -16.00 0.36 -12.54
CA VAL B 66 -15.52 -0.28 -13.74
C VAL B 66 -16.65 -0.27 -14.80
N ILE B 67 -17.84 -0.66 -14.40
CA ILE B 67 -18.92 -0.80 -15.33
C ILE B 67 -19.29 0.61 -15.74
N ARG B 68 -19.06 1.57 -14.83
CA ARG B 68 -19.33 2.97 -15.05
C ARG B 68 -18.40 3.46 -16.18
N ASP B 69 -17.12 3.07 -16.10
CA ASP B 69 -16.17 3.42 -17.10
C ASP B 69 -16.52 2.73 -18.44
N ALA B 70 -16.88 1.45 -18.34
CA ALA B 70 -17.16 0.59 -19.48
C ALA B 70 -18.40 1.08 -20.27
N VAL B 71 -19.41 1.42 -19.54
CA VAL B 71 -20.68 1.65 -20.16
C VAL B 71 -20.58 2.84 -21.07
N THR B 72 -20.01 3.94 -20.58
CA THR B 72 -19.81 5.18 -21.38
C THR B 72 -19.24 4.97 -22.79
N TYR B 73 -18.16 4.19 -22.92
CA TYR B 73 -17.58 3.95 -24.22
C TYR B 73 -18.65 3.28 -25.12
N THR B 74 -19.41 2.29 -24.57
CA THR B 74 -20.36 1.54 -25.26
C THR B 74 -21.42 2.51 -25.79
N GLU B 75 -21.85 3.41 -24.91
CA GLU B 75 -22.79 4.47 -25.30
C GLU B 75 -22.06 5.36 -26.33
N HIS B 76 -20.79 5.61 -26.05
CA HIS B 76 -20.08 6.43 -26.95
C HIS B 76 -20.22 5.79 -28.35
N ALA B 77 -20.15 4.48 -28.37
CA ALA B 77 -20.15 3.72 -29.64
C ALA B 77 -21.48 3.52 -30.30
N LYS B 78 -22.55 4.13 -29.78
CA LYS B 78 -23.87 4.12 -30.42
C LYS B 78 -24.39 2.68 -30.38
N ARG B 79 -24.27 2.04 -29.25
CA ARG B 79 -24.66 0.64 -29.17
C ARG B 79 -25.04 0.36 -27.76
N LYS B 80 -25.68 -0.82 -27.63
CA LYS B 80 -26.14 -1.27 -26.36
C LYS B 80 -25.34 -2.44 -25.99
N THR B 81 -25.34 -3.40 -26.88
CA THR B 81 -24.66 -4.59 -26.47
C THR B 81 -23.15 -4.31 -26.22
N VAL B 82 -22.90 -3.62 -25.11
CA VAL B 82 -21.61 -3.45 -24.43
C VAL B 82 -20.77 -4.71 -24.61
N THR B 83 -19.54 -4.48 -25.09
CA THR B 83 -18.61 -5.59 -25.41
C THR B 83 -17.69 -6.10 -24.24
N ALA B 84 -17.22 -7.34 -24.34
CA ALA B 84 -16.14 -7.74 -23.44
C ALA B 84 -15.03 -6.72 -23.52
N MET B 85 -14.78 -6.22 -24.73
CA MET B 85 -13.66 -5.31 -25.02
C MET B 85 -13.64 -4.07 -24.09
N ASP B 86 -14.81 -3.47 -23.88
CA ASP B 86 -14.93 -2.42 -22.95
C ASP B 86 -14.65 -2.85 -21.53
N VAL B 87 -15.16 -4.00 -21.06
CA VAL B 87 -14.95 -4.48 -19.72
C VAL B 87 -13.49 -4.20 -19.33
N VAL B 88 -12.62 -4.65 -20.25
CA VAL B 88 -11.17 -4.66 -20.14
C VAL B 88 -10.56 -3.25 -20.17
N TYR B 89 -10.84 -2.47 -21.24
CA TYR B 89 -10.20 -1.18 -21.28
C TYR B 89 -10.57 -0.43 -19.99
N ALA B 90 -11.83 -0.60 -19.64
CA ALA B 90 -12.33 0.02 -18.45
C ALA B 90 -11.52 -0.47 -17.26
N LEU B 91 -11.13 -1.75 -17.26
CA LEU B 91 -10.29 -2.23 -16.22
C LEU B 91 -8.90 -1.57 -16.31
N LYS B 92 -8.35 -1.38 -17.53
CA LYS B 92 -7.07 -0.80 -17.71
C LYS B 92 -7.02 0.63 -17.15
N ARG B 93 -8.16 1.30 -17.11
CA ARG B 93 -8.25 2.65 -16.64
C ARG B 93 -8.08 2.76 -15.13
N GLN B 94 -9.01 2.13 -14.39
CA GLN B 94 -8.88 1.99 -12.94
C GLN B 94 -7.48 1.52 -12.48
N GLY B 95 -6.75 0.85 -13.37
CA GLY B 95 -5.43 0.37 -13.11
C GLY B 95 -5.37 -1.11 -12.76
N ARG B 96 -6.28 -1.89 -13.32
CA ARG B 96 -6.24 -3.34 -13.25
C ARG B 96 -6.21 -4.01 -14.64
N THR B 97 -5.09 -3.83 -15.34
CA THR B 97 -4.86 -4.44 -16.66
C THR B 97 -4.98 -5.96 -16.60
N LEU B 98 -5.58 -6.51 -17.65
CA LEU B 98 -5.82 -7.96 -17.75
C LEU B 98 -5.21 -8.57 -19.01
N TYR B 99 -4.57 -9.73 -18.81
CA TYR B 99 -3.96 -10.47 -19.92
C TYR B 99 -4.81 -11.68 -20.21
N GLY B 100 -5.36 -11.86 -21.45
CA GLY B 100 -6.24 -12.95 -21.62
C GLY B 100 -7.31 -12.87 -22.72
N PHE B 101 -8.03 -11.75 -22.92
CA PHE B 101 -9.27 -11.88 -23.64
C PHE B 101 -9.47 -10.82 -24.68
N GLY B 102 -8.44 -10.04 -25.01
CA GLY B 102 -8.79 -8.77 -25.62
C GLY B 102 -7.99 -8.31 -26.82
N GLY B 103 -8.65 -7.54 -27.70
CA GLY B 103 -8.02 -6.91 -28.89
C GLY B 103 -7.64 -7.90 -29.99
N THR C 17 -13.75 37.22 -30.08
CA THR C 17 -12.47 36.47 -30.36
C THR C 17 -12.21 35.49 -29.20
N ARG C 18 -12.45 34.23 -29.48
CA ARG C 18 -12.24 33.09 -28.60
C ARG C 18 -12.85 33.24 -27.23
N SER C 19 -12.25 34.00 -26.32
CA SER C 19 -12.78 34.16 -25.00
C SER C 19 -14.16 34.79 -25.22
N SER C 20 -14.21 35.84 -26.06
CA SER C 20 -15.41 36.54 -26.33
C SER C 20 -16.52 35.62 -26.84
N ARG C 21 -16.30 35.15 -28.07
CA ARG C 21 -17.33 34.33 -28.77
C ARG C 21 -17.68 33.13 -27.90
N ALA C 22 -16.68 32.57 -27.22
CA ALA C 22 -16.91 31.37 -26.40
C ALA C 22 -17.62 31.77 -25.08
N GLY C 23 -17.12 32.86 -24.54
CA GLY C 23 -17.49 33.43 -23.26
C GLY C 23 -16.80 32.75 -22.10
N LEU C 24 -15.52 32.44 -22.25
CA LEU C 24 -14.77 31.96 -21.12
C LEU C 24 -13.55 32.77 -20.70
N GLN C 25 -13.03 32.45 -19.53
CA GLN C 25 -11.89 33.13 -18.96
C GLN C 25 -10.55 32.51 -19.40
N PHE C 26 -10.63 31.29 -19.90
CA PHE C 26 -9.49 30.53 -20.34
C PHE C 26 -9.08 30.70 -21.81
N PRO C 27 -7.79 30.52 -22.17
CA PRO C 27 -7.37 30.61 -23.59
C PRO C 27 -7.80 29.46 -24.54
N VAL C 28 -8.80 29.72 -25.39
CA VAL C 28 -9.36 28.72 -26.30
C VAL C 28 -8.45 28.48 -27.49
N GLY C 29 -7.64 29.49 -27.88
CA GLY C 29 -6.75 29.39 -29.03
C GLY C 29 -5.31 29.09 -28.64
N ARG C 30 -5.14 28.30 -27.57
CA ARG C 30 -3.85 27.96 -27.01
C ARG C 30 -3.78 26.45 -26.78
N VAL C 31 -4.89 25.85 -26.32
CA VAL C 31 -4.95 24.45 -26.03
C VAL C 31 -5.25 23.67 -27.32
N HIS C 32 -5.85 24.34 -28.31
CA HIS C 32 -6.10 23.81 -29.62
C HIS C 32 -4.77 23.43 -30.31
N ARG C 33 -3.75 24.28 -30.13
CA ARG C 33 -2.50 24.15 -30.78
C ARG C 33 -1.68 22.99 -30.24
N LEU C 34 -1.71 22.93 -28.91
CA LEU C 34 -0.96 21.88 -28.19
C LEU C 34 -1.63 20.53 -28.45
N LEU C 35 -2.96 20.53 -28.54
CA LEU C 35 -3.61 19.26 -28.78
C LEU C 35 -3.32 18.74 -30.16
N ARG C 36 -3.04 19.62 -31.12
CA ARG C 36 -2.67 19.23 -32.48
C ARG C 36 -1.19 19.00 -32.61
N LYS C 37 -0.41 19.51 -31.67
CA LYS C 37 1.05 19.34 -31.73
C LYS C 37 1.48 18.21 -30.82
N GLY C 38 0.75 17.95 -29.74
CA GLY C 38 0.92 16.75 -28.90
C GLY C 38 0.90 15.51 -29.77
N ASN C 39 0.04 15.58 -30.77
CA ASN C 39 -0.28 14.59 -31.79
C ASN C 39 -1.22 13.45 -31.28
N TYR C 40 -2.38 13.87 -30.75
CA TYR C 40 -3.39 12.92 -30.22
C TYR C 40 -4.11 11.91 -31.12
N ALA C 41 -4.91 12.41 -32.06
CA ALA C 41 -5.46 11.61 -33.18
C ALA C 41 -4.92 12.14 -34.51
N GLU C 42 -5.48 11.67 -35.63
CA GLU C 42 -5.05 12.11 -36.98
C GLU C 42 -5.28 13.62 -37.11
N ARG C 43 -6.54 14.04 -37.14
CA ARG C 43 -6.88 15.47 -37.25
C ARG C 43 -7.43 15.70 -35.85
N VAL C 44 -8.24 16.77 -35.56
CA VAL C 44 -8.67 17.21 -34.27
C VAL C 44 -10.14 17.52 -34.35
N GLY C 45 -10.97 17.13 -33.37
CA GLY C 45 -12.43 17.53 -33.49
C GLY C 45 -12.78 18.96 -33.04
N ALA C 46 -13.80 19.57 -33.68
CA ALA C 46 -13.85 21.08 -33.57
C ALA C 46 -14.35 21.41 -32.17
N GLY C 47 -15.20 20.48 -31.68
CA GLY C 47 -15.61 20.34 -30.29
C GLY C 47 -14.61 20.89 -29.24
N ALA C 48 -13.45 20.22 -29.21
CA ALA C 48 -12.51 20.16 -28.09
C ALA C 48 -11.79 21.44 -27.68
N PRO C 49 -11.13 22.28 -28.52
CA PRO C 49 -10.26 23.30 -27.91
C PRO C 49 -11.02 24.17 -26.88
N VAL C 50 -12.26 24.43 -27.31
CA VAL C 50 -13.19 25.30 -26.69
C VAL C 50 -13.68 24.65 -25.43
N TYR C 51 -14.21 23.41 -25.53
CA TYR C 51 -14.72 22.63 -24.45
C TYR C 51 -13.61 22.42 -23.38
N LEU C 52 -12.39 22.21 -23.90
CA LEU C 52 -11.25 21.81 -23.12
C LEU C 52 -10.75 23.00 -22.30
N ALA C 53 -10.97 24.22 -22.84
CA ALA C 53 -10.60 25.45 -22.08
C ALA C 53 -11.62 25.64 -20.91
N ALA C 54 -12.87 25.31 -21.22
CA ALA C 54 -13.96 25.51 -20.28
C ALA C 54 -13.85 24.73 -18.99
N VAL C 55 -13.64 23.40 -19.01
CA VAL C 55 -13.61 22.65 -17.80
C VAL C 55 -12.39 23.08 -16.95
N LEU C 56 -11.32 23.37 -17.64
CA LEU C 56 -10.08 23.78 -17.05
C LEU C 56 -10.22 25.04 -16.19
N GLU C 57 -10.91 26.04 -16.75
CA GLU C 57 -11.23 27.25 -16.00
C GLU C 57 -12.06 26.82 -14.79
N TYR C 58 -13.06 25.93 -14.98
CA TYR C 58 -13.94 25.55 -13.96
C TYR C 58 -13.15 24.96 -12.78
N LEU C 59 -12.19 24.08 -13.04
CA LEU C 59 -11.38 23.50 -11.99
C LEU C 59 -10.51 24.59 -11.34
N THR C 60 -10.05 25.54 -12.18
CA THR C 60 -9.10 26.56 -11.72
C THR C 60 -9.72 27.34 -10.54
N ALA C 61 -11.00 27.63 -10.73
CA ALA C 61 -11.78 28.44 -9.85
C ALA C 61 -12.13 27.63 -8.62
N GLU C 62 -12.36 26.31 -8.76
CA GLU C 62 -12.82 25.52 -7.64
C GLU C 62 -11.84 25.47 -6.47
N ILE C 63 -10.55 25.43 -6.75
CA ILE C 63 -9.49 25.51 -5.73
C ILE C 63 -9.17 26.92 -5.12
N LEU C 64 -9.00 27.97 -5.91
CA LEU C 64 -8.50 29.31 -5.52
C LEU C 64 -9.23 29.77 -4.25
N GLU C 65 -10.53 29.65 -4.38
CA GLU C 65 -11.48 30.11 -3.37
C GLU C 65 -11.44 29.29 -2.08
N LEU C 66 -11.45 27.98 -2.19
CA LEU C 66 -11.34 27.16 -0.94
C LEU C 66 -9.97 27.40 -0.29
N ALA C 67 -8.94 27.58 -1.13
CA ALA C 67 -7.67 28.05 -0.67
C ALA C 67 -7.87 29.39 0.06
N GLY C 68 -8.66 30.30 -0.50
CA GLY C 68 -9.02 31.56 0.13
C GLY C 68 -9.66 31.39 1.50
N ASN C 69 -10.64 30.48 1.56
CA ASN C 69 -11.36 30.15 2.79
C ASN C 69 -10.36 29.67 3.84
N ALA C 70 -9.43 28.82 3.41
CA ALA C 70 -8.46 28.19 4.30
C ALA C 70 -7.53 29.22 4.92
N ALA C 71 -7.14 30.21 4.12
CA ALA C 71 -6.26 31.29 4.59
C ALA C 71 -7.04 32.17 5.58
N ARG C 72 -8.36 32.37 5.33
CA ARG C 72 -9.20 33.17 6.19
C ARG C 72 -9.55 32.40 7.45
N ASP C 73 -9.66 31.05 7.38
CA ASP C 73 -9.91 30.19 8.50
C ASP C 73 -8.94 30.53 9.65
N ASN C 74 -7.65 30.57 9.27
CA ASN C 74 -6.60 30.81 10.26
C ASN C 74 -6.16 32.25 10.24
N LYS C 75 -6.90 33.05 9.48
CA LYS C 75 -6.78 34.55 9.36
C LYS C 75 -5.44 34.97 8.72
N LYS C 76 -5.44 35.14 7.41
CA LYS C 76 -4.28 35.51 6.66
C LYS C 76 -4.72 36.33 5.46
N THR C 77 -3.85 37.26 5.05
CA THR C 77 -4.12 38.19 3.97
C THR C 77 -3.74 37.55 2.64
N ARG C 78 -2.63 36.83 2.64
CA ARG C 78 -2.08 36.23 1.39
C ARG C 78 -2.16 34.72 1.56
N ILE C 79 -2.43 34.00 0.46
CA ILE C 79 -2.46 32.54 0.39
C ILE C 79 -1.08 32.06 -0.01
N ILE C 80 -0.69 30.95 0.61
CA ILE C 80 0.60 30.33 0.35
C ILE C 80 0.53 28.83 0.44
N PRO C 81 1.51 28.16 -0.22
CA PRO C 81 1.56 26.71 -0.39
C PRO C 81 0.81 25.95 0.68
N ARG C 82 1.04 26.31 1.94
CA ARG C 82 0.56 25.63 3.14
C ARG C 82 -0.96 25.61 3.05
N HIS C 83 -1.49 26.73 2.56
CA HIS C 83 -2.93 26.92 2.49
C HIS C 83 -3.55 25.92 1.46
N LEU C 84 -2.86 25.79 0.31
CA LEU C 84 -3.46 25.18 -0.80
C LEU C 84 -3.83 23.75 -0.43
N GLN C 85 -2.87 23.03 0.18
CA GLN C 85 -3.07 21.62 0.49
C GLN C 85 -4.07 21.55 1.64
N LEU C 86 -3.97 22.48 2.59
CA LEU C 86 -4.89 22.49 3.73
C LEU C 86 -6.32 22.47 3.15
N ALA C 87 -6.51 23.20 2.06
CA ALA C 87 -7.79 23.40 1.43
C ALA C 87 -8.30 22.09 0.82
N VAL C 88 -7.37 21.45 0.09
CA VAL C 88 -7.63 20.32 -0.72
C VAL C 88 -7.67 19.07 0.15
N ARG C 89 -6.69 18.96 1.04
CA ARG C 89 -6.58 17.79 1.88
C ARG C 89 -7.85 17.62 2.70
N ASN C 90 -8.38 18.69 3.25
CA ASN C 90 -9.61 18.68 3.98
C ASN C 90 -10.83 18.39 3.12
N ASP C 91 -10.86 19.00 1.95
CA ASP C 91 -11.99 18.76 1.02
C ASP C 91 -12.02 17.26 0.73
N GLU C 92 -13.21 16.62 0.73
CA GLU C 92 -13.39 15.22 0.28
C GLU C 92 -13.11 14.89 -1.20
N GLU C 93 -13.57 15.74 -2.12
CA GLU C 93 -13.57 15.53 -3.53
C GLU C 93 -12.22 15.79 -4.22
N LEU C 94 -11.82 17.10 -4.21
CA LEU C 94 -10.54 17.46 -4.80
C LEU C 94 -9.48 16.45 -4.31
N ASN C 95 -9.56 16.17 -3.00
CA ASN C 95 -8.54 15.34 -2.34
C ASN C 95 -8.39 14.00 -3.04
N LYS C 96 -9.49 13.42 -3.52
CA LYS C 96 -9.39 12.17 -4.21
C LYS C 96 -8.86 12.35 -5.62
N LEU C 97 -9.29 13.42 -6.28
CA LEU C 97 -8.82 13.67 -7.65
C LEU C 97 -7.29 13.78 -7.65
N LEU C 98 -6.70 14.49 -6.64
CA LEU C 98 -5.28 14.58 -6.50
C LEU C 98 -4.92 13.77 -5.26
N GLY C 99 -5.24 12.50 -5.26
CA GLY C 99 -5.00 11.54 -4.20
C GLY C 99 -3.50 11.27 -3.91
N ARG C 100 -2.73 11.05 -4.97
CA ARG C 100 -1.32 10.64 -4.82
C ARG C 100 -0.40 11.67 -5.45
N VAL C 101 -0.87 12.90 -5.66
CA VAL C 101 0.06 13.91 -6.22
C VAL C 101 0.53 14.80 -5.13
N THR C 102 1.85 14.83 -4.91
CA THR C 102 2.35 15.23 -3.58
C THR C 102 3.12 16.57 -3.64
N ILE C 103 3.20 17.23 -2.46
CA ILE C 103 3.05 18.65 -2.56
C ILE C 103 4.04 19.49 -1.73
N ALA C 104 4.56 20.46 -2.55
CA ALA C 104 5.55 21.52 -2.30
C ALA C 104 5.30 22.15 -0.92
N GLN C 105 6.29 22.03 0.02
CA GLN C 105 6.34 22.77 1.21
C GLN C 105 4.98 22.74 1.91
N GLY C 106 4.45 21.55 2.18
CA GLY C 106 2.99 21.47 2.40
C GLY C 106 2.53 21.22 3.79
N ARG C 107 3.34 20.41 4.44
CA ARG C 107 2.99 19.96 5.75
C ARG C 107 1.63 19.28 5.76
N VAL C 108 0.86 19.35 6.85
CA VAL C 108 -0.20 18.36 7.04
C VAL C 108 -1.25 18.85 8.04
N LEU C 109 -2.44 18.25 7.93
CA LEU C 109 -3.55 18.44 8.82
C LEU C 109 -3.23 18.02 10.27
N PRO C 110 -3.80 18.74 11.23
CA PRO C 110 -3.70 18.33 12.61
C PRO C 110 -4.45 17.04 12.74
N ASN C 111 -3.83 16.07 13.34
CA ASN C 111 -4.43 14.86 13.54
C ASN C 111 -3.98 14.29 14.89
N ILE C 112 -4.93 13.93 15.76
CA ILE C 112 -4.58 13.23 17.00
C ILE C 112 -5.36 11.91 17.03
N GLN C 113 -4.63 10.80 17.08
CA GLN C 113 -5.15 9.48 17.13
C GLN C 113 -5.75 9.22 18.50
N SER C 114 -6.72 8.30 18.55
CA SER C 114 -7.75 8.25 19.62
C SER C 114 -7.24 7.92 21.02
N VAL C 115 -6.67 6.71 21.13
CA VAL C 115 -6.14 6.05 22.35
C VAL C 115 -4.76 6.59 22.67
N LEU C 116 -4.40 7.72 22.03
CA LEU C 116 -3.14 8.45 22.32
C LEU C 116 -3.52 9.70 23.13
N LEU C 117 -4.64 9.59 23.86
CA LEU C 117 -5.25 10.67 24.67
C LEU C 117 -4.48 10.85 25.98
N PRO C 118 -4.39 12.10 26.45
CA PRO C 118 -3.72 12.47 27.70
C PRO C 118 -4.55 12.35 28.97
N LYS C 119 -5.70 11.70 28.88
CA LYS C 119 -6.54 11.35 30.03
C LYS C 119 -6.06 11.99 31.34
N LYS D 32 15.31 36.09 -26.20
CA LYS D 32 15.67 35.57 -24.86
C LYS D 32 15.13 34.14 -24.70
N THR D 33 14.76 33.77 -23.48
CA THR D 33 14.23 32.41 -23.19
C THR D 33 12.70 32.43 -23.32
N ARG D 34 12.07 31.25 -23.27
CA ARG D 34 10.59 31.14 -23.38
C ARG D 34 10.00 30.75 -22.02
N LYS D 35 9.92 29.45 -21.74
CA LYS D 35 9.36 28.94 -20.46
C LYS D 35 8.00 29.60 -20.20
N GLU D 36 7.04 29.38 -21.10
CA GLU D 36 5.68 29.97 -20.97
C GLU D 36 4.90 29.21 -19.90
N SER D 37 3.87 29.85 -19.32
CA SER D 37 3.05 29.25 -18.29
C SER D 37 1.62 29.83 -18.36
N TYR D 38 0.74 29.32 -17.51
CA TYR D 38 -0.65 29.70 -17.50
C TYR D 38 -0.95 30.81 -16.50
N ALA D 39 0.08 31.57 -16.11
CA ALA D 39 -0.04 32.55 -15.00
C ALA D 39 -1.17 33.55 -15.22
N ILE D 40 -1.38 34.03 -16.45
CA ILE D 40 -2.47 35.03 -16.68
C ILE D 40 -3.83 34.41 -16.35
N TYR D 41 -4.08 33.16 -16.78
CA TYR D 41 -5.38 32.48 -16.56
C TYR D 41 -5.69 32.22 -15.08
N VAL D 42 -4.71 31.72 -14.32
CA VAL D 42 -4.93 31.35 -12.88
C VAL D 42 -5.25 32.62 -12.05
N TYR D 43 -4.53 33.71 -12.33
CA TYR D 43 -4.64 35.00 -11.64
C TYR D 43 -6.02 35.66 -11.70
N LYS D 44 -6.60 35.76 -12.91
CA LYS D 44 -7.94 36.35 -13.03
C LYS D 44 -8.96 35.46 -12.32
N VAL D 45 -8.78 34.15 -12.41
CA VAL D 45 -9.71 33.23 -11.74
C VAL D 45 -9.79 33.52 -10.23
N LEU D 46 -8.63 33.70 -9.61
CA LEU D 46 -8.52 34.05 -8.22
C LEU D 46 -9.13 35.42 -7.94
N LYS D 47 -8.87 36.33 -8.87
CA LYS D 47 -9.54 37.69 -8.78
C LYS D 47 -11.07 37.50 -8.75
N GLN D 48 -11.53 36.60 -9.61
CA GLN D 48 -12.96 36.34 -9.70
C GLN D 48 -13.48 35.83 -8.36
N VAL D 49 -12.66 35.19 -7.54
CA VAL D 49 -13.19 34.55 -6.32
C VAL D 49 -12.77 35.16 -4.99
N HIS D 50 -11.76 36.01 -4.97
CA HIS D 50 -11.59 36.96 -3.85
C HIS D 50 -10.66 38.00 -4.46
N PRO D 51 -11.25 39.14 -4.91
CA PRO D 51 -10.49 40.16 -5.66
C PRO D 51 -9.26 40.82 -5.00
N ASP D 52 -9.39 41.16 -3.72
CA ASP D 52 -8.35 41.77 -2.95
C ASP D 52 -7.98 40.72 -1.92
N THR D 53 -7.52 39.58 -2.45
CA THR D 53 -6.97 38.40 -1.77
C THR D 53 -5.68 38.02 -2.52
N GLY D 54 -4.66 37.52 -1.78
CA GLY D 54 -3.32 37.35 -2.31
C GLY D 54 -2.76 35.90 -2.32
N ILE D 55 -1.57 35.80 -2.93
CA ILE D 55 -0.91 34.55 -3.29
C ILE D 55 0.61 34.70 -3.24
N SER D 56 1.30 33.62 -2.86
CA SER D 56 2.76 33.51 -2.93
C SER D 56 3.23 33.07 -4.32
N SER D 57 4.50 33.39 -4.61
CA SER D 57 5.11 33.03 -5.92
C SER D 57 5.46 31.54 -5.94
N LYS D 58 5.22 30.84 -4.82
CA LYS D 58 5.51 29.38 -4.71
C LYS D 58 4.24 28.60 -5.05
N ALA D 59 3.08 29.13 -4.68
CA ALA D 59 1.78 28.46 -4.94
C ALA D 59 1.36 28.71 -6.40
N MET D 60 1.98 29.70 -7.05
CA MET D 60 1.67 30.04 -8.41
C MET D 60 2.17 28.95 -9.38
N SER D 61 3.39 28.45 -9.19
CA SER D 61 3.87 27.40 -9.98
C SER D 61 3.12 26.08 -9.65
N ILE D 62 2.87 25.84 -8.32
CA ILE D 62 2.13 24.65 -7.99
C ILE D 62 0.91 24.61 -8.92
N MET D 63 0.26 25.78 -9.09
CA MET D 63 -0.93 25.88 -9.90
C MET D 63 -0.75 25.51 -11.38
N ASN D 64 0.28 26.01 -12.02
CA ASN D 64 0.56 25.73 -13.41
C ASN D 64 1.00 24.27 -13.53
N SER D 65 1.83 23.81 -12.56
CA SER D 65 2.19 22.41 -12.50
C SER D 65 0.93 21.55 -12.48
N PHE D 66 -0.06 22.00 -11.72
CA PHE D 66 -1.31 21.29 -11.54
C PHE D 66 -2.22 21.19 -12.77
N VAL D 67 -2.33 22.35 -13.46
CA VAL D 67 -3.04 22.47 -14.72
C VAL D 67 -2.42 21.61 -15.87
N ASN D 68 -1.11 21.73 -16.01
CA ASN D 68 -0.44 21.10 -17.14
C ASN D 68 -0.61 19.59 -16.95
N ASP D 69 -0.57 19.15 -15.71
CA ASP D 69 -0.79 17.79 -15.27
C ASP D 69 -2.17 17.28 -15.60
N VAL D 70 -3.19 18.14 -15.44
CA VAL D 70 -4.54 17.68 -15.70
C VAL D 70 -4.73 17.68 -17.22
N PHE D 71 -4.01 18.61 -17.88
CA PHE D 71 -4.08 18.76 -19.36
C PHE D 71 -3.80 17.41 -20.04
N GLU D 72 -2.60 16.87 -19.84
CA GLU D 72 -2.20 15.57 -20.45
C GLU D 72 -3.17 14.46 -20.01
N ARG D 73 -3.55 14.45 -18.73
CA ARG D 73 -4.48 13.42 -18.19
C ARG D 73 -5.71 13.30 -19.08
N ILE D 74 -6.41 14.42 -19.32
CA ILE D 74 -7.64 14.42 -20.16
C ILE D 74 -7.37 14.23 -21.68
N ALA D 75 -6.38 14.89 -22.26
CA ALA D 75 -6.25 14.97 -23.76
C ALA D 75 -5.65 13.64 -24.27
N GLY D 76 -4.84 13.02 -23.42
CA GLY D 76 -4.23 11.72 -23.73
C GLY D 76 -5.32 10.66 -23.79
N GLU D 77 -6.23 10.62 -22.78
CA GLU D 77 -7.32 9.68 -22.74
C GLU D 77 -8.22 9.81 -23.97
N ALA D 78 -8.46 11.03 -24.44
CA ALA D 78 -9.19 11.27 -25.62
C ALA D 78 -8.56 10.59 -26.85
N SER D 79 -7.25 10.72 -26.89
CA SER D 79 -6.46 10.09 -27.94
C SER D 79 -6.64 8.56 -27.97
N ARG D 80 -6.67 7.97 -26.81
CA ARG D 80 -6.85 6.52 -26.59
C ARG D 80 -8.16 5.94 -27.12
N LEU D 81 -9.28 6.58 -26.79
CA LEU D 81 -10.60 6.12 -27.24
C LEU D 81 -10.72 6.25 -28.78
N ALA D 82 -10.25 7.37 -29.32
CA ALA D 82 -10.36 7.70 -30.72
C ALA D 82 -9.90 6.52 -31.58
N HIS D 83 -8.81 5.87 -31.23
CA HIS D 83 -8.18 4.81 -32.02
C HIS D 83 -8.42 3.49 -31.29
N TYR D 84 -9.54 3.38 -30.59
CA TYR D 84 -10.07 2.10 -30.15
C TYR D 84 -11.23 1.84 -31.08
N ASN D 85 -12.28 2.65 -30.96
CA ASN D 85 -13.49 2.05 -31.65
C ASN D 85 -13.42 2.42 -33.12
N LYS D 86 -12.31 2.97 -33.54
CA LYS D 86 -11.76 2.86 -34.97
C LYS D 86 -11.79 4.21 -35.74
N ARG D 87 -11.81 5.34 -35.04
CA ARG D 87 -11.82 6.59 -35.69
C ARG D 87 -10.66 7.48 -35.27
N SER D 88 -10.55 8.54 -36.04
CA SER D 88 -9.28 9.16 -36.46
C SER D 88 -9.19 10.66 -36.20
N THR D 89 -10.16 11.25 -35.51
CA THR D 89 -10.08 12.61 -35.08
C THR D 89 -10.62 12.66 -33.65
N ILE D 90 -10.21 13.66 -32.87
CA ILE D 90 -10.72 13.87 -31.54
C ILE D 90 -11.56 15.13 -31.45
N THR D 91 -12.90 14.97 -31.29
CA THR D 91 -13.80 16.04 -31.02
C THR D 91 -14.09 16.30 -29.54
N SER D 92 -15.09 17.13 -29.30
CA SER D 92 -15.53 17.55 -28.00
C SER D 92 -16.27 16.40 -27.33
N ARG D 93 -17.05 15.60 -28.13
CA ARG D 93 -17.85 14.56 -27.53
C ARG D 93 -16.97 13.65 -26.67
N GLU D 94 -15.82 13.29 -27.23
CA GLU D 94 -14.95 12.36 -26.59
C GLU D 94 -14.55 12.95 -25.24
N ILE D 95 -14.07 14.20 -25.21
CA ILE D 95 -13.67 14.79 -23.98
C ILE D 95 -14.82 14.59 -23.02
N GLN D 96 -15.96 14.90 -23.58
CA GLN D 96 -17.24 14.85 -22.92
C GLN D 96 -17.41 13.51 -22.19
N THR D 97 -17.24 12.42 -22.96
CA THR D 97 -17.30 11.09 -22.39
C THR D 97 -16.17 10.88 -21.36
N ALA D 98 -14.99 11.38 -21.74
CA ALA D 98 -13.80 11.08 -21.01
C ALA D 98 -13.94 11.62 -19.62
N VAL D 99 -14.43 12.87 -19.61
CA VAL D 99 -14.49 13.54 -18.41
C VAL D 99 -15.34 12.76 -17.43
N ARG D 100 -16.42 12.21 -17.94
CA ARG D 100 -17.47 11.58 -17.10
C ARG D 100 -16.94 10.49 -16.17
N LEU D 101 -16.06 9.64 -16.66
CA LEU D 101 -15.52 8.54 -15.90
C LEU D 101 -14.18 8.92 -15.24
N LEU D 102 -13.57 10.06 -15.61
CA LEU D 102 -12.34 10.54 -14.98
C LEU D 102 -12.61 11.18 -13.60
N LEU D 103 -13.87 11.49 -13.31
CA LEU D 103 -14.19 12.23 -12.12
C LEU D 103 -15.46 11.63 -11.48
N PRO D 104 -15.60 11.84 -10.12
CA PRO D 104 -16.77 11.37 -9.37
C PRO D 104 -18.07 12.19 -9.53
N GLY D 105 -19.17 11.50 -9.19
CA GLY D 105 -20.61 11.84 -9.55
C GLY D 105 -21.00 13.32 -9.63
N GLU D 106 -20.89 14.03 -8.48
CA GLU D 106 -21.46 15.33 -8.29
C GLU D 106 -20.72 16.43 -9.03
N LEU D 107 -19.37 16.44 -9.02
CA LEU D 107 -18.64 17.46 -9.70
C LEU D 107 -18.83 17.29 -11.21
N ALA D 108 -18.90 16.03 -11.60
CA ALA D 108 -18.84 15.66 -12.98
C ALA D 108 -20.00 16.26 -13.73
N LYS D 109 -21.19 16.20 -13.16
CA LYS D 109 -22.40 16.65 -13.86
C LYS D 109 -22.32 18.16 -14.05
N HIS D 110 -22.00 18.88 -12.97
CA HIS D 110 -21.90 20.32 -13.05
C HIS D 110 -20.83 20.71 -14.06
N ALA D 111 -19.75 19.95 -14.03
CA ALA D 111 -18.65 20.20 -14.93
C ALA D 111 -19.09 20.06 -16.39
N VAL D 112 -19.85 18.99 -16.70
CA VAL D 112 -20.32 18.76 -18.05
C VAL D 112 -21.12 19.97 -18.44
N SER D 113 -22.04 20.30 -17.52
CA SER D 113 -23.14 21.28 -17.79
C SER D 113 -22.50 22.58 -18.28
N GLU D 114 -21.56 23.02 -17.43
CA GLU D 114 -20.79 24.21 -17.68
C GLU D 114 -20.13 24.11 -19.06
N GLY D 115 -19.56 22.91 -19.27
CA GLY D 115 -18.78 22.66 -20.46
C GLY D 115 -19.64 22.75 -21.69
N THR D 116 -20.81 22.12 -21.58
CA THR D 116 -21.70 21.94 -22.75
C THR D 116 -22.21 23.31 -23.20
N LYS D 117 -22.56 24.15 -22.20
CA LYS D 117 -23.19 25.45 -22.43
C LYS D 117 -22.12 26.33 -23.05
N ALA D 118 -20.94 26.43 -22.39
CA ALA D 118 -19.95 27.40 -22.85
C ALA D 118 -19.84 27.31 -24.39
N VAL D 119 -19.78 26.07 -24.86
CA VAL D 119 -19.53 25.83 -26.29
C VAL D 119 -20.78 26.13 -27.08
N THR D 120 -21.89 25.68 -26.54
CA THR D 120 -23.21 25.90 -27.12
C THR D 120 -23.38 27.38 -27.44
N LYS D 121 -23.04 28.25 -26.49
CA LYS D 121 -23.09 29.69 -26.68
C LYS D 121 -22.12 30.07 -27.79
N TYR D 122 -20.94 29.48 -27.77
CA TYR D 122 -19.88 29.78 -28.69
C TYR D 122 -20.46 29.64 -30.11
N THR D 123 -21.18 28.55 -30.39
CA THR D 123 -21.69 28.30 -31.70
C THR D 123 -22.79 29.32 -32.05
N SER D 124 -23.65 29.61 -31.05
CA SER D 124 -24.78 30.48 -31.23
C SER D 124 -24.29 31.73 -31.96
N ALA D 125 -23.21 32.29 -31.41
CA ALA D 125 -22.42 33.34 -32.09
C ALA D 125 -21.73 32.71 -33.31
N LYS D 126 -21.39 33.51 -34.35
CA LYS D 126 -20.57 33.00 -35.44
C LYS D 126 -20.86 33.76 -36.75
N HIS E 40 0.52 24.01 33.43
CA HIS E 40 0.40 22.98 32.37
C HIS E 40 0.15 21.61 33.01
N ARG E 41 -0.98 21.47 33.72
CA ARG E 41 -1.34 20.18 34.38
C ARG E 41 -0.15 19.68 35.21
N TYR E 42 0.22 18.41 35.02
CA TYR E 42 1.35 17.80 35.78
C TYR E 42 2.59 17.75 34.89
N ARG E 43 3.13 16.54 34.66
CA ARG E 43 4.34 16.35 33.82
C ARG E 43 4.22 15.06 33.01
N PRO E 44 3.52 14.03 33.51
CA PRO E 44 3.37 12.76 32.78
C PRO E 44 2.89 12.98 31.35
N GLY E 45 3.56 12.36 30.37
CA GLY E 45 3.21 12.50 29.00
C GLY E 45 2.74 13.91 28.71
N THR E 46 3.65 14.88 28.97
CA THR E 46 3.22 16.28 28.92
C THR E 46 3.70 16.93 27.62
N VAL E 47 4.91 16.54 27.22
CA VAL E 47 5.55 17.09 26.04
C VAL E 47 5.14 16.29 24.80
N ALA E 48 5.12 14.94 25.03
CA ALA E 48 4.70 13.90 24.13
C ALA E 48 3.80 14.51 23.06
N LEU E 49 2.71 15.17 23.44
CA LEU E 49 1.74 15.56 22.47
C LEU E 49 2.06 16.99 22.08
N ARG E 50 2.81 17.67 22.92
CA ARG E 50 3.15 19.09 22.76
C ARG E 50 3.98 19.31 21.51
N GLU E 51 5.11 18.59 21.49
CA GLU E 51 6.10 18.88 20.40
C GLU E 51 5.34 18.67 19.10
N ILE E 52 4.46 17.66 19.10
CA ILE E 52 3.75 17.19 17.92
C ILE E 52 3.05 18.36 17.26
N ARG E 53 2.38 19.11 18.12
CA ARG E 53 1.54 20.18 17.66
C ARG E 53 2.42 21.27 17.07
N ARG E 54 3.56 21.58 17.73
CA ARG E 54 4.36 22.70 17.29
C ARG E 54 5.00 22.34 15.95
N TYR E 55 5.34 21.07 15.85
CA TYR E 55 5.95 20.60 14.63
C TYR E 55 4.97 20.69 13.46
N GLN E 56 3.70 20.39 13.76
CA GLN E 56 2.67 20.49 12.73
C GLN E 56 2.47 21.92 12.20
N LYS E 57 2.41 22.89 13.09
CA LYS E 57 2.15 24.26 12.65
C LYS E 57 3.24 24.83 11.74
N SER E 58 4.45 24.35 11.95
CA SER E 58 5.66 24.71 11.26
C SER E 58 5.62 23.95 9.94
N THR E 59 6.62 24.22 9.10
CA THR E 59 6.73 23.57 7.77
C THR E 59 8.21 23.51 7.36
N GLU E 60 9.12 23.49 8.34
CA GLU E 60 10.58 23.43 8.06
C GLU E 60 11.00 21.98 7.85
N LEU E 61 12.12 21.76 7.15
CA LEU E 61 12.64 20.39 6.88
C LEU E 61 12.92 19.69 8.21
N LEU E 62 12.49 18.43 8.34
CA LEU E 62 12.70 17.65 9.59
C LEU E 62 14.18 17.26 9.70
N ILE E 63 14.77 16.77 8.59
CA ILE E 63 16.13 16.37 8.58
C ILE E 63 17.02 17.53 8.07
N ARG E 64 18.23 17.60 8.63
CA ARG E 64 19.22 18.65 8.26
C ARG E 64 19.33 18.71 6.74
N LYS E 65 20.01 19.74 6.22
CA LYS E 65 20.19 19.91 4.75
C LYS E 65 21.69 20.05 4.44
N LEU E 66 22.52 19.25 5.10
CA LEU E 66 24.01 19.30 4.89
C LEU E 66 24.54 17.87 4.81
N PRO E 67 24.07 16.92 5.64
CA PRO E 67 24.54 15.53 5.63
C PRO E 67 23.94 14.84 4.38
N PHE E 68 22.63 15.06 4.25
CA PHE E 68 21.82 14.63 3.15
C PHE E 68 22.50 15.00 1.82
N GLN E 69 23.11 16.19 1.78
CA GLN E 69 23.63 16.69 0.57
C GLN E 69 24.78 15.82 0.00
N ARG E 70 25.67 15.43 0.87
CA ARG E 70 26.72 14.49 0.52
C ARG E 70 26.19 13.07 0.33
N LEU E 71 25.26 12.59 1.15
CA LEU E 71 24.81 11.21 1.07
C LEU E 71 24.54 10.74 -0.37
N VAL E 72 23.88 11.65 -1.08
CA VAL E 72 23.53 11.49 -2.50
C VAL E 72 24.77 11.55 -3.36
N ARG E 73 25.58 12.61 -3.22
CA ARG E 73 26.78 12.81 -4.03
C ARG E 73 27.60 11.51 -4.01
N GLU E 74 27.69 10.96 -2.79
CA GLU E 74 28.48 9.79 -2.50
C GLU E 74 28.01 8.50 -3.17
N ILE E 75 26.69 8.19 -3.09
CA ILE E 75 26.21 6.99 -3.79
C ILE E 75 26.15 7.22 -5.32
N ALA E 76 25.80 8.47 -5.68
CA ALA E 76 25.57 8.82 -7.07
C ALA E 76 26.84 8.51 -7.84
N GLN E 77 27.98 8.67 -7.18
CA GLN E 77 29.27 8.29 -7.79
C GLN E 77 29.33 6.81 -8.15
N ASP E 78 28.76 5.92 -7.33
CA ASP E 78 28.98 4.48 -7.51
C ASP E 78 28.36 3.94 -8.80
N PHE E 79 27.29 4.59 -9.27
CA PHE E 79 26.54 4.24 -10.47
C PHE E 79 27.01 4.99 -11.72
N LYS E 80 27.63 6.16 -11.53
CA LYS E 80 28.33 6.89 -12.55
C LYS E 80 29.39 7.84 -11.97
N THR E 81 30.34 8.20 -12.81
CA THR E 81 31.46 9.11 -12.51
C THR E 81 31.27 10.58 -12.96
N ASP E 82 32.07 11.47 -12.39
CA ASP E 82 32.12 12.88 -12.79
C ASP E 82 30.71 13.47 -12.72
N LEU E 83 30.15 13.50 -11.51
CA LEU E 83 28.75 13.97 -11.32
C LEU E 83 28.68 15.44 -10.93
N ARG E 84 27.56 16.09 -11.26
CA ARG E 84 27.25 17.51 -10.92
C ARG E 84 25.84 17.56 -10.34
N PHE E 85 25.50 18.61 -9.58
CA PHE E 85 24.14 18.65 -8.97
C PHE E 85 23.57 20.07 -8.96
N GLN E 86 22.30 20.19 -9.36
CA GLN E 86 21.54 21.48 -9.36
C GLN E 86 21.21 21.72 -7.89
N SER E 87 21.23 23.00 -7.58
CA SER E 87 21.01 23.41 -6.24
C SER E 87 19.71 22.73 -5.71
N SER E 88 18.67 22.86 -6.56
CA SER E 88 17.33 22.46 -6.19
C SER E 88 17.28 20.93 -6.15
N ALA E 89 18.02 20.26 -7.05
CA ALA E 89 17.72 18.88 -7.33
C ALA E 89 17.64 18.08 -6.04
N VAL E 90 18.59 18.38 -5.16
CA VAL E 90 18.65 17.77 -3.84
C VAL E 90 17.49 18.31 -3.00
N MET E 91 17.29 19.65 -3.07
CA MET E 91 16.32 20.34 -2.24
C MET E 91 15.05 19.49 -2.45
N ALA E 92 14.89 19.16 -3.72
CA ALA E 92 13.73 18.51 -4.17
C ALA E 92 13.70 17.11 -3.58
N LEU E 93 14.85 16.43 -3.55
CA LEU E 93 14.87 15.06 -3.07
C LEU E 93 14.52 15.06 -1.62
N GLN E 94 15.06 16.05 -0.91
CA GLN E 94 14.85 16.15 0.54
C GLN E 94 13.35 16.15 0.75
N GLU E 95 12.65 16.93 -0.08
CA GLU E 95 11.26 17.17 0.04
C GLU E 95 10.55 15.85 -0.13
N ALA E 96 10.99 15.13 -1.18
CA ALA E 96 10.37 13.87 -1.56
C ALA E 96 10.49 12.85 -0.42
N SER E 97 11.70 12.76 0.09
CA SER E 97 12.13 11.75 0.99
C SER E 97 11.47 11.95 2.32
N GLU E 98 11.55 13.15 2.84
CA GLU E 98 11.01 13.49 4.08
C GLU E 98 9.53 13.11 3.99
N ALA E 99 8.91 13.62 2.96
CA ALA E 99 7.57 13.43 2.86
C ALA E 99 7.29 11.93 2.79
N TYR E 100 8.17 11.19 2.12
CA TYR E 100 8.06 9.77 1.95
C TYR E 100 8.02 8.96 3.24
N LEU E 101 8.91 9.33 4.16
CA LEU E 101 9.00 8.71 5.45
C LEU E 101 7.81 9.00 6.37
N VAL E 102 7.38 10.24 6.45
CA VAL E 102 6.35 10.66 7.32
C VAL E 102 5.14 9.79 7.01
N GLY E 103 4.91 9.74 5.72
CA GLY E 103 3.82 9.08 5.23
C GLY E 103 3.91 7.67 5.81
N LEU E 104 5.13 7.13 5.72
CA LEU E 104 5.37 5.73 6.18
C LEU E 104 4.97 5.62 7.66
N PHE E 105 5.49 6.60 8.40
CA PHE E 105 5.29 6.52 9.77
C PHE E 105 3.82 6.61 10.08
N GLU E 106 3.12 7.40 9.32
CA GLU E 106 1.76 7.67 9.55
C GLU E 106 0.99 6.36 9.61
N ASP E 107 1.23 5.45 8.68
CA ASP E 107 0.59 4.15 8.76
C ASP E 107 1.12 3.34 9.94
N THR E 108 2.45 3.39 10.04
CA THR E 108 3.15 2.61 10.98
C THR E 108 2.36 2.83 12.27
N ASN E 109 2.12 4.11 12.55
CA ASN E 109 1.40 4.45 13.74
C ASN E 109 0.13 3.64 13.94
N LEU E 110 -0.67 3.58 12.90
CA LEU E 110 -1.95 2.86 12.91
C LEU E 110 -1.75 1.41 13.29
N CYS E 111 -0.76 0.84 12.61
CA CYS E 111 -0.41 -0.56 12.82
C CYS E 111 -0.11 -0.73 14.30
N GLY E 112 0.66 0.27 14.76
CA GLY E 112 1.14 0.28 16.07
C GLY E 112 -0.06 0.31 17.00
N ILE E 113 -1.04 1.13 16.64
CA ILE E 113 -2.24 1.24 17.47
C ILE E 113 -2.96 -0.08 17.42
N HIS E 114 -3.11 -0.63 16.20
CA HIS E 114 -3.84 -1.83 16.10
C HIS E 114 -3.37 -2.79 17.22
N ALA E 115 -2.08 -2.76 17.51
CA ALA E 115 -1.41 -3.78 18.27
C ALA E 115 -1.59 -3.59 19.76
N LYS E 116 -2.40 -2.60 20.21
CA LYS E 116 -2.43 -2.24 21.64
C LYS E 116 -1.13 -1.50 22.02
N ARG E 117 -0.52 -0.86 21.03
CA ARG E 117 0.79 -0.20 21.34
C ARG E 117 0.86 1.25 20.82
N VAL E 118 1.67 2.09 21.51
CA VAL E 118 1.93 3.46 21.04
C VAL E 118 3.38 3.62 20.59
N THR E 119 3.96 2.48 20.30
CA THR E 119 5.36 2.35 20.00
C THR E 119 5.53 1.88 18.54
N ILE E 120 6.27 2.72 17.78
CA ILE E 120 6.57 2.28 16.43
C ILE E 120 7.68 1.28 16.69
N MET E 121 7.61 0.14 15.99
CA MET E 121 8.49 -0.98 16.05
C MET E 121 9.21 -1.28 14.71
N PRO E 122 10.37 -1.94 14.81
CA PRO E 122 11.19 -2.28 13.63
C PRO E 122 10.37 -2.97 12.52
N LYS E 123 9.41 -3.81 12.91
CA LYS E 123 8.56 -4.53 11.93
C LYS E 123 7.42 -3.61 11.46
N ASP E 124 6.77 -2.92 12.40
CA ASP E 124 5.71 -2.04 12.11
C ASP E 124 6.08 -1.39 10.79
N ILE E 125 7.34 -1.06 10.61
CA ILE E 125 7.81 -0.54 9.37
C ILE E 125 7.58 -1.51 8.18
N GLN E 126 7.96 -2.77 8.40
CA GLN E 126 7.91 -3.78 7.33
C GLN E 126 6.50 -4.04 6.78
N LEU E 127 5.52 -4.33 7.66
CA LEU E 127 4.17 -4.67 7.23
C LEU E 127 3.65 -3.63 6.24
N ALA E 128 3.86 -2.40 6.69
CA ALA E 128 3.37 -1.22 6.06
C ALA E 128 3.81 -1.27 4.63
N ARG E 129 5.14 -1.42 4.50
CA ARG E 129 5.78 -1.48 3.19
C ARG E 129 5.37 -2.73 2.40
N ARG E 130 5.31 -3.87 3.05
CA ARG E 130 5.04 -5.15 2.47
C ARG E 130 3.67 -5.04 1.77
N ILE E 131 2.74 -4.41 2.49
CA ILE E 131 1.36 -4.42 1.97
C ILE E 131 1.21 -3.36 0.89
N ARG E 132 1.88 -2.25 1.06
CA ARG E 132 2.02 -1.26 -0.05
C ARG E 132 2.70 -1.90 -1.26
N GLY E 133 3.64 -2.79 -0.99
CA GLY E 133 4.29 -3.62 -2.02
C GLY E 133 5.73 -3.36 -2.45
N GLU E 134 6.47 -2.41 -1.87
CA GLU E 134 7.84 -2.28 -2.29
C GLU E 134 8.55 -3.40 -1.55
N ARG E 135 8.38 -3.38 -0.23
CA ARG E 135 8.82 -4.51 0.60
C ARG E 135 8.13 -5.76 0.07
N ALA E 136 8.83 -6.90 0.01
CA ALA E 136 8.26 -8.18 -0.42
C ALA E 136 7.09 -8.62 0.50
N GLY F 12 52.60 3.04 21.10
CA GLY F 12 51.89 4.00 21.98
C GLY F 12 52.52 5.39 21.80
N LYS F 13 52.46 5.91 20.56
CA LYS F 13 53.31 7.02 20.05
C LYS F 13 52.45 8.16 19.44
N GLY F 14 52.87 9.46 19.54
CA GLY F 14 52.25 10.63 18.71
C GLY F 14 52.33 10.34 17.18
N GLY F 15 53.50 9.85 16.77
CA GLY F 15 53.78 9.28 15.39
C GLY F 15 53.24 10.15 14.23
N ALA F 16 53.31 11.47 14.37
CA ALA F 16 52.83 12.39 13.32
C ALA F 16 51.39 12.02 12.98
N LYS F 17 50.61 11.68 14.02
CA LYS F 17 49.21 11.24 13.82
C LYS F 17 48.35 12.39 13.27
N ARG F 18 47.55 12.09 12.24
CA ARG F 18 46.60 13.04 11.62
C ARG F 18 45.23 12.34 11.62
N HIS F 19 44.18 13.00 12.10
CA HIS F 19 42.85 12.29 12.13
C HIS F 19 41.83 12.98 11.21
N ARG F 20 41.33 12.27 10.19
CA ARG F 20 40.31 12.76 9.21
C ARG F 20 39.31 11.62 8.94
N LYS F 21 38.05 11.75 9.42
CA LYS F 21 36.95 10.73 9.22
C LYS F 21 35.66 11.41 8.72
N VAL F 22 34.71 10.64 8.17
CA VAL F 22 33.75 11.20 7.20
C VAL F 22 32.28 11.08 7.69
N LEU F 23 31.66 12.25 7.93
CA LEU F 23 30.39 12.40 8.67
C LEU F 23 29.51 13.52 8.10
N ARG F 24 29.60 13.83 6.80
CA ARG F 24 28.48 14.62 6.19
C ARG F 24 27.49 13.65 5.54
N ASP F 25 28.01 12.87 4.57
CA ASP F 25 27.32 12.02 3.56
C ASP F 25 26.98 10.64 4.08
N ASN F 26 28.00 10.10 4.71
CA ASN F 26 27.96 8.82 5.25
C ASN F 26 26.86 8.85 6.33
N ILE F 27 26.26 7.70 6.56
CA ILE F 27 25.09 7.64 7.43
C ILE F 27 25.41 7.89 8.91
N GLN F 28 26.62 7.54 9.41
CA GLN F 28 27.11 7.96 10.78
C GLN F 28 26.94 9.48 11.01
N GLY F 29 27.38 10.25 10.01
CA GLY F 29 27.44 11.71 10.09
C GLY F 29 26.12 12.40 10.30
N ILE F 30 25.13 11.94 9.54
CA ILE F 30 23.76 12.49 9.59
C ILE F 30 23.23 12.54 11.03
N THR F 31 22.18 13.36 11.29
CA THR F 31 21.81 13.56 12.73
C THR F 31 20.64 12.65 13.12
N LYS F 32 20.74 11.91 14.23
CA LYS F 32 19.63 11.13 14.71
C LYS F 32 18.40 11.96 15.07
N PRO F 33 18.49 13.08 15.82
CA PRO F 33 17.28 13.84 16.10
C PRO F 33 16.61 14.16 14.77
N ALA F 34 17.42 14.43 13.70
CA ALA F 34 16.85 14.77 12.40
C ALA F 34 15.70 13.85 12.00
N ILE F 35 15.87 12.57 12.33
CA ILE F 35 14.81 11.51 12.24
C ILE F 35 13.68 11.70 13.25
N ARG F 36 13.98 11.82 14.57
CA ARG F 36 12.91 11.82 15.52
C ARG F 36 12.05 13.03 15.15
N ARG F 37 12.75 14.10 14.69
CA ARG F 37 12.06 15.33 14.29
C ARG F 37 10.92 14.82 13.38
N LEU F 38 11.32 13.88 12.53
CA LEU F 38 10.44 13.35 11.49
C LEU F 38 9.36 12.47 12.08
N ALA F 39 9.71 11.77 13.14
CA ALA F 39 8.86 10.70 13.71
C ALA F 39 7.58 11.24 14.37
N ARG F 40 7.76 12.31 15.14
CA ARG F 40 6.70 12.95 15.85
C ARG F 40 5.73 13.58 14.80
N ARG F 41 6.12 14.24 13.69
CA ARG F 41 5.19 14.85 12.77
C ARG F 41 4.11 13.78 12.58
N GLY F 42 4.56 12.55 12.63
CA GLY F 42 3.51 11.47 12.59
C GLY F 42 2.83 11.28 13.91
N GLY F 43 3.60 11.50 14.93
CA GLY F 43 2.93 11.69 16.16
C GLY F 43 2.87 10.47 17.02
N VAL F 44 3.65 9.48 16.70
CA VAL F 44 3.84 8.41 17.66
C VAL F 44 4.54 8.90 18.94
N LYS F 45 4.14 8.29 20.04
CA LYS F 45 4.67 8.57 21.38
C LYS F 45 6.10 8.06 21.60
N ARG F 46 6.45 6.88 21.06
CA ARG F 46 7.67 6.19 21.39
C ARG F 46 8.51 5.85 20.13
N ILE F 47 9.86 5.97 20.23
CA ILE F 47 10.83 5.50 19.21
C ILE F 47 11.76 4.39 19.76
N SER F 48 11.74 3.22 19.12
CA SER F 48 12.66 2.11 19.43
C SER F 48 14.06 2.44 18.87
N GLY F 49 15.12 1.96 19.53
CA GLY F 49 16.44 2.17 18.97
C GLY F 49 16.61 1.41 17.65
N LEU F 50 16.11 0.15 17.65
CA LEU F 50 16.26 -0.77 16.56
C LEU F 50 15.67 -0.12 15.30
N ILE F 51 14.45 0.39 15.55
CA ILE F 51 13.56 0.82 14.45
C ILE F 51 14.18 1.87 13.47
N TYR F 52 14.72 2.90 14.07
CA TYR F 52 15.12 4.11 13.32
C TYR F 52 16.30 3.73 12.42
N GLU F 53 17.17 2.87 12.89
CA GLU F 53 18.21 2.28 12.06
C GLU F 53 17.61 1.62 10.80
N GLU F 54 16.57 0.79 10.90
CA GLU F 54 15.90 0.16 9.75
C GLU F 54 15.39 1.25 8.77
N THR F 55 14.79 2.28 9.37
CA THR F 55 14.09 3.31 8.61
C THR F 55 15.05 3.99 7.60
N ARG F 56 16.28 4.23 8.04
CA ARG F 56 17.27 4.87 7.18
C ARG F 56 17.55 3.85 6.09
N GLY F 57 17.57 2.59 6.55
CA GLY F 57 17.80 1.42 5.69
C GLY F 57 16.94 1.50 4.45
N VAL F 58 15.64 1.69 4.66
CA VAL F 58 14.70 1.78 3.61
C VAL F 58 14.95 3.06 2.80
N LEU F 59 15.18 4.19 3.49
CA LEU F 59 15.46 5.42 2.81
C LEU F 59 16.49 5.16 1.72
N LYS F 60 17.48 4.34 2.08
CA LYS F 60 18.56 4.08 1.18
C LYS F 60 18.01 3.38 -0.08
N VAL F 61 17.10 2.44 0.13
CA VAL F 61 16.49 1.63 -0.93
C VAL F 61 15.65 2.50 -1.83
N PHE F 62 14.91 3.44 -1.23
CA PHE F 62 14.08 4.30 -2.03
C PHE F 62 15.00 5.20 -2.87
N LEU F 63 16.09 5.70 -2.30
CA LEU F 63 16.88 6.77 -2.82
C LEU F 63 17.63 6.34 -4.07
N GLU F 64 18.17 5.15 -4.02
CA GLU F 64 18.91 4.61 -5.18
C GLU F 64 18.12 4.57 -6.51
N ASN F 65 16.95 3.95 -6.45
CA ASN F 65 16.15 3.69 -7.65
C ASN F 65 15.90 4.99 -8.43
N VAL F 66 15.60 6.05 -7.70
CA VAL F 66 15.34 7.34 -8.27
C VAL F 66 16.57 7.87 -8.99
N ILE F 67 17.66 7.86 -8.24
CA ILE F 67 18.84 8.38 -8.77
C ILE F 67 19.20 7.52 -9.99
N ARG F 68 18.89 6.23 -9.90
CA ARG F 68 19.18 5.31 -10.99
C ARG F 68 18.67 5.88 -12.31
N ASP F 69 17.38 6.23 -12.22
CA ASP F 69 16.66 6.78 -13.36
C ASP F 69 17.21 8.16 -13.69
N ALA F 70 17.46 8.97 -12.66
CA ALA F 70 17.87 10.38 -12.79
C ALA F 70 19.08 10.43 -13.69
N VAL F 71 19.97 9.52 -13.26
CA VAL F 71 21.23 9.42 -13.85
C VAL F 71 20.94 9.08 -15.33
N THR F 72 19.98 8.19 -15.52
CA THR F 72 19.75 7.70 -16.88
C THR F 72 19.32 8.84 -17.75
N TYR F 73 18.40 9.69 -17.31
CA TYR F 73 17.91 10.83 -18.12
C TYR F 73 18.97 11.92 -18.29
N THR F 74 19.76 12.15 -17.28
CA THR F 74 20.87 13.04 -17.46
C THR F 74 21.70 12.55 -18.65
N GLU F 75 21.90 11.23 -18.74
CA GLU F 75 22.84 10.60 -19.62
C GLU F 75 22.26 10.27 -20.98
N HIS F 76 20.96 10.15 -21.19
CA HIS F 76 20.41 9.89 -22.48
C HIS F 76 20.50 11.14 -23.37
N ALA F 77 20.84 12.25 -22.75
CA ALA F 77 20.85 13.56 -23.40
C ALA F 77 22.30 14.05 -23.52
N LYS F 78 23.27 13.30 -22.99
CA LYS F 78 24.62 13.67 -22.94
C LYS F 78 24.79 15.00 -22.21
N ARG F 79 24.31 15.02 -20.98
CA ARG F 79 24.45 16.21 -20.12
C ARG F 79 25.23 15.88 -18.83
N LYS F 80 26.07 16.83 -18.42
CA LYS F 80 26.90 16.68 -17.19
C LYS F 80 26.10 17.19 -15.99
N THR F 81 25.34 18.27 -16.18
CA THR F 81 24.52 18.85 -15.09
C THR F 81 23.20 18.08 -14.96
N VAL F 82 22.93 17.51 -13.79
CA VAL F 82 21.69 16.73 -13.54
C VAL F 82 20.53 17.70 -13.27
N THR F 83 19.48 17.64 -14.09
CA THR F 83 18.28 18.55 -13.92
C THR F 83 17.39 18.06 -12.75
N ALA F 84 16.69 18.97 -12.11
CA ALA F 84 15.70 18.59 -11.13
C ALA F 84 14.51 17.93 -11.85
N MET F 85 14.19 18.43 -13.02
CA MET F 85 13.11 17.73 -13.79
C MET F 85 13.42 16.25 -13.89
N ASP F 86 14.71 15.99 -14.09
CA ASP F 86 15.11 14.70 -14.22
C ASP F 86 14.61 13.91 -13.03
N VAL F 87 14.64 14.50 -11.84
CA VAL F 87 14.14 13.77 -10.66
C VAL F 87 12.62 13.54 -10.70
N VAL F 88 11.91 14.58 -11.10
CA VAL F 88 10.50 14.55 -11.19
C VAL F 88 10.06 13.29 -11.98
N TYR F 89 10.54 13.18 -13.23
CA TYR F 89 10.04 12.09 -14.07
C TYR F 89 10.24 10.77 -13.34
N ALA F 90 11.37 10.74 -12.65
CA ALA F 90 11.74 9.57 -11.91
C ALA F 90 10.62 9.25 -10.93
N LEU F 91 10.22 10.30 -10.21
CA LEU F 91 9.20 10.11 -9.18
C LEU F 91 7.91 9.68 -9.84
N LYS F 92 7.64 10.25 -11.03
CA LYS F 92 6.46 10.06 -11.82
C LYS F 92 6.35 8.60 -12.18
N ARG F 93 7.47 7.97 -12.51
CA ARG F 93 7.55 6.58 -12.92
C ARG F 93 7.11 5.64 -11.77
N GLN F 94 7.38 6.05 -10.53
CA GLN F 94 6.98 5.21 -9.39
C GLN F 94 5.63 5.67 -8.81
N GLY F 95 5.09 6.71 -9.41
CA GLY F 95 3.82 7.31 -8.91
C GLY F 95 3.96 8.10 -7.59
N ARG F 96 4.92 9.00 -7.51
CA ARG F 96 5.08 9.89 -6.41
C ARG F 96 5.40 11.30 -6.91
N THR F 97 4.75 11.72 -7.99
CA THR F 97 5.00 12.98 -8.68
C THR F 97 4.69 14.21 -7.80
N LEU F 98 5.49 15.24 -8.01
CA LEU F 98 5.58 16.39 -7.16
C LEU F 98 5.10 17.60 -7.92
N TYR F 99 4.01 18.12 -7.41
CA TYR F 99 3.53 19.36 -7.78
C TYR F 99 4.41 20.46 -7.18
N GLY F 100 4.46 21.60 -7.82
CA GLY F 100 5.33 22.66 -7.41
C GLY F 100 6.51 22.84 -8.37
N PHE F 101 6.88 21.76 -9.06
CA PHE F 101 8.12 21.76 -9.80
C PHE F 101 7.90 21.51 -11.29
N GLY F 102 8.53 22.36 -12.10
CA GLY F 102 9.20 21.88 -13.32
C GLY F 102 8.20 21.30 -14.31
N GLY F 103 7.23 22.15 -14.60
CA GLY F 103 6.13 21.82 -15.57
C GLY F 103 6.60 21.55 -17.01
N ALA G 15 19.85 -11.65 -49.58
CA ALA G 15 18.48 -12.01 -49.05
C ALA G 15 17.47 -10.90 -49.36
N LYS G 16 16.21 -11.24 -49.64
CA LYS G 16 15.16 -10.21 -49.84
C LYS G 16 14.52 -9.84 -48.48
N THR G 17 13.97 -10.82 -47.76
CA THR G 17 13.28 -10.56 -46.49
C THR G 17 14.25 -9.82 -45.53
N ARG G 18 13.81 -8.65 -45.03
CA ARG G 18 14.62 -7.87 -44.13
C ARG G 18 14.99 -8.71 -42.93
N SER G 19 14.01 -9.36 -42.25
CA SER G 19 14.23 -10.09 -41.07
C SER G 19 15.49 -10.93 -41.18
N SER G 20 15.62 -11.56 -42.34
CA SER G 20 16.76 -12.42 -42.63
C SER G 20 18.02 -11.56 -42.75
N ARG G 21 18.00 -10.40 -43.41
CA ARG G 21 19.20 -9.59 -43.38
C ARG G 21 19.68 -9.25 -41.95
N ALA G 22 18.75 -9.25 -41.01
CA ALA G 22 19.14 -9.03 -39.61
C ALA G 22 19.12 -10.35 -38.81
N GLY G 23 18.88 -11.43 -39.49
CA GLY G 23 18.93 -12.75 -38.93
C GLY G 23 17.80 -13.05 -37.96
N LEU G 24 16.56 -12.81 -38.28
CA LEU G 24 15.56 -13.02 -37.26
C LEU G 24 14.23 -13.55 -37.77
N GLN G 25 13.56 -14.05 -36.75
CA GLN G 25 12.19 -14.57 -36.84
C GLN G 25 11.12 -13.46 -36.80
N PHE G 26 11.36 -12.35 -36.15
CA PHE G 26 10.39 -11.25 -35.87
C PHE G 26 10.19 -10.36 -37.11
N PRO G 27 9.03 -9.87 -37.24
CA PRO G 27 8.70 -9.21 -38.50
C PRO G 27 9.16 -7.77 -38.53
N VAL G 28 10.18 -7.57 -39.32
CA VAL G 28 10.74 -6.32 -39.58
C VAL G 28 9.72 -5.29 -40.07
N GLY G 29 9.05 -5.63 -41.12
CA GLY G 29 8.29 -4.56 -41.72
C GLY G 29 6.93 -4.46 -41.12
N ARG G 30 6.36 -5.55 -40.52
CA ARG G 30 5.03 -5.46 -39.98
C ARG G 30 5.05 -4.54 -38.74
N VAL G 31 6.14 -4.67 -37.97
CA VAL G 31 6.38 -3.79 -36.84
C VAL G 31 6.69 -2.37 -37.30
N HIS G 32 7.32 -2.09 -38.43
CA HIS G 32 7.51 -0.76 -38.89
C HIS G 32 6.21 0.05 -39.11
N ARG G 33 5.26 -0.62 -39.78
CA ARG G 33 3.94 -0.01 -40.09
C ARG G 33 3.17 0.23 -38.79
N LEU G 34 3.25 -0.71 -37.86
CA LEU G 34 2.54 -0.60 -36.55
C LEU G 34 3.10 0.61 -35.79
N LEU G 35 4.29 1.06 -36.14
CA LEU G 35 4.93 2.23 -35.48
C LEU G 35 4.46 3.52 -36.16
N ARG G 36 3.74 3.39 -37.28
CA ARG G 36 3.24 4.57 -38.04
C ARG G 36 1.71 4.67 -37.85
N LYS G 37 1.06 3.56 -37.50
CA LYS G 37 -0.41 3.53 -37.29
C LYS G 37 -0.71 3.75 -35.81
N GLY G 38 0.31 4.07 -35.00
CA GLY G 38 0.15 4.29 -33.63
C GLY G 38 0.41 5.71 -33.12
N ASN G 39 0.59 6.56 -34.12
CA ASN G 39 0.74 8.00 -34.01
C ASN G 39 2.00 8.40 -33.22
N TYR G 40 2.68 7.44 -32.61
CA TYR G 40 3.81 7.71 -31.77
C TYR G 40 4.78 8.78 -32.33
N ALA G 41 5.03 8.92 -33.63
CA ALA G 41 5.65 10.19 -33.97
C ALA G 41 5.69 10.53 -35.46
N GLU G 42 6.17 11.72 -35.74
CA GLU G 42 6.31 12.21 -37.08
C GLU G 42 7.30 11.42 -37.96
N ARG G 43 8.45 10.93 -37.49
CA ARG G 43 9.37 10.08 -38.40
C ARG G 43 9.73 8.71 -37.76
N VAL G 44 9.73 7.60 -38.54
CA VAL G 44 10.02 6.25 -38.02
C VAL G 44 11.44 5.88 -38.46
N GLY G 45 12.20 5.35 -37.50
CA GLY G 45 13.64 5.08 -37.62
C GLY G 45 13.91 3.80 -38.37
N ALA G 46 15.17 3.58 -38.75
CA ALA G 46 15.33 2.61 -39.76
C ALA G 46 15.73 1.27 -39.15
N GLY G 47 16.54 1.37 -38.13
CA GLY G 47 16.87 0.03 -37.54
C GLY G 47 16.22 -0.06 -36.22
N ALA G 48 15.42 0.90 -35.83
CA ALA G 48 14.62 0.86 -34.64
C ALA G 48 13.75 -0.35 -34.69
N PRO G 49 13.05 -0.34 -35.81
CA PRO G 49 12.04 -1.34 -35.94
C PRO G 49 12.65 -2.68 -35.56
N VAL G 50 13.83 -2.99 -36.09
CA VAL G 50 14.46 -4.29 -36.01
C VAL G 50 14.84 -4.55 -34.60
N TYR G 51 15.47 -3.55 -34.05
CA TYR G 51 16.04 -3.59 -32.77
C TYR G 51 14.94 -4.06 -31.85
N LEU G 52 13.83 -3.37 -32.00
CA LEU G 52 12.67 -3.56 -31.16
C LEU G 52 12.11 -4.95 -31.36
N ALA G 53 12.07 -5.38 -32.59
CA ALA G 53 11.49 -6.68 -32.90
C ALA G 53 12.32 -7.74 -32.23
N ALA G 54 13.61 -7.54 -32.31
CA ALA G 54 14.52 -8.51 -31.87
C ALA G 54 14.42 -8.60 -30.34
N VAL G 55 14.18 -7.47 -29.74
CA VAL G 55 14.15 -7.37 -28.29
C VAL G 55 13.09 -8.23 -27.69
N LEU G 56 11.92 -8.13 -28.27
CA LEU G 56 10.77 -8.74 -27.74
C LEU G 56 10.98 -10.21 -27.93
N GLU G 57 11.68 -10.44 -29.01
CA GLU G 57 11.96 -11.73 -29.45
C GLU G 57 12.63 -12.44 -28.29
N TYR G 58 13.59 -11.78 -27.70
CA TYR G 58 14.32 -12.30 -26.59
C TYR G 58 13.40 -12.53 -25.41
N LEU G 59 12.59 -11.51 -25.17
CA LEU G 59 11.79 -11.54 -23.99
C LEU G 59 10.85 -12.75 -24.07
N THR G 60 10.28 -12.87 -25.25
CA THR G 60 9.36 -13.98 -25.46
C THR G 60 10.02 -15.27 -25.12
N ALA G 61 11.21 -15.33 -25.63
CA ALA G 61 12.00 -16.49 -25.48
C ALA G 61 12.25 -16.71 -24.05
N GLU G 62 12.65 -15.60 -23.43
CA GLU G 62 13.08 -15.64 -22.06
C GLU G 62 11.97 -16.29 -21.22
N ILE G 63 10.73 -15.88 -21.54
CA ILE G 63 9.57 -16.31 -20.79
C ILE G 63 9.17 -17.69 -21.26
N LEU G 64 9.41 -17.92 -22.55
CA LEU G 64 8.90 -19.07 -23.21
C LEU G 64 9.88 -20.20 -23.05
N GLU G 65 10.97 -19.92 -22.36
CA GLU G 65 12.03 -20.86 -22.26
C GLU G 65 11.78 -21.71 -21.01
N LEU G 66 11.12 -21.13 -20.02
CA LEU G 66 10.86 -21.81 -18.81
C LEU G 66 9.44 -22.28 -18.77
N ALA G 67 8.57 -21.65 -19.54
CA ALA G 67 7.25 -22.00 -19.68
C ALA G 67 7.25 -23.47 -20.07
N GLY G 68 8.12 -23.75 -20.99
CA GLY G 68 8.24 -25.12 -21.44
C GLY G 68 8.79 -26.05 -20.39
N ASN G 69 9.71 -25.50 -19.66
CA ASN G 69 10.36 -26.24 -18.58
C ASN G 69 9.32 -26.55 -17.51
N ALA G 70 8.40 -25.63 -17.30
CA ALA G 70 7.36 -25.85 -16.34
C ALA G 70 6.46 -26.98 -16.84
N ALA G 71 6.18 -26.96 -18.14
CA ALA G 71 5.36 -27.97 -18.74
C ALA G 71 6.03 -29.33 -18.61
N ARG G 72 7.36 -29.36 -18.78
CA ARG G 72 8.14 -30.59 -18.56
C ARG G 72 7.91 -31.03 -17.11
N ASP G 73 7.92 -30.05 -16.19
CA ASP G 73 7.89 -30.32 -14.77
C ASP G 73 6.70 -31.21 -14.42
N ASN G 74 5.51 -30.91 -14.96
CA ASN G 74 4.28 -31.46 -14.49
C ASN G 74 3.74 -32.64 -15.33
N LYS G 75 4.56 -33.23 -16.24
CA LYS G 75 4.29 -34.42 -17.08
C LYS G 75 3.51 -34.20 -18.38
N LYS G 76 3.67 -33.01 -18.99
CA LYS G 76 2.95 -32.67 -20.25
C LYS G 76 3.94 -32.26 -21.33
N THR G 77 3.57 -32.44 -22.60
CA THR G 77 4.44 -32.06 -23.74
C THR G 77 3.96 -30.72 -24.32
N ARG G 78 2.76 -30.30 -23.95
CA ARG G 78 2.18 -29.01 -24.43
C ARG G 78 2.46 -27.92 -23.38
N ILE G 79 1.74 -26.79 -23.47
CA ILE G 79 1.94 -25.67 -22.50
C ILE G 79 0.62 -24.91 -22.33
N ILE G 80 -0.03 -25.07 -21.17
CA ILE G 80 -1.30 -24.36 -20.87
C ILE G 80 -0.95 -23.06 -20.16
N PRO G 81 -1.79 -22.00 -20.22
CA PRO G 81 -1.44 -20.72 -19.55
C PRO G 81 -0.87 -20.70 -18.13
N ARG G 82 -1.36 -21.49 -17.17
CA ARG G 82 -0.69 -21.47 -15.83
C ARG G 82 0.86 -21.60 -15.97
N HIS G 83 1.26 -22.43 -16.90
CA HIS G 83 2.62 -22.67 -17.24
C HIS G 83 3.24 -21.33 -17.54
N LEU G 84 2.54 -20.36 -18.12
CA LEU G 84 3.15 -19.06 -18.28
C LEU G 84 3.18 -18.34 -16.94
N GLN G 85 2.13 -18.55 -16.13
CA GLN G 85 1.98 -17.83 -14.87
C GLN G 85 3.09 -18.13 -13.83
N LEU G 86 3.26 -19.44 -13.57
CA LEU G 86 4.29 -19.84 -12.58
C LEU G 86 5.66 -19.33 -13.07
N ALA G 87 5.81 -19.43 -14.39
CA ALA G 87 7.09 -19.16 -15.06
C ALA G 87 7.46 -17.70 -14.78
N VAL G 88 6.47 -16.83 -14.84
CA VAL G 88 6.67 -15.39 -14.58
C VAL G 88 6.83 -15.08 -13.08
N ARG G 89 6.00 -15.63 -12.18
CA ARG G 89 6.06 -15.31 -10.67
C ARG G 89 7.35 -15.70 -9.98
N ASN G 90 7.93 -16.85 -10.27
CA ASN G 90 9.08 -17.27 -9.50
C ASN G 90 10.28 -16.35 -9.76
N ASP G 91 10.75 -16.22 -11.00
CA ASP G 91 11.79 -15.32 -11.32
C ASP G 91 11.44 -13.90 -10.89
N GLU G 92 12.39 -13.33 -10.14
CA GLU G 92 12.29 -11.98 -9.59
C GLU G 92 12.44 -10.96 -10.71
N GLU G 93 13.28 -11.21 -11.70
CA GLU G 93 13.51 -10.27 -12.78
C GLU G 93 12.44 -10.43 -13.87
N LEU G 94 11.60 -11.48 -13.71
CA LEU G 94 10.44 -11.71 -14.61
C LEU G 94 9.14 -11.09 -14.15
N ASN G 95 8.74 -11.46 -12.95
CA ASN G 95 7.40 -11.00 -12.47
C ASN G 95 7.48 -9.53 -12.02
N LYS G 96 8.70 -9.07 -11.80
CA LYS G 96 8.98 -7.75 -11.27
C LYS G 96 8.40 -6.69 -12.19
N LEU G 97 8.73 -6.84 -13.45
CA LEU G 97 8.20 -5.98 -14.52
C LEU G 97 6.67 -6.16 -14.70
N LEU G 98 6.18 -7.38 -14.69
CA LEU G 98 4.82 -7.72 -14.99
C LEU G 98 3.94 -7.61 -13.76
N GLY G 99 4.56 -7.23 -12.64
CA GLY G 99 3.84 -7.07 -11.35
C GLY G 99 2.49 -6.41 -11.53
N ARG G 100 2.33 -5.65 -12.62
CA ARG G 100 1.05 -4.94 -12.90
C ARG G 100 0.25 -5.75 -13.94
N VAL G 101 0.55 -7.04 -14.06
CA VAL G 101 -0.16 -7.93 -15.03
C VAL G 101 -0.89 -9.02 -14.23
N THR G 102 -2.20 -9.18 -14.48
CA THR G 102 -3.00 -10.17 -13.79
C THR G 102 -3.47 -11.22 -14.80
N ILE G 103 -3.74 -12.47 -14.40
CA ILE G 103 -3.66 -13.55 -15.42
C ILE G 103 -4.99 -14.27 -15.71
N ALA G 104 -5.33 -14.32 -17.01
CA ALA G 104 -6.41 -15.18 -17.43
C ALA G 104 -6.23 -16.46 -16.57
N GLN G 105 -7.17 -16.69 -15.67
CA GLN G 105 -7.18 -17.85 -14.78
C GLN G 105 -5.79 -18.11 -14.23
N GLY G 106 -5.08 -17.11 -13.69
CA GLY G 106 -3.68 -17.25 -13.32
C GLY G 106 -3.35 -18.44 -12.37
N GLY G 107 -4.15 -18.48 -11.31
CA GLY G 107 -3.97 -19.50 -10.29
C GLY G 107 -2.88 -19.01 -9.33
N VAL G 108 -2.46 -19.89 -8.42
CA VAL G 108 -1.78 -19.37 -7.19
C VAL G 108 -0.53 -20.16 -6.85
N LEU G 109 0.50 -19.48 -6.30
CA LEU G 109 1.71 -20.29 -5.83
C LEU G 109 1.35 -20.89 -4.49
N PRO G 110 1.66 -22.19 -4.21
CA PRO G 110 1.26 -22.72 -2.90
C PRO G 110 2.25 -21.91 -2.05
N ASN G 111 1.74 -21.24 -1.04
CA ASN G 111 2.57 -20.52 -0.10
C ASN G 111 1.73 -20.23 1.12
N ILE G 112 2.15 -20.74 2.25
CA ILE G 112 1.36 -20.71 3.42
C ILE G 112 2.13 -19.96 4.49
N GLN G 113 1.56 -18.91 5.11
CA GLN G 113 2.39 -18.12 5.95
C GLN G 113 2.92 -18.84 7.18
N SER G 114 4.06 -18.35 7.63
CA SER G 114 5.01 -19.04 8.52
C SER G 114 4.26 -19.67 9.70
N VAL G 115 3.43 -18.89 10.42
CA VAL G 115 3.10 -19.15 11.82
C VAL G 115 1.81 -19.93 12.03
N LEU G 116 0.99 -20.10 11.01
CA LEU G 116 -0.36 -20.67 11.20
C LEU G 116 -0.30 -22.15 10.87
N LEU G 117 0.91 -22.55 10.46
CA LEU G 117 1.26 -23.85 10.26
C LEU G 117 1.40 -24.57 11.60
N PRO G 118 1.16 -25.89 11.77
CA PRO G 118 0.89 -26.31 13.16
C PRO G 118 1.98 -27.05 13.96
N LYS G 119 2.05 -26.73 15.23
CA LYS G 119 2.85 -27.46 16.25
C LYS G 119 2.19 -28.82 16.58
N THR H 33 -12.37 -8.37 -40.79
CA THR H 33 -12.02 -8.79 -42.17
C THR H 33 -10.61 -9.40 -42.18
N ARG H 34 -9.65 -8.72 -41.57
CA ARG H 34 -8.24 -9.20 -41.51
C ARG H 34 -7.77 -9.21 -40.05
N LYS H 35 -8.18 -10.25 -39.29
CA LYS H 35 -7.80 -10.36 -37.88
C LYS H 35 -6.29 -10.61 -37.93
N GLU H 36 -5.55 -9.77 -37.23
CA GLU H 36 -4.07 -9.85 -37.15
C GLU H 36 -3.77 -10.76 -35.95
N SER H 37 -2.64 -11.49 -36.01
CA SER H 37 -2.05 -12.06 -34.79
C SER H 37 -0.49 -12.08 -34.87
N TYR H 38 0.24 -11.92 -33.77
CA TYR H 38 1.61 -12.33 -33.74
C TYR H 38 1.83 -13.82 -33.39
N ALA H 39 0.97 -14.72 -33.93
CA ALA H 39 1.07 -16.15 -33.62
C ALA H 39 2.19 -16.79 -34.43
N ILE H 40 2.31 -16.30 -35.68
CA ILE H 40 3.28 -16.72 -36.71
C ILE H 40 4.68 -16.56 -36.14
N TYR H 41 4.92 -15.45 -35.43
CA TYR H 41 6.33 -15.16 -35.01
C TYR H 41 6.71 -15.99 -33.79
N VAL H 42 5.76 -16.15 -32.87
CA VAL H 42 5.94 -17.07 -31.78
C VAL H 42 6.18 -18.52 -32.28
N TYR H 43 5.48 -18.87 -33.36
CA TYR H 43 5.37 -20.22 -33.82
C TYR H 43 6.67 -20.94 -34.20
N LYS H 44 7.45 -20.28 -35.04
CA LYS H 44 8.90 -20.60 -35.28
C LYS H 44 9.85 -20.70 -34.04
N VAL H 45 9.91 -19.59 -33.30
CA VAL H 45 10.84 -19.48 -32.17
C VAL H 45 10.56 -20.55 -31.10
N LEU H 46 9.29 -20.89 -30.89
CA LEU H 46 8.88 -21.97 -30.01
C LEU H 46 9.69 -23.23 -30.33
N LYS H 47 9.55 -23.58 -31.61
CA LYS H 47 10.17 -24.80 -32.16
C LYS H 47 11.70 -24.67 -32.12
N GLN H 48 12.20 -23.47 -32.43
CA GLN H 48 13.63 -23.25 -32.43
C GLN H 48 14.18 -23.67 -31.07
N VAL H 49 13.41 -23.46 -29.98
CA VAL H 49 13.96 -23.71 -28.65
C VAL H 49 13.44 -24.93 -27.91
N HIS H 50 12.16 -25.26 -28.07
CA HIS H 50 11.59 -26.46 -27.50
C HIS H 50 10.73 -27.21 -28.51
N PRO H 51 11.36 -27.83 -29.54
CA PRO H 51 10.59 -28.38 -30.65
C PRO H 51 9.59 -29.52 -30.30
N ASP H 52 9.82 -30.27 -29.23
CA ASP H 52 8.86 -31.21 -28.74
C ASP H 52 8.06 -30.46 -27.66
N THR H 53 7.15 -29.59 -28.08
CA THR H 53 6.41 -28.69 -27.21
C THR H 53 5.37 -27.92 -28.02
N GLY H 54 4.29 -27.47 -27.37
CA GLY H 54 3.28 -26.66 -28.10
C GLY H 54 2.62 -25.58 -27.28
N ILE H 55 1.79 -24.77 -27.95
CA ILE H 55 1.13 -23.60 -27.32
C ILE H 55 -0.38 -23.86 -27.15
N SER H 56 -1.03 -23.44 -26.04
CA SER H 56 -2.52 -23.43 -25.94
C SER H 56 -3.05 -22.32 -26.84
N SER H 57 -4.26 -22.45 -27.38
CA SER H 57 -4.76 -21.39 -28.28
C SER H 57 -4.95 -20.07 -27.55
N LYS H 58 -5.47 -20.15 -26.33
CA LYS H 58 -5.56 -18.99 -25.43
C LYS H 58 -4.20 -18.57 -24.85
N ALA H 59 -3.36 -19.55 -24.58
CA ALA H 59 -1.98 -19.23 -24.10
C ALA H 59 -1.26 -18.39 -25.17
N MET H 60 -1.48 -18.70 -26.45
CA MET H 60 -0.90 -17.93 -27.52
C MET H 60 -1.54 -16.51 -27.59
N SER H 61 -2.84 -16.48 -27.41
CA SER H 61 -3.51 -15.23 -27.42
C SER H 61 -2.93 -14.39 -26.30
N ILE H 62 -2.72 -14.99 -25.12
CA ILE H 62 -2.21 -14.27 -23.97
C ILE H 62 -0.90 -13.65 -24.37
N MET H 63 -0.12 -14.44 -25.12
CA MET H 63 1.18 -13.95 -25.56
C MET H 63 1.03 -12.84 -26.57
N ASN H 64 0.06 -12.92 -27.45
CA ASN H 64 -0.21 -11.88 -28.41
C ASN H 64 -0.49 -10.54 -27.72
N SER H 65 -1.31 -10.63 -26.67
CA SER H 65 -1.69 -9.49 -25.85
C SER H 65 -0.44 -8.89 -25.22
N PHE H 66 0.38 -9.81 -24.71
CA PHE H 66 1.53 -9.44 -23.88
C PHE H 66 2.49 -8.62 -24.67
N VAL H 67 2.76 -9.02 -25.93
CA VAL H 67 3.76 -8.39 -26.77
C VAL H 67 3.31 -6.95 -27.09
N ASN H 68 2.01 -6.84 -27.40
CA ASN H 68 1.51 -5.58 -27.86
C ASN H 68 1.57 -4.53 -26.75
N ASP H 69 1.16 -4.97 -25.53
CA ASP H 69 1.26 -4.17 -24.28
C ASP H 69 2.70 -3.76 -24.13
N VAL H 70 3.48 -4.79 -24.38
CA VAL H 70 4.89 -4.66 -24.20
C VAL H 70 5.44 -3.73 -25.29
N PHE H 71 4.90 -3.90 -26.50
CA PHE H 71 5.23 -3.02 -27.63
C PHE H 71 4.86 -1.56 -27.29
N GLU H 72 3.67 -1.37 -26.73
CA GLU H 72 3.16 -0.02 -26.36
C GLU H 72 3.86 0.66 -25.17
N ARG H 73 4.14 0.00 -24.06
CA ARG H 73 4.77 0.70 -22.91
C ARG H 73 6.08 1.37 -23.34
N ILE H 74 6.80 0.64 -24.18
CA ILE H 74 8.10 0.98 -24.71
C ILE H 74 7.90 2.10 -25.73
N ALA H 75 7.00 1.87 -26.67
CA ALA H 75 6.72 2.82 -27.73
C ALA H 75 6.31 4.09 -27.05
N GLY H 76 5.45 4.00 -26.04
CA GLY H 76 5.02 5.10 -25.25
C GLY H 76 6.19 5.76 -24.61
N GLU H 77 7.04 4.90 -24.07
CA GLU H 77 8.23 5.45 -23.44
C GLU H 77 9.01 6.25 -24.46
N ALA H 78 9.18 5.66 -25.65
CA ALA H 78 9.99 6.14 -26.70
C ALA H 78 9.51 7.54 -27.10
N SER H 79 8.21 7.60 -27.31
CA SER H 79 7.58 8.80 -27.80
C SER H 79 7.84 9.96 -26.81
N ARG H 80 7.64 9.72 -25.51
CA ARG H 80 7.68 10.78 -24.54
C ARG H 80 9.05 11.47 -24.63
N LEU H 81 10.07 10.63 -24.67
CA LEU H 81 11.47 11.02 -24.67
C LEU H 81 11.73 11.83 -25.94
N ALA H 82 11.17 11.41 -27.07
CA ALA H 82 11.44 12.08 -28.32
C ALA H 82 11.05 13.53 -28.12
N HIS H 83 9.87 13.66 -27.55
CA HIS H 83 9.18 14.93 -27.41
C HIS H 83 9.91 15.84 -26.39
N TYR H 84 10.37 15.23 -25.30
CA TYR H 84 10.96 15.91 -24.21
C TYR H 84 11.99 16.90 -24.76
N ASN H 85 13.01 16.40 -25.44
CA ASN H 85 13.94 17.35 -26.02
C ASN H 85 13.62 17.62 -27.48
N LYS H 86 12.31 17.68 -27.79
CA LYS H 86 11.84 17.94 -29.18
C LYS H 86 12.71 17.14 -30.16
N ARG H 87 12.41 15.84 -30.31
CA ARG H 87 13.18 14.95 -31.22
C ARG H 87 12.24 14.36 -32.28
N SER H 88 12.22 14.94 -33.47
CA SER H 88 11.35 14.46 -34.58
C SER H 88 11.90 13.14 -35.12
N THR H 89 12.23 12.20 -34.22
CA THR H 89 12.76 10.92 -34.61
C THR H 89 12.80 10.02 -33.38
N ILE H 90 12.38 8.77 -33.53
CA ILE H 90 12.72 7.71 -32.61
C ILE H 90 13.88 6.99 -33.24
N THR H 91 15.11 7.28 -32.82
CA THR H 91 16.33 6.63 -33.37
C THR H 91 16.46 5.21 -32.79
N SER H 92 17.66 4.62 -32.91
CA SER H 92 17.91 3.24 -32.39
C SER H 92 18.45 3.32 -30.96
N ARG H 93 18.78 4.53 -30.49
CA ARG H 93 19.32 4.72 -29.12
C ARG H 93 18.17 5.15 -28.19
N GLU H 94 17.21 5.92 -28.71
CA GLU H 94 16.05 6.39 -27.91
C GLU H 94 15.32 5.18 -27.33
N ILE H 95 15.26 4.07 -28.09
CA ILE H 95 14.59 2.86 -27.64
C ILE H 95 15.43 2.18 -26.60
N GLN H 96 16.72 2.22 -26.82
CA GLN H 96 17.68 1.49 -26.01
C GLN H 96 17.62 1.93 -24.58
N THR H 97 17.74 3.24 -24.30
CA THR H 97 17.63 3.69 -22.91
C THR H 97 16.28 3.34 -22.30
N ALA H 98 15.29 3.56 -23.14
CA ALA H 98 13.93 3.36 -22.77
C ALA H 98 13.76 1.99 -22.14
N VAL H 99 14.36 1.00 -22.78
CA VAL H 99 14.28 -0.33 -22.31
C VAL H 99 15.07 -0.45 -21.03
N ARG H 100 16.22 0.21 -21.05
CA ARG H 100 17.16 0.08 -19.93
C ARG H 100 16.45 0.41 -18.62
N LEU H 101 15.65 1.48 -18.66
CA LEU H 101 14.91 1.97 -17.53
C LEU H 101 13.72 1.04 -17.22
N LEU H 102 13.02 0.69 -18.27
CA LEU H 102 11.80 -0.03 -18.15
C LEU H 102 12.13 -1.40 -17.59
N LEU H 103 13.32 -1.91 -17.88
CA LEU H 103 13.45 -3.23 -17.46
C LEU H 103 14.36 -3.39 -16.23
N PRO H 104 13.92 -4.30 -15.31
CA PRO H 104 14.74 -4.92 -14.25
C PRO H 104 16.02 -5.49 -14.86
N GLY H 105 17.11 -5.37 -14.10
CA GLY H 105 18.54 -5.53 -14.57
C GLY H 105 18.90 -6.71 -15.49
N GLU H 106 18.88 -7.94 -14.98
CA GLU H 106 19.44 -9.09 -15.63
C GLU H 106 18.88 -9.27 -17.06
N LEU H 107 17.57 -9.01 -17.17
CA LEU H 107 16.88 -9.14 -18.41
C LEU H 107 17.27 -8.00 -19.36
N ALA H 108 17.40 -6.79 -18.82
CA ALA H 108 17.54 -5.57 -19.58
C ALA H 108 18.85 -5.56 -20.37
N LYS H 109 19.93 -5.98 -19.70
CA LYS H 109 21.27 -5.88 -20.20
C LYS H 109 21.46 -6.86 -21.36
N HIS H 110 20.98 -8.09 -21.25
CA HIS H 110 21.08 -9.03 -22.37
C HIS H 110 20.40 -8.44 -23.62
N ALA H 111 19.23 -7.92 -23.40
CA ALA H 111 18.45 -7.36 -24.47
C ALA H 111 19.18 -6.16 -25.13
N VAL H 112 19.89 -5.34 -24.32
CA VAL H 112 20.66 -4.27 -24.86
C VAL H 112 21.69 -4.79 -25.88
N SER H 113 22.32 -5.90 -25.47
CA SER H 113 23.36 -6.57 -26.29
C SER H 113 22.80 -7.12 -27.62
N GLU H 114 21.72 -7.89 -27.57
CA GLU H 114 21.16 -8.46 -28.75
C GLU H 114 20.89 -7.35 -29.79
N GLY H 115 20.44 -6.22 -29.25
CA GLY H 115 20.06 -5.07 -29.98
C GLY H 115 21.15 -4.48 -30.87
N THR H 116 22.28 -4.11 -30.26
CA THR H 116 23.39 -3.55 -31.03
C THR H 116 23.89 -4.57 -32.08
N LYS H 117 23.96 -5.85 -31.74
CA LYS H 117 24.52 -6.87 -32.62
C LYS H 117 23.66 -6.90 -33.85
N ALA H 118 22.35 -6.77 -33.63
CA ALA H 118 21.51 -6.83 -34.72
C ALA H 118 21.82 -5.67 -35.67
N VAL H 119 21.99 -4.46 -35.15
CA VAL H 119 22.31 -3.33 -36.03
C VAL H 119 23.62 -3.71 -36.70
N THR H 120 24.50 -4.31 -35.89
CA THR H 120 25.78 -4.67 -36.43
C THR H 120 25.55 -5.56 -37.64
N LYS H 121 24.62 -6.50 -37.44
CA LYS H 121 24.31 -7.57 -38.40
C LYS H 121 23.81 -6.97 -39.71
N TYR H 122 22.86 -6.05 -39.54
CA TYR H 122 22.02 -5.59 -40.65
C TYR H 122 22.63 -4.49 -41.53
N THR H 123 23.22 -3.43 -40.99
CA THR H 123 23.70 -2.30 -41.81
C THR H 123 24.72 -2.69 -42.90
N SER H 124 25.77 -3.48 -42.58
CA SER H 124 26.73 -3.76 -43.66
C SER H 124 26.04 -4.55 -44.76
N ALA H 125 25.23 -5.51 -44.32
CA ALA H 125 24.45 -6.39 -45.23
C ALA H 125 23.42 -5.61 -46.06
N ASP K 175 -23.49 -49.65 5.04
CA ASP K 175 -23.42 -50.92 5.77
C ASP K 175 -24.07 -50.79 7.14
N PHE K 176 -24.28 -49.56 7.58
CA PHE K 176 -24.90 -49.31 8.88
C PHE K 176 -26.41 -49.52 8.81
N HIS K 177 -27.00 -49.84 9.96
CA HIS K 177 -28.43 -50.09 10.06
C HIS K 177 -29.08 -48.87 10.72
N GLY K 178 -29.31 -47.85 9.90
CA GLY K 178 -29.90 -46.60 10.34
C GLY K 178 -31.30 -46.37 9.77
N ILE K 179 -31.83 -45.21 10.10
CA ILE K 179 -33.17 -44.80 9.67
C ILE K 179 -33.07 -44.19 8.27
N ASP K 180 -33.91 -44.68 7.35
CA ASP K 180 -33.93 -44.14 6.00
C ASP K 180 -35.09 -43.16 5.85
N ILE K 181 -36.30 -43.68 5.72
CA ILE K 181 -37.50 -42.87 5.56
C ILE K 181 -38.57 -43.38 6.53
N VAL K 182 -39.69 -42.66 6.56
CA VAL K 182 -40.83 -43.01 7.41
C VAL K 182 -41.97 -43.49 6.51
N ILE K 183 -42.60 -44.58 6.90
CA ILE K 183 -43.67 -45.18 6.10
C ILE K 183 -45.03 -44.77 6.67
N ASN K 184 -45.46 -45.45 7.72
CA ASN K 184 -46.76 -45.22 8.33
C ASN K 184 -46.60 -44.82 9.78
N HIS K 185 -47.70 -44.39 10.40
CA HIS K 185 -47.70 -43.96 11.79
C HIS K 185 -49.07 -44.27 12.40
N ARG K 186 -49.05 -44.57 13.69
CA ARG K 186 -50.27 -44.87 14.44
C ARG K 186 -50.00 -44.60 15.91
N LEU K 187 -50.89 -45.08 16.77
CA LEU K 187 -50.78 -44.91 18.21
C LEU K 187 -50.19 -46.15 18.85
N LYS K 188 -49.59 -45.95 20.02
CA LYS K 188 -48.96 -47.04 20.78
C LYS K 188 -49.76 -47.43 22.01
N THR K 189 -50.18 -46.46 22.82
CA THR K 189 -50.96 -46.72 24.03
C THR K 189 -52.43 -46.51 23.72
N SER K 190 -53.22 -47.57 23.83
CA SER K 190 -54.65 -47.49 23.57
C SER K 190 -55.39 -46.92 24.77
N LYS K 199 -55.66 -34.34 23.17
CA LYS K 199 -55.51 -33.06 23.84
C LYS K 199 -55.51 -31.91 22.84
N THR K 200 -55.08 -30.73 23.30
CA THR K 200 -55.03 -29.57 22.42
C THR K 200 -53.93 -29.72 21.37
N VAL K 201 -52.73 -30.09 21.80
CA VAL K 201 -51.61 -30.30 20.89
C VAL K 201 -50.64 -31.31 21.50
N PRO K 202 -50.52 -32.50 20.92
CA PRO K 202 -49.54 -33.48 21.45
C PRO K 202 -48.13 -33.05 21.11
N ASP K 203 -47.27 -32.99 22.13
CA ASP K 203 -45.89 -32.61 21.92
C ASP K 203 -45.05 -33.82 21.54
N LEU K 204 -43.72 -33.68 21.64
CA LEU K 204 -42.85 -34.80 21.27
C LEU K 204 -42.93 -35.93 22.30
N ASN K 205 -43.16 -35.59 23.57
CA ASN K 205 -43.28 -36.61 24.61
C ASN K 205 -44.49 -37.51 24.36
N ASN K 206 -45.61 -36.93 23.95
CA ASN K 206 -46.78 -37.73 23.60
C ASN K 206 -46.50 -38.58 22.37
N CYS K 207 -45.64 -38.11 21.46
CA CYS K 207 -45.24 -38.92 20.32
C CYS K 207 -44.29 -40.04 20.71
N LYS K 208 -43.60 -39.90 21.85
CA LYS K 208 -42.71 -40.96 22.31
C LYS K 208 -43.48 -42.03 23.09
N GLU K 209 -44.23 -41.60 24.11
CA GLU K 209 -44.93 -42.53 24.99
C GLU K 209 -46.40 -42.72 24.62
N ASN K 210 -46.80 -42.32 23.41
CA ASN K 210 -48.19 -42.45 23.01
C ASN K 210 -48.39 -42.81 21.55
N TYR K 211 -47.35 -42.81 20.71
CA TYR K 211 -47.50 -43.12 19.30
C TYR K 211 -46.31 -43.93 18.81
N GLU K 212 -46.58 -44.95 18.00
CA GLU K 212 -45.55 -45.75 17.36
C GLU K 212 -45.55 -45.46 15.86
N PHE K 213 -44.36 -45.45 15.27
CA PHE K 213 -44.19 -45.06 13.87
C PHE K 213 -43.49 -46.18 13.11
N LEU K 214 -43.99 -46.44 11.90
CA LEU K 214 -43.40 -47.45 11.02
C LEU K 214 -42.18 -46.82 10.33
N ILE K 215 -40.99 -47.29 10.68
CA ILE K 215 -39.73 -46.72 10.21
C ILE K 215 -39.11 -47.69 9.21
N LYS K 216 -38.69 -47.16 8.06
CA LYS K 216 -37.99 -47.92 7.05
C LYS K 216 -36.48 -47.74 7.24
N TRP K 217 -35.77 -48.86 7.35
CA TRP K 217 -34.33 -48.82 7.60
C TRP K 217 -33.55 -48.74 6.30
N THR K 218 -32.40 -48.08 6.36
CA THR K 218 -31.54 -47.95 5.20
C THR K 218 -30.78 -49.24 4.93
N ASP K 219 -30.27 -49.37 3.70
CA ASP K 219 -29.56 -50.56 3.24
C ASP K 219 -30.40 -51.82 3.42
N GLU K 220 -31.71 -51.70 3.26
CA GLU K 220 -32.63 -52.81 3.43
C GLU K 220 -33.90 -52.53 2.65
N SER K 221 -34.56 -53.60 2.22
CA SER K 221 -35.79 -53.47 1.44
C SER K 221 -36.91 -52.90 2.31
N HIS K 222 -37.99 -52.51 1.64
CA HIS K 222 -39.16 -51.95 2.32
C HIS K 222 -40.02 -53.01 2.99
N LEU K 223 -39.66 -54.29 2.87
CA LEU K 223 -40.42 -55.35 3.51
C LEU K 223 -40.02 -55.57 4.97
N HIS K 224 -38.99 -54.89 5.44
CA HIS K 224 -38.52 -55.02 6.82
C HIS K 224 -38.89 -53.82 7.67
N ASN K 225 -40.03 -53.20 7.39
CA ASN K 225 -40.48 -52.04 8.15
C ASN K 225 -41.01 -52.48 9.52
N THR K 226 -40.49 -51.85 10.58
CA THR K 226 -40.88 -52.18 11.94
C THR K 226 -41.41 -50.93 12.64
N TRP K 227 -42.42 -51.12 13.47
CA TRP K 227 -43.02 -50.02 14.24
C TRP K 227 -42.14 -49.74 15.43
N GLU K 228 -41.29 -48.73 15.33
CA GLU K 228 -40.36 -48.36 16.39
C GLU K 228 -40.54 -46.90 16.76
N THR K 229 -40.04 -46.55 17.94
CA THR K 229 -40.11 -45.18 18.43
C THR K 229 -38.72 -44.63 18.71
N TYR K 230 -38.49 -44.13 19.92
CA TYR K 230 -37.19 -43.61 20.34
C TYR K 230 -36.55 -44.42 21.45
N GLU K 231 -37.33 -44.86 22.44
CA GLU K 231 -36.80 -45.65 23.54
C GLU K 231 -36.63 -47.12 23.20
N SER K 232 -37.12 -47.56 22.03
CA SER K 232 -36.98 -48.96 21.63
C SER K 232 -35.78 -49.22 20.75
N ILE K 233 -35.21 -48.18 20.12
CA ILE K 233 -34.04 -48.34 19.28
C ILE K 233 -32.82 -47.63 19.82
N GLY K 234 -32.99 -46.64 20.71
CA GLY K 234 -31.85 -45.93 21.25
C GLY K 234 -31.27 -44.95 20.25
N GLN K 235 -29.96 -44.73 20.36
CA GLN K 235 -29.25 -43.82 19.46
C GLN K 235 -28.92 -44.56 18.17
N VAL K 236 -29.55 -44.14 17.06
CA VAL K 236 -29.35 -44.75 15.75
C VAL K 236 -28.98 -43.67 14.76
N ARG K 237 -28.41 -44.09 13.64
CA ARG K 237 -28.00 -43.17 12.59
C ARG K 237 -29.22 -42.52 11.95
N GLY K 238 -29.30 -41.20 12.01
CA GLY K 238 -30.40 -40.48 11.41
C GLY K 238 -31.62 -40.38 12.30
N LEU K 239 -31.90 -39.18 12.81
CA LEU K 239 -33.04 -38.97 13.69
C LEU K 239 -33.84 -37.70 13.38
N LYS K 240 -33.32 -36.79 12.57
CA LYS K 240 -34.04 -35.54 12.31
C LYS K 240 -35.20 -35.74 11.34
N ARG K 241 -35.12 -36.75 10.48
CA ARG K 241 -36.20 -37.01 9.53
C ARG K 241 -37.49 -37.38 10.26
N LEU K 242 -37.39 -38.25 11.26
CA LEU K 242 -38.58 -38.61 12.04
C LEU K 242 -39.06 -37.45 12.90
N ASP K 243 -38.16 -36.56 13.31
CA ASP K 243 -38.56 -35.38 14.06
C ASP K 243 -39.36 -34.42 13.17
N ASN K 244 -38.90 -34.21 11.94
CA ASN K 244 -39.63 -33.33 11.03
C ASN K 244 -40.96 -33.96 10.61
N TYR K 245 -40.97 -35.27 10.37
CA TYR K 245 -42.22 -35.95 10.01
C TYR K 245 -43.21 -35.89 11.16
N CYS K 246 -42.74 -36.10 12.39
CA CYS K 246 -43.62 -35.99 13.55
C CYS K 246 -44.09 -34.56 13.77
N LYS K 247 -43.26 -33.58 13.42
CA LYS K 247 -43.70 -32.19 13.50
C LYS K 247 -44.80 -31.90 12.49
N GLN K 248 -44.63 -32.37 11.25
CA GLN K 248 -45.70 -32.23 10.25
C GLN K 248 -46.94 -33.00 10.66
N PHE K 249 -46.78 -34.07 11.44
CA PHE K 249 -47.94 -34.78 11.96
C PHE K 249 -48.62 -34.00 13.07
N ILE K 250 -47.85 -33.25 13.87
CA ILE K 250 -48.44 -32.39 14.90
C ILE K 250 -49.22 -31.24 14.25
N ILE K 251 -48.62 -30.60 13.26
CA ILE K 251 -49.32 -29.54 12.53
C ILE K 251 -50.55 -30.10 11.83
N GLU K 252 -50.44 -31.32 11.29
CA GLU K 252 -51.58 -31.97 10.66
C GLU K 252 -52.70 -32.16 11.67
N ASP K 253 -52.38 -32.67 12.86
CA ASP K 253 -53.38 -32.79 13.92
C ASP K 253 -53.96 -31.44 14.28
N GLN K 254 -53.16 -30.38 14.20
CA GLN K 254 -53.69 -29.03 14.41
C GLN K 254 -54.56 -28.57 13.25
N GLN K 255 -54.50 -29.25 12.11
CA GLN K 255 -55.28 -28.88 10.94
C GLN K 255 -56.42 -29.85 10.64
N VAL K 256 -56.61 -30.89 11.45
CA VAL K 256 -57.70 -31.83 11.24
C VAL K 256 -58.91 -31.40 12.05
N ARG K 257 -58.80 -31.47 13.38
CA ARG K 257 -59.91 -31.13 14.25
C ARG K 257 -59.53 -30.14 15.36
N LEU K 258 -58.30 -29.68 15.40
CA LEU K 258 -57.87 -28.74 16.43
C LEU K 258 -57.71 -27.33 15.85
N ASP K 259 -58.70 -26.89 15.07
CA ASP K 259 -58.67 -25.57 14.46
C ASP K 259 -60.08 -25.12 14.11
N PRO K 260 -60.53 -23.96 14.61
CA PRO K 260 -61.87 -23.47 14.30
C PRO K 260 -62.00 -22.86 12.91
N TYR K 261 -60.93 -22.83 12.12
CA TYR K 261 -60.96 -22.25 10.78
C TYR K 261 -60.95 -23.29 9.68
N VAL K 262 -60.94 -24.58 10.01
CA VAL K 262 -60.93 -25.63 9.01
C VAL K 262 -62.33 -25.76 8.41
N THR K 263 -62.37 -26.11 7.11
CA THR K 263 -63.64 -26.26 6.41
C THR K 263 -63.93 -27.73 6.11
N ALA K 264 -64.39 -28.01 4.90
CA ALA K 264 -64.72 -29.37 4.49
C ALA K 264 -63.74 -29.96 3.48
N GLU K 265 -63.27 -29.16 2.52
CA GLU K 265 -62.33 -29.69 1.53
C GLU K 265 -60.95 -29.91 2.13
N ASP K 266 -60.60 -29.14 3.17
CA ASP K 266 -59.30 -29.33 3.81
C ASP K 266 -59.19 -30.71 4.46
N ILE K 267 -60.31 -31.25 4.95
CA ILE K 267 -60.30 -32.60 5.51
C ILE K 267 -60.04 -33.63 4.41
N GLU K 268 -60.64 -33.43 3.24
CA GLU K 268 -60.42 -34.36 2.13
C GLU K 268 -59.02 -34.22 1.55
N ILE K 269 -58.40 -33.05 1.69
CA ILE K 269 -57.04 -32.88 1.19
C ILE K 269 -56.02 -33.47 2.15
N MET K 270 -56.12 -33.11 3.43
CA MET K 270 -55.18 -33.64 4.42
C MET K 270 -55.35 -35.15 4.58
N ASP K 271 -56.59 -35.64 4.56
CA ASP K 271 -56.80 -37.08 4.58
C ASP K 271 -56.45 -37.72 3.24
N MET K 272 -56.55 -36.96 2.15
CA MET K 272 -56.15 -37.48 0.85
C MET K 272 -54.64 -37.69 0.77
N GLU K 273 -53.87 -36.86 1.48
CA GLU K 273 -52.42 -37.04 1.50
C GLU K 273 -52.03 -38.36 2.16
N ARG K 274 -52.84 -38.83 3.11
CA ARG K 274 -52.58 -40.11 3.76
C ARG K 274 -52.61 -41.25 2.76
N GLU K 275 -53.75 -41.42 2.07
CA GLU K 275 -53.86 -42.45 1.04
C GLU K 275 -52.91 -42.20 -0.12
N ARG K 276 -52.51 -40.93 -0.35
CA ARG K 276 -51.52 -40.66 -1.38
C ARG K 276 -50.17 -41.24 -1.01
N ARG K 277 -49.71 -40.98 0.21
CA ARG K 277 -48.45 -41.56 0.66
C ARG K 277 -48.53 -43.07 0.76
N LEU K 278 -49.70 -43.61 1.15
CA LEU K 278 -49.87 -45.06 1.18
C LEU K 278 -49.75 -45.65 -0.23
N ASP K 279 -50.33 -44.97 -1.23
CA ASP K 279 -50.19 -45.44 -2.60
C ASP K 279 -48.76 -45.28 -3.10
N GLU K 280 -48.02 -44.30 -2.57
CA GLU K 280 -46.62 -44.14 -2.94
C GLU K 280 -45.68 -45.04 -2.15
N PHE K 281 -46.18 -45.75 -1.14
CA PHE K 281 -45.36 -46.65 -0.34
C PHE K 281 -45.67 -48.13 -0.57
N GLU K 282 -46.90 -48.47 -0.93
CA GLU K 282 -47.24 -49.86 -1.16
C GLU K 282 -46.64 -50.40 -2.46
N GLU K 283 -46.23 -49.53 -3.38
CA GLU K 283 -45.62 -49.96 -4.62
C GLU K 283 -44.19 -50.44 -4.45
N PHE K 284 -43.58 -50.20 -3.30
CA PHE K 284 -42.21 -50.61 -3.05
C PHE K 284 -42.11 -52.04 -2.52
N HIS K 285 -43.23 -52.70 -2.23
CA HIS K 285 -43.22 -54.05 -1.70
C HIS K 285 -43.31 -55.11 -2.79
N VAL K 286 -43.81 -54.76 -3.96
CA VAL K 286 -43.96 -55.71 -5.07
C VAL K 286 -42.76 -55.56 -6.01
N PRO K 287 -42.05 -56.65 -6.29
CA PRO K 287 -40.95 -56.57 -7.27
C PRO K 287 -41.47 -56.21 -8.65
N GLU K 288 -40.53 -56.10 -9.58
CA GLU K 288 -40.83 -55.70 -10.95
C GLU K 288 -39.87 -56.41 -11.90
N ARG K 289 -38.68 -56.73 -11.42
CA ARG K 289 -37.66 -57.36 -12.23
C ARG K 289 -36.62 -57.99 -11.32
N ILE K 290 -36.00 -59.07 -11.78
CA ILE K 290 -34.83 -59.67 -11.13
C ILE K 290 -33.64 -59.36 -12.02
N ILE K 291 -32.71 -58.56 -11.51
CA ILE K 291 -31.53 -58.19 -12.29
C ILE K 291 -30.58 -59.37 -12.41
N ASP K 292 -29.90 -59.70 -11.32
CA ASP K 292 -28.91 -60.77 -11.28
C ASP K 292 -29.31 -61.80 -10.24
N SER K 293 -28.53 -62.87 -10.16
CA SER K 293 -28.78 -63.96 -9.22
C SER K 293 -27.44 -64.63 -8.92
N GLN K 294 -26.80 -64.20 -7.82
CA GLN K 294 -25.52 -64.73 -7.40
C GLN K 294 -25.66 -65.40 -6.04
N ARG K 295 -25.18 -66.63 -5.92
CA ARG K 295 -25.28 -67.37 -4.68
C ARG K 295 -24.20 -66.90 -3.72
N ALA K 296 -24.62 -66.30 -2.61
CA ALA K 296 -23.70 -65.79 -1.59
C ALA K 296 -23.72 -66.71 -0.38
N SER K 297 -22.59 -66.75 0.32
CA SER K 297 -22.47 -67.57 1.51
C SER K 297 -22.98 -66.82 2.74
N LEU K 298 -23.26 -67.57 3.79
CA LEU K 298 -23.75 -67.03 5.05
C LEU K 298 -22.71 -67.22 6.14
N GLU K 299 -23.14 -67.04 7.39
CA GLU K 299 -22.25 -67.17 8.54
C GLU K 299 -22.15 -68.60 9.05
N ASP K 300 -23.07 -69.48 8.65
CA ASP K 300 -23.07 -70.87 9.09
C ASP K 300 -22.41 -71.80 8.08
N GLY K 301 -21.78 -71.26 7.04
CA GLY K 301 -21.12 -72.05 6.03
C GLY K 301 -21.96 -72.36 4.80
N THR K 302 -23.28 -72.27 4.91
CA THR K 302 -24.14 -72.55 3.77
C THR K 302 -24.12 -71.40 2.78
N SER K 303 -24.57 -71.70 1.56
CA SER K 303 -24.61 -70.72 0.48
C SER K 303 -26.00 -70.72 -0.13
N GLN K 304 -26.69 -69.59 -0.02
CA GLN K 304 -28.04 -69.43 -0.55
C GLN K 304 -28.02 -68.51 -1.76
N LEU K 305 -28.92 -68.78 -2.70
CA LEU K 305 -29.01 -67.99 -3.93
C LEU K 305 -29.90 -66.78 -3.69
N GLN K 306 -29.31 -65.60 -3.80
CA GLN K 306 -30.01 -64.34 -3.58
C GLN K 306 -30.18 -63.60 -4.90
N TYR K 307 -31.32 -62.93 -5.05
CA TYR K 307 -31.69 -62.25 -6.28
C TYR K 307 -31.54 -60.74 -6.11
N LEU K 308 -31.07 -60.07 -7.16
CA LEU K 308 -30.97 -58.61 -7.18
C LEU K 308 -32.32 -58.06 -7.61
N VAL K 309 -33.17 -57.80 -6.62
CA VAL K 309 -34.57 -57.46 -6.87
C VAL K 309 -34.70 -55.99 -7.24
N LYS K 310 -35.48 -55.73 -8.29
CA LYS K 310 -35.83 -54.38 -8.73
C LYS K 310 -37.30 -54.14 -8.41
N TRP K 311 -37.58 -53.04 -7.72
CA TRP K 311 -38.92 -52.76 -7.23
C TRP K 311 -39.67 -51.82 -8.17
N ARG K 312 -40.98 -51.71 -7.94
CA ARG K 312 -41.85 -50.91 -8.78
C ARG K 312 -41.82 -49.44 -8.35
N ARG K 313 -41.94 -48.56 -9.34
CA ARG K 313 -41.98 -47.11 -9.12
C ARG K 313 -40.76 -46.64 -8.33
N LEU K 314 -39.59 -47.15 -8.73
CA LEU K 314 -38.35 -46.83 -8.05
C LEU K 314 -37.20 -46.89 -9.05
N ASN K 315 -36.17 -46.10 -8.80
CA ASN K 315 -34.98 -46.11 -9.63
C ASN K 315 -34.21 -47.42 -9.45
N TYR K 316 -33.21 -47.63 -10.30
CA TYR K 316 -32.39 -48.83 -10.22
C TYR K 316 -31.60 -48.92 -8.92
N ASP K 317 -31.50 -47.83 -8.16
CA ASP K 317 -30.82 -47.86 -6.88
C ASP K 317 -31.67 -48.60 -5.84
N GLU K 318 -31.12 -48.74 -4.63
CA GLU K 318 -31.78 -49.43 -3.52
C GLU K 318 -32.19 -50.85 -3.89
N ALA K 319 -31.38 -51.51 -4.73
CA ALA K 319 -31.65 -52.88 -5.16
C ALA K 319 -31.02 -53.83 -4.15
N THR K 320 -31.83 -54.35 -3.23
CA THR K 320 -31.34 -55.23 -2.18
C THR K 320 -31.39 -56.69 -2.64
N TRP K 321 -30.54 -57.50 -2.02
CA TRP K 321 -30.50 -58.94 -2.31
C TRP K 321 -31.49 -59.67 -1.41
N GLU K 322 -32.39 -60.43 -2.01
CA GLU K 322 -33.38 -61.20 -1.29
C GLU K 322 -33.21 -62.68 -1.62
N ASN K 323 -33.29 -63.52 -0.59
CA ASN K 323 -33.12 -64.95 -0.78
C ASN K 323 -34.29 -65.54 -1.57
N ALA K 324 -34.03 -66.67 -2.22
CA ALA K 324 -35.03 -67.34 -3.04
C ALA K 324 -36.03 -68.16 -2.23
N THR K 325 -36.12 -67.92 -0.91
CA THR K 325 -37.07 -68.65 -0.07
C THR K 325 -38.40 -67.93 0.07
N ASP K 326 -38.47 -66.65 -0.26
CA ASP K 326 -39.70 -65.89 -0.17
C ASP K 326 -40.07 -65.15 -1.45
N ILE K 327 -39.17 -65.05 -2.43
CA ILE K 327 -39.51 -64.37 -3.68
C ILE K 327 -40.46 -65.21 -4.51
N VAL K 328 -40.23 -66.53 -4.55
CA VAL K 328 -41.11 -67.40 -5.32
C VAL K 328 -42.46 -67.58 -4.64
N LYS K 329 -42.58 -67.23 -3.37
CA LYS K 329 -43.83 -67.31 -2.64
C LYS K 329 -44.63 -66.02 -2.69
N LEU K 330 -44.13 -65.00 -3.41
CA LEU K 330 -44.82 -63.72 -3.52
C LEU K 330 -45.10 -63.34 -4.96
N ALA K 331 -44.11 -63.47 -5.85
CA ALA K 331 -44.28 -63.13 -7.27
C ALA K 331 -43.54 -64.17 -8.11
N PRO K 332 -44.18 -65.31 -8.37
CA PRO K 332 -43.52 -66.34 -9.20
C PRO K 332 -43.34 -65.93 -10.64
N GLU K 333 -44.11 -64.97 -11.14
CA GLU K 333 -43.99 -64.54 -12.54
C GLU K 333 -42.62 -63.94 -12.81
N GLN K 334 -42.05 -63.21 -11.84
CA GLN K 334 -40.75 -62.61 -12.05
C GLN K 334 -39.64 -63.67 -12.04
N VAL K 335 -39.82 -64.73 -11.26
CA VAL K 335 -38.81 -65.80 -11.24
C VAL K 335 -38.89 -66.63 -12.52
N LYS K 336 -40.10 -66.99 -12.93
CA LYS K 336 -40.27 -67.77 -14.16
C LYS K 336 -39.80 -66.97 -15.38
N HIS K 337 -40.14 -65.69 -15.44
CA HIS K 337 -39.67 -64.85 -16.53
C HIS K 337 -38.16 -64.63 -16.46
N PHE K 338 -37.62 -64.53 -15.23
CA PHE K 338 -36.17 -64.41 -15.08
C PHE K 338 -35.46 -65.64 -15.61
N GLN K 339 -36.04 -66.82 -15.40
CA GLN K 339 -35.48 -68.04 -15.98
C GLN K 339 -35.70 -68.08 -17.48
N ASN K 340 -36.79 -67.48 -17.97
CA ASN K 340 -37.03 -67.44 -19.41
C ASN K 340 -36.03 -66.54 -20.12
N ARG K 341 -35.56 -65.49 -19.46
CA ARG K 341 -34.54 -64.63 -20.07
C ARG K 341 -33.22 -65.37 -20.23
N GLU K 342 -32.94 -66.33 -19.35
CA GLU K 342 -31.72 -67.11 -19.46
C GLU K 342 -31.88 -68.29 -20.41
N ASN K 343 -33.08 -68.87 -20.49
CA ASN K 343 -33.31 -69.99 -21.41
C ASN K 343 -33.35 -69.51 -22.85
N SER K 344 -34.08 -68.42 -23.12
CA SER K 344 -34.16 -67.85 -24.46
C SER K 344 -32.85 -67.13 -24.75
N LYS K 345 -31.86 -67.91 -25.18
CA LYS K 345 -30.52 -67.39 -25.47
C LYS K 345 -30.58 -66.59 -26.76
N ILE K 346 -30.62 -65.26 -26.64
CA ILE K 346 -30.66 -64.37 -27.78
C ILE K 346 -29.40 -63.52 -27.81
N LEU K 347 -28.26 -64.16 -27.55
CA LEU K 347 -26.99 -63.44 -27.53
C LEU K 347 -26.55 -63.09 -28.95
N PRO K 348 -25.74 -62.03 -29.11
CA PRO K 348 -25.35 -61.60 -30.46
C PRO K 348 -24.43 -62.57 -31.19
N GLN K 349 -23.83 -63.53 -30.49
CA GLN K 349 -22.96 -64.49 -31.18
C GLN K 349 -23.74 -65.43 -32.08
N TYR K 350 -25.04 -65.62 -31.81
CA TYR K 350 -25.90 -66.43 -32.67
C TYR K 350 -26.50 -65.63 -33.81
N SER K 351 -26.40 -64.31 -33.79
CA SER K 351 -27.00 -63.48 -34.82
C SER K 351 -26.35 -63.75 -36.18
N SER K 352 -27.15 -63.62 -37.24
CA SER K 352 -26.65 -63.82 -38.58
C SER K 352 -25.78 -62.63 -39.02
N ASN K 353 -25.00 -62.85 -40.07
CA ASN K 353 -24.08 -61.85 -40.61
C ASN K 353 -24.35 -61.73 -42.11
N TYR K 354 -25.44 -61.05 -42.46
CA TYR K 354 -25.79 -60.80 -43.85
C TYR K 354 -25.19 -59.51 -44.39
N THR K 355 -24.09 -59.03 -43.78
CA THR K 355 -23.46 -57.81 -44.26
C THR K 355 -22.79 -58.00 -45.62
N SER K 356 -22.39 -59.24 -45.94
CA SER K 356 -21.77 -59.52 -47.22
C SER K 356 -22.79 -59.82 -48.32
N GLN K 357 -23.93 -60.38 -47.96
CA GLN K 357 -24.97 -60.69 -48.94
C GLN K 357 -26.31 -60.74 -48.23
N ARG K 358 -27.27 -59.95 -48.71
CA ARG K 358 -28.59 -59.94 -48.10
C ARG K 358 -29.41 -61.12 -48.59
N PRO K 359 -30.22 -61.73 -47.73
CA PRO K 359 -31.02 -62.89 -48.14
C PRO K 359 -32.19 -62.47 -49.03
N ARG K 360 -32.89 -63.48 -49.54
CA ARG K 360 -34.06 -63.23 -50.38
C ARG K 360 -35.22 -62.76 -49.53
N PHE K 361 -35.74 -61.57 -49.83
CA PHE K 361 -36.83 -60.98 -49.09
C PHE K 361 -38.16 -61.26 -49.78
N GLU K 362 -39.19 -61.53 -48.97
CA GLU K 362 -40.53 -61.81 -49.45
C GLU K 362 -41.50 -60.88 -48.75
N LYS K 363 -42.27 -60.11 -49.53
CA LYS K 363 -43.26 -59.19 -48.96
C LYS K 363 -44.43 -59.99 -48.39
N LEU K 364 -44.54 -60.02 -47.06
CA LEU K 364 -45.60 -60.76 -46.40
C LEU K 364 -46.91 -59.99 -46.43
N SER K 365 -48.00 -60.68 -46.07
CA SER K 365 -49.30 -60.03 -46.03
C SER K 365 -50.01 -60.31 -44.71
N VAL K 366 -49.74 -61.46 -44.09
CA VAL K 366 -50.36 -61.80 -42.81
C VAL K 366 -49.51 -61.25 -41.68
N GLN K 367 -49.86 -61.62 -40.44
CA GLN K 367 -49.17 -61.17 -39.24
C GLN K 367 -48.42 -62.31 -38.58
N PRO K 368 -47.24 -62.04 -38.02
CA PRO K 368 -46.47 -63.13 -37.41
C PRO K 368 -47.02 -63.48 -36.04
N PRO K 369 -46.88 -64.73 -35.60
CA PRO K 369 -47.44 -65.16 -34.32
C PRO K 369 -46.66 -64.68 -33.10
N PHE K 370 -46.36 -63.38 -33.07
CA PHE K 370 -45.63 -62.77 -31.97
C PHE K 370 -46.41 -61.65 -31.30
N ILE K 371 -47.55 -61.24 -31.86
CA ILE K 371 -48.38 -60.20 -31.28
C ILE K 371 -49.29 -60.87 -30.25
N LYS K 372 -48.88 -60.82 -29.00
CA LYS K 372 -49.67 -61.38 -27.91
C LYS K 372 -50.64 -60.36 -27.30
N GLY K 373 -50.43 -59.08 -27.56
CA GLY K 373 -51.30 -58.06 -27.01
C GLY K 373 -52.65 -57.98 -27.73
N GLY K 374 -52.62 -57.62 -29.01
CA GLY K 374 -53.84 -57.51 -29.78
C GLY K 374 -53.56 -57.72 -31.25
N GLU K 375 -54.61 -57.56 -32.05
CA GLU K 375 -54.51 -57.73 -33.49
C GLU K 375 -54.17 -56.40 -34.15
N LEU K 376 -53.67 -56.50 -35.38
CA LEU K 376 -53.29 -55.34 -36.17
C LEU K 376 -54.16 -55.24 -37.41
N ARG K 377 -54.21 -54.03 -37.98
CA ARG K 377 -55.01 -53.79 -39.18
C ARG K 377 -54.21 -54.13 -40.43
N ASP K 378 -54.27 -53.26 -41.43
CA ASP K 378 -53.58 -53.47 -42.70
C ASP K 378 -52.41 -52.53 -42.93
N PHE K 379 -52.55 -51.25 -42.56
CA PHE K 379 -51.46 -50.31 -42.77
C PHE K 379 -50.31 -50.52 -41.79
N GLN K 380 -50.57 -51.19 -40.66
CA GLN K 380 -49.46 -51.56 -39.78
C GLN K 380 -48.57 -52.61 -40.44
N LEU K 381 -49.17 -53.69 -40.93
CA LEU K 381 -48.40 -54.71 -41.64
C LEU K 381 -47.81 -54.16 -42.92
N THR K 382 -48.47 -53.17 -43.54
CA THR K 382 -47.90 -52.51 -44.71
C THR K 382 -46.65 -51.72 -44.33
N GLY K 383 -46.69 -51.01 -43.20
CA GLY K 383 -45.51 -50.30 -42.74
C GLY K 383 -44.38 -51.23 -42.36
N ILE K 384 -44.72 -52.37 -41.74
CA ILE K 384 -43.70 -53.36 -41.42
C ILE K 384 -43.08 -53.92 -42.70
N ASN K 385 -43.92 -54.19 -43.71
CA ASN K 385 -43.40 -54.66 -44.99
C ASN K 385 -42.61 -53.58 -45.72
N TRP K 386 -42.82 -52.31 -45.39
CA TRP K 386 -42.01 -51.25 -45.99
C TRP K 386 -40.67 -51.12 -45.29
N MET K 387 -40.66 -51.16 -43.96
CA MET K 387 -39.39 -51.10 -43.22
C MET K 387 -38.52 -52.31 -43.53
N ALA K 388 -39.12 -53.51 -43.56
CA ALA K 388 -38.38 -54.70 -43.94
C ALA K 388 -38.12 -54.76 -45.44
N PHE K 389 -38.93 -54.05 -46.24
CA PHE K 389 -38.69 -54.01 -47.68
C PHE K 389 -37.47 -53.16 -48.01
N LEU K 390 -37.30 -52.03 -47.32
CA LEU K 390 -36.13 -51.20 -47.52
C LEU K 390 -34.92 -51.68 -46.72
N TRP K 391 -35.14 -52.44 -45.64
CA TRP K 391 -34.04 -52.96 -44.86
C TRP K 391 -33.22 -53.98 -45.64
N SER K 392 -33.86 -54.72 -46.55
CA SER K 392 -33.14 -55.74 -47.32
C SER K 392 -32.24 -55.14 -48.38
N LYS K 393 -32.43 -53.86 -48.72
CA LYS K 393 -31.61 -53.19 -49.71
C LYS K 393 -30.46 -52.40 -49.11
N GLY K 394 -30.25 -52.49 -47.80
CA GLY K 394 -29.17 -51.78 -47.16
C GLY K 394 -29.37 -50.28 -47.07
N ASP K 395 -30.61 -49.81 -47.11
CA ASP K 395 -30.93 -48.39 -47.04
C ASP K 395 -31.76 -48.11 -45.81
N ASN K 396 -31.89 -46.82 -45.48
CA ASN K 396 -32.64 -46.37 -44.33
C ASN K 396 -33.73 -45.40 -44.77
N GLY K 397 -34.85 -45.44 -44.06
CA GLY K 397 -35.98 -44.58 -44.35
C GLY K 397 -36.44 -43.83 -43.11
N ILE K 398 -37.44 -42.98 -43.31
CA ILE K 398 -38.01 -42.16 -42.26
C ILE K 398 -39.51 -42.44 -42.20
N LEU K 399 -40.00 -42.82 -41.02
CA LEU K 399 -41.41 -43.12 -40.82
C LEU K 399 -42.12 -41.82 -40.47
N ALA K 400 -42.79 -41.22 -41.45
CA ALA K 400 -43.48 -39.95 -41.24
C ALA K 400 -44.99 -40.12 -41.36
N ASP K 401 -45.57 -40.93 -40.49
CA ASP K 401 -47.01 -41.16 -40.50
C ASP K 401 -47.69 -40.19 -39.54
N GLU K 402 -48.96 -40.43 -39.24
CA GLU K 402 -49.75 -39.57 -38.37
C GLU K 402 -49.64 -40.03 -36.93
N MET K 403 -49.68 -39.06 -36.01
CA MET K 403 -49.55 -39.37 -34.58
C MET K 403 -50.77 -40.14 -34.09
N GLY K 404 -50.58 -41.41 -33.79
CA GLY K 404 -51.64 -42.28 -33.31
C GLY K 404 -51.81 -43.58 -34.07
N LEU K 405 -51.17 -43.74 -35.22
CA LEU K 405 -51.33 -44.92 -36.05
C LEU K 405 -50.50 -46.11 -35.58
N GLY K 406 -50.11 -46.15 -34.31
CA GLY K 406 -49.33 -47.26 -33.79
C GLY K 406 -47.88 -47.26 -34.24
N LYS K 407 -47.22 -46.10 -34.22
CA LYS K 407 -45.82 -46.02 -34.65
C LYS K 407 -44.91 -46.74 -33.67
N THR K 408 -45.30 -46.85 -32.40
CA THR K 408 -44.48 -47.56 -31.43
C THR K 408 -44.63 -49.07 -31.58
N VAL K 409 -45.86 -49.54 -31.83
CA VAL K 409 -46.09 -50.98 -31.99
C VAL K 409 -45.42 -51.50 -33.25
N GLN K 410 -45.40 -50.70 -34.32
CA GLN K 410 -44.72 -51.12 -35.54
C GLN K 410 -43.22 -51.26 -35.33
N THR K 411 -42.65 -50.44 -34.44
CA THR K 411 -41.22 -50.55 -34.16
C THR K 411 -40.91 -51.82 -33.37
N VAL K 412 -41.71 -52.12 -32.36
CA VAL K 412 -41.49 -53.33 -31.56
C VAL K 412 -41.73 -54.57 -32.41
N ALA K 413 -42.77 -54.55 -33.25
CA ALA K 413 -43.05 -55.70 -34.10
C ALA K 413 -41.98 -55.86 -35.18
N PHE K 414 -41.44 -54.75 -35.68
CA PHE K 414 -40.38 -54.83 -36.68
C PHE K 414 -39.08 -55.34 -36.07
N ILE K 415 -38.78 -54.94 -34.83
CA ILE K 415 -37.58 -55.42 -34.17
C ILE K 415 -37.72 -56.90 -33.81
N SER K 416 -38.88 -57.29 -33.31
CA SER K 416 -39.10 -58.69 -32.95
C SER K 416 -39.06 -59.58 -34.18
N TRP K 417 -39.74 -59.16 -35.26
CA TRP K 417 -39.72 -59.94 -36.50
C TRP K 417 -38.33 -59.95 -37.12
N LEU K 418 -37.55 -58.88 -36.95
CA LEU K 418 -36.20 -58.86 -37.50
C LEU K 418 -35.26 -59.75 -36.69
N ILE K 419 -35.51 -59.89 -35.40
CA ILE K 419 -34.66 -60.72 -34.55
C ILE K 419 -34.99 -62.19 -34.73
N PHE K 420 -36.27 -62.55 -34.67
CA PHE K 420 -36.69 -63.93 -34.78
C PHE K 420 -36.86 -64.42 -36.21
N ALA K 421 -36.81 -63.51 -37.20
CA ALA K 421 -36.96 -63.89 -38.60
C ALA K 421 -35.62 -63.93 -39.32
N ARG K 422 -34.93 -62.79 -39.40
CA ARG K 422 -33.66 -62.69 -40.09
C ARG K 422 -32.48 -63.08 -39.19
N ARG K 423 -32.76 -63.59 -37.98
CA ARG K 423 -31.72 -64.01 -37.03
C ARG K 423 -30.77 -62.85 -36.72
N GLN K 424 -31.35 -61.75 -36.25
CA GLN K 424 -30.57 -60.58 -35.89
C GLN K 424 -30.68 -60.29 -34.39
N ASN K 425 -30.27 -61.25 -33.57
CA ASN K 425 -30.34 -61.15 -32.11
C ASN K 425 -29.34 -60.15 -31.52
N GLY K 426 -28.63 -59.37 -32.33
CA GLY K 426 -27.66 -58.44 -31.83
C GLY K 426 -28.29 -57.30 -31.05
N PRO K 427 -27.47 -56.55 -30.31
CA PRO K 427 -28.01 -55.43 -29.52
C PRO K 427 -28.52 -54.32 -30.42
N HIS K 428 -29.69 -53.79 -30.08
CA HIS K 428 -30.31 -52.69 -30.82
C HIS K 428 -30.62 -51.56 -29.85
N ILE K 429 -30.07 -50.38 -30.11
CA ILE K 429 -30.27 -49.22 -29.26
C ILE K 429 -31.47 -48.43 -29.76
N ILE K 430 -32.41 -48.15 -28.86
CA ILE K 430 -33.60 -47.38 -29.16
C ILE K 430 -33.68 -46.25 -28.14
N VAL K 431 -33.39 -45.03 -28.57
CA VAL K 431 -33.38 -43.88 -27.68
C VAL K 431 -34.80 -43.36 -27.51
N VAL K 432 -35.26 -43.28 -26.27
CA VAL K 432 -36.62 -42.85 -25.95
C VAL K 432 -36.54 -41.84 -24.82
N PRO K 433 -37.29 -40.73 -24.88
CA PRO K 433 -37.28 -39.76 -23.79
C PRO K 433 -37.69 -40.39 -22.47
N LEU K 434 -37.28 -39.73 -21.38
CA LEU K 434 -37.54 -40.27 -20.05
C LEU K 434 -39.02 -40.30 -19.71
N SER K 435 -39.79 -39.36 -20.27
CA SER K 435 -41.23 -39.33 -19.98
C SER K 435 -41.95 -40.51 -20.62
N THR K 436 -41.53 -40.92 -21.81
CA THR K 436 -42.17 -42.02 -22.53
C THR K 436 -41.54 -43.37 -22.24
N MET K 437 -40.45 -43.42 -21.46
CA MET K 437 -39.77 -44.68 -21.22
C MET K 437 -40.65 -45.70 -20.50
N PRO K 438 -41.35 -45.38 -19.41
CA PRO K 438 -42.25 -46.38 -18.81
C PRO K 438 -43.38 -46.81 -19.72
N ALA K 439 -43.87 -45.92 -20.58
CA ALA K 439 -44.91 -46.29 -21.54
C ALA K 439 -44.38 -47.30 -22.54
N TRP K 440 -43.18 -47.08 -23.07
CA TRP K 440 -42.56 -48.04 -23.97
C TRP K 440 -42.19 -49.33 -23.25
N LEU K 441 -41.97 -49.29 -21.94
CA LEU K 441 -41.71 -50.51 -21.19
C LEU K 441 -42.98 -51.34 -21.04
N ASP K 442 -44.08 -50.68 -20.65
CA ASP K 442 -45.35 -51.40 -20.49
C ASP K 442 -45.86 -51.93 -21.81
N THR K 443 -45.78 -51.12 -22.87
CA THR K 443 -46.19 -51.59 -24.19
C THR K 443 -45.25 -52.69 -24.70
N PHE K 444 -43.96 -52.54 -24.43
CA PHE K 444 -42.98 -53.52 -24.90
C PHE K 444 -43.18 -54.87 -24.25
N GLU K 445 -43.47 -54.88 -22.94
CA GLU K 445 -43.71 -56.14 -22.24
C GLU K 445 -45.11 -56.68 -22.52
N LYS K 446 -46.05 -55.81 -22.86
CA LYS K 446 -47.42 -56.25 -23.15
C LYS K 446 -47.53 -56.86 -24.54
N TRP K 447 -46.74 -56.37 -25.49
CA TRP K 447 -46.77 -56.90 -26.85
C TRP K 447 -45.68 -57.94 -27.11
N ALA K 448 -44.52 -57.82 -26.48
CA ALA K 448 -43.39 -58.74 -26.67
C ALA K 448 -42.80 -59.08 -25.32
N PRO K 449 -43.43 -60.00 -24.56
CA PRO K 449 -42.89 -60.36 -23.25
C PRO K 449 -41.68 -61.26 -23.32
N ASP K 450 -41.40 -61.89 -24.46
CA ASP K 450 -40.26 -62.80 -24.57
C ASP K 450 -38.93 -62.07 -24.63
N LEU K 451 -38.93 -60.76 -24.84
CA LEU K 451 -37.71 -59.96 -24.92
C LEU K 451 -37.60 -59.06 -23.70
N ASN K 452 -36.40 -59.00 -23.13
CA ASN K 452 -36.15 -58.14 -21.98
C ASN K 452 -36.18 -56.67 -22.40
N CYS K 453 -36.37 -55.80 -21.41
CA CYS K 453 -36.46 -54.36 -21.64
C CYS K 453 -35.73 -53.60 -20.54
N ILE K 454 -34.47 -53.98 -20.31
CA ILE K 454 -33.63 -53.32 -19.31
C ILE K 454 -33.18 -51.97 -19.86
N CYS K 455 -33.82 -50.90 -19.42
CA CYS K 455 -33.51 -49.55 -19.90
C CYS K 455 -32.32 -49.00 -19.12
N TYR K 456 -32.06 -47.69 -19.29
CA TYR K 456 -30.94 -47.02 -18.65
C TYR K 456 -31.44 -45.74 -18.01
N MET K 457 -31.50 -45.73 -16.67
CA MET K 457 -31.92 -44.55 -15.91
C MET K 457 -30.96 -44.36 -14.75
N GLY K 458 -31.24 -43.35 -13.93
CA GLY K 458 -30.42 -43.07 -12.76
C GLY K 458 -29.43 -41.95 -12.95
N ASN K 459 -28.31 -42.01 -12.22
CA ASN K 459 -27.31 -40.97 -12.28
C ASN K 459 -25.92 -41.49 -11.90
N GLN K 460 -25.81 -42.13 -10.73
CA GLN K 460 -24.52 -42.59 -10.22
C GLN K 460 -24.56 -44.07 -9.89
N LYS K 461 -25.28 -44.49 -8.86
CA LYS K 461 -25.31 -45.90 -8.49
C LYS K 461 -26.03 -46.74 -9.55
N SER K 462 -27.07 -46.19 -10.18
CA SER K 462 -27.75 -46.91 -11.24
C SER K 462 -26.83 -47.14 -12.44
N ARG K 463 -25.90 -46.21 -12.68
CA ARG K 463 -24.88 -46.44 -13.71
C ARG K 463 -24.00 -47.63 -13.35
N ASP K 464 -23.66 -47.77 -12.07
CA ASP K 464 -22.91 -48.94 -11.63
C ASP K 464 -23.74 -50.22 -11.76
N THR K 465 -25.06 -50.11 -11.59
CA THR K 465 -25.92 -51.27 -11.79
C THR K 465 -25.97 -51.68 -13.26
N ILE K 466 -26.08 -50.70 -14.16
CA ILE K 466 -26.11 -51.01 -15.59
C ILE K 466 -24.76 -51.54 -16.05
N ARG K 467 -23.67 -51.07 -15.44
CA ARG K 467 -22.34 -51.54 -15.83
C ARG K 467 -22.06 -52.94 -15.29
N GLU K 468 -22.52 -53.23 -14.07
CA GLU K 468 -22.34 -54.57 -13.52
C GLU K 468 -23.29 -55.57 -14.16
N TYR K 469 -24.42 -55.11 -14.70
CA TYR K 469 -25.32 -55.99 -15.44
C TYR K 469 -24.94 -56.10 -16.90
N GLU K 470 -24.12 -55.18 -17.41
CA GLU K 470 -23.78 -55.16 -18.82
C GLU K 470 -22.88 -56.33 -19.19
N PHE K 471 -21.72 -56.43 -18.55
CA PHE K 471 -20.77 -57.51 -18.81
C PHE K 471 -20.37 -58.16 -17.50
N TYR K 472 -19.62 -59.26 -17.60
CA TYR K 472 -19.12 -59.97 -16.44
C TYR K 472 -17.79 -59.37 -16.00
N THR K 473 -17.43 -59.66 -14.74
CA THR K 473 -16.18 -59.16 -14.15
C THR K 473 -15.03 -60.00 -14.68
N ASN K 474 -14.64 -59.72 -15.93
CA ASN K 474 -13.52 -60.40 -16.57
C ASN K 474 -12.96 -59.49 -17.65
N PRO K 475 -11.64 -59.55 -17.91
CA PRO K 475 -11.01 -58.72 -18.94
C PRO K 475 -11.34 -59.20 -20.35
N LYS K 481 -16.84 -60.21 -21.65
CA LYS K 481 -17.61 -60.02 -22.88
C LYS K 481 -18.84 -60.91 -22.91
N THR K 482 -19.72 -60.73 -21.93
CA THR K 482 -20.95 -61.49 -21.80
C THR K 482 -22.13 -60.55 -22.02
N MET K 483 -22.63 -60.50 -23.26
CA MET K 483 -23.74 -59.63 -23.62
C MET K 483 -25.03 -60.25 -23.11
N LYS K 484 -25.60 -59.67 -22.04
CA LYS K 484 -26.84 -60.16 -21.46
C LYS K 484 -28.01 -59.22 -21.73
N PHE K 485 -27.94 -58.43 -22.80
CA PHE K 485 -29.00 -57.50 -23.15
C PHE K 485 -29.01 -57.33 -24.66
N ASN K 486 -29.95 -56.52 -25.15
CA ASN K 486 -30.06 -56.24 -26.57
C ASN K 486 -30.82 -54.95 -26.83
N VAL K 487 -32.00 -54.81 -26.21
CA VAL K 487 -32.86 -53.65 -26.39
C VAL K 487 -32.86 -52.85 -25.10
N LEU K 488 -32.56 -51.56 -25.21
CA LEU K 488 -32.55 -50.66 -24.06
C LEU K 488 -33.13 -49.32 -24.47
N LEU K 489 -33.37 -48.47 -23.47
CA LEU K 489 -33.91 -47.14 -23.68
C LEU K 489 -33.00 -46.12 -23.00
N THR K 490 -32.44 -45.21 -23.78
CA THR K 490 -31.52 -44.20 -23.29
C THR K 490 -32.08 -42.81 -23.57
N THR K 491 -32.09 -41.97 -22.54
CA THR K 491 -32.59 -40.61 -22.69
C THR K 491 -31.57 -39.76 -23.46
N TYR K 492 -32.05 -38.61 -23.96
CA TYR K 492 -31.19 -37.73 -24.74
C TYR K 492 -30.04 -37.17 -23.90
N GLU K 493 -30.32 -36.83 -22.64
CA GLU K 493 -29.27 -36.28 -21.78
C GLU K 493 -28.27 -37.36 -21.36
N TYR K 494 -28.71 -38.60 -21.22
CA TYR K 494 -27.81 -39.69 -20.88
C TYR K 494 -26.82 -39.98 -21.99
N ILE K 495 -27.14 -39.62 -23.24
CA ILE K 495 -26.18 -39.78 -24.32
C ILE K 495 -25.04 -38.78 -24.18
N LEU K 496 -25.37 -37.50 -24.01
CA LEU K 496 -24.35 -36.47 -23.88
C LEU K 496 -23.56 -36.63 -22.58
N LYS K 497 -24.20 -37.17 -21.53
CA LYS K 497 -23.50 -37.34 -20.26
C LYS K 497 -22.55 -38.54 -20.30
N ASP K 498 -22.95 -39.61 -20.99
CA ASP K 498 -22.16 -40.84 -21.07
C ASP K 498 -21.98 -41.22 -22.53
N ARG K 499 -20.87 -40.77 -23.12
CA ARG K 499 -20.53 -41.12 -24.50
C ARG K 499 -19.50 -42.24 -24.58
N ALA K 500 -18.69 -42.43 -23.54
CA ALA K 500 -17.68 -43.48 -23.57
C ALA K 500 -18.29 -44.85 -23.30
N GLU K 501 -19.31 -44.92 -22.44
CA GLU K 501 -19.93 -46.20 -22.13
C GLU K 501 -20.77 -46.70 -23.30
N LEU K 502 -21.57 -45.83 -23.91
CA LEU K 502 -22.40 -46.23 -25.03
C LEU K 502 -21.61 -46.28 -26.33
N GLY K 503 -20.55 -45.48 -26.45
CA GLY K 503 -19.75 -45.48 -27.66
C GLY K 503 -18.82 -46.66 -27.82
N SER K 504 -18.47 -47.33 -26.72
CA SER K 504 -17.58 -48.48 -26.77
C SER K 504 -18.31 -49.78 -27.10
N ILE K 505 -19.61 -49.72 -27.36
CA ILE K 505 -20.41 -50.90 -27.69
C ILE K 505 -20.89 -50.78 -29.13
N LYS K 506 -20.81 -51.88 -29.86
CA LYS K 506 -21.24 -51.90 -31.25
C LYS K 506 -22.76 -52.01 -31.35
N TRP K 507 -23.33 -51.34 -32.35
CA TRP K 507 -24.77 -51.37 -32.60
C TRP K 507 -25.01 -51.55 -34.08
N GLN K 508 -26.24 -51.90 -34.43
CA GLN K 508 -26.64 -52.07 -35.83
C GLN K 508 -27.96 -51.44 -36.19
N PHE K 509 -28.86 -51.19 -35.24
CA PHE K 509 -30.15 -50.56 -35.51
C PHE K 509 -30.40 -49.47 -34.49
N MET K 510 -30.91 -48.34 -34.95
CA MET K 510 -31.19 -47.19 -34.10
C MET K 510 -32.58 -46.66 -34.40
N ALA K 511 -33.40 -46.54 -33.35
CA ALA K 511 -34.75 -46.01 -33.47
C ALA K 511 -34.91 -44.86 -32.48
N VAL K 512 -35.67 -43.85 -32.89
CA VAL K 512 -35.89 -42.67 -32.07
C VAL K 512 -37.31 -42.17 -32.28
N ASP K 513 -37.99 -41.85 -31.18
CA ASP K 513 -39.32 -41.28 -31.22
C ASP K 513 -39.23 -39.77 -31.01
N GLU K 514 -40.02 -39.03 -31.79
CA GLU K 514 -39.99 -37.56 -31.78
C GLU K 514 -38.59 -37.04 -32.09
N ALA K 515 -38.14 -37.34 -33.32
CA ALA K 515 -36.80 -36.98 -33.76
C ALA K 515 -36.70 -35.54 -34.26
N HIS K 516 -37.45 -34.62 -33.66
CA HIS K 516 -37.36 -33.22 -34.02
C HIS K 516 -36.16 -32.52 -33.39
N ARG K 517 -35.45 -33.18 -32.47
CA ARG K 517 -34.28 -32.57 -31.85
C ARG K 517 -33.16 -32.33 -32.85
N LEU K 518 -33.14 -33.05 -33.96
CA LEU K 518 -32.13 -32.88 -35.00
C LEU K 518 -32.50 -31.80 -36.01
N LYS K 519 -33.08 -30.69 -35.55
CA LYS K 519 -33.48 -29.63 -36.46
C LYS K 519 -32.27 -28.89 -37.01
N ASN K 520 -31.23 -28.71 -36.20
CA ASN K 520 -30.00 -28.06 -36.61
C ASN K 520 -28.87 -29.07 -36.63
N ALA K 521 -28.04 -29.01 -37.67
CA ALA K 521 -26.93 -29.93 -37.83
C ALA K 521 -25.69 -29.51 -37.07
N GLU K 522 -25.79 -28.51 -36.20
CA GLU K 522 -24.67 -28.02 -35.40
C GLU K 522 -24.95 -28.20 -33.91
N SER K 523 -25.55 -29.32 -33.54
CA SER K 523 -25.88 -29.63 -32.16
C SER K 523 -25.02 -30.79 -31.66
N SER K 524 -25.00 -30.97 -30.34
CA SER K 524 -24.20 -32.03 -29.75
C SER K 524 -24.83 -33.39 -29.99
N LEU K 525 -26.16 -33.47 -30.04
CA LEU K 525 -26.82 -34.75 -30.28
C LEU K 525 -26.66 -35.20 -31.73
N TYR K 526 -26.63 -34.26 -32.67
CA TYR K 526 -26.50 -34.60 -34.08
C TYR K 526 -25.15 -35.24 -34.36
N GLU K 527 -24.08 -34.63 -33.85
CA GLU K 527 -22.75 -35.21 -34.00
C GLU K 527 -22.52 -36.38 -33.05
N SER K 528 -23.31 -36.48 -31.97
CA SER K 528 -23.15 -37.58 -31.04
C SER K 528 -23.74 -38.88 -31.60
N LEU K 529 -24.93 -38.79 -32.21
CA LEU K 529 -25.52 -39.99 -32.80
C LEU K 529 -24.72 -40.50 -33.99
N ASN K 530 -23.98 -39.62 -34.66
CA ASN K 530 -23.17 -40.04 -35.80
C ASN K 530 -21.87 -40.69 -35.38
N SER K 531 -21.52 -40.65 -34.09
CA SER K 531 -20.29 -41.28 -33.62
C SER K 531 -20.47 -42.77 -33.39
N PHE K 532 -21.68 -43.22 -33.10
CA PHE K 532 -21.92 -44.63 -32.85
C PHE K 532 -21.85 -45.41 -34.16
N LYS K 533 -20.94 -46.38 -34.24
CA LYS K 533 -20.77 -47.21 -35.42
C LYS K 533 -21.97 -48.14 -35.56
N VAL K 534 -22.97 -47.70 -36.31
CA VAL K 534 -24.17 -48.49 -36.55
C VAL K 534 -24.24 -48.91 -38.00
N ALA K 535 -25.23 -49.71 -38.36
CA ALA K 535 -25.44 -50.18 -39.73
C ALA K 535 -26.68 -49.59 -40.37
N ASN K 536 -27.82 -49.61 -39.68
CA ASN K 536 -29.07 -49.08 -40.19
C ASN K 536 -29.73 -48.20 -39.15
N ARG K 537 -30.48 -47.20 -39.62
CA ARG K 537 -31.17 -46.26 -38.75
C ARG K 537 -32.63 -46.17 -39.18
N MET K 538 -33.45 -45.57 -38.31
CA MET K 538 -34.87 -45.39 -38.58
C MET K 538 -35.37 -44.20 -37.79
N LEU K 539 -35.96 -43.22 -38.47
CA LEU K 539 -36.46 -42.01 -37.85
C LEU K 539 -37.99 -42.07 -37.83
N ILE K 540 -38.57 -42.07 -36.63
CA ILE K 540 -40.01 -42.12 -36.47
C ILE K 540 -40.49 -40.80 -35.88
N THR K 541 -40.92 -39.88 -36.75
CA THR K 541 -41.37 -38.57 -36.31
C THR K 541 -42.19 -37.94 -37.43
N GLY K 542 -42.79 -36.79 -37.12
CA GLY K 542 -43.57 -36.05 -38.09
C GLY K 542 -43.23 -34.57 -38.06
N THR K 543 -41.95 -34.25 -38.10
CA THR K 543 -41.52 -32.86 -38.00
C THR K 543 -41.80 -32.14 -39.32
N PRO K 544 -42.19 -30.87 -39.26
CA PRO K 544 -42.42 -30.10 -40.50
C PRO K 544 -41.14 -29.82 -41.26
N LEU K 545 -40.88 -30.60 -42.30
CA LEU K 545 -39.66 -30.45 -43.11
C LEU K 545 -39.87 -29.48 -44.28
N GLN K 546 -40.61 -28.40 -44.05
CA GLN K 546 -40.88 -27.42 -45.10
C GLN K 546 -40.52 -25.98 -44.73
N ASN K 547 -40.40 -25.66 -43.44
CA ASN K 547 -40.05 -24.30 -43.05
C ASN K 547 -38.58 -23.99 -43.27
N ASN K 548 -37.72 -25.00 -43.15
CA ASN K 548 -36.28 -24.82 -43.33
C ASN K 548 -35.72 -26.00 -44.10
N ILE K 549 -34.84 -25.70 -45.07
CA ILE K 549 -34.23 -26.77 -45.87
C ILE K 549 -33.17 -27.51 -45.07
N LYS K 550 -32.59 -26.89 -44.05
CA LYS K 550 -31.58 -27.55 -43.23
C LYS K 550 -32.15 -28.71 -42.43
N GLU K 551 -33.47 -28.73 -42.20
CA GLU K 551 -34.08 -29.84 -41.48
C GLU K 551 -34.19 -31.08 -42.35
N LEU K 552 -34.80 -30.93 -43.53
CA LEU K 552 -34.92 -32.06 -44.46
C LEU K 552 -33.54 -32.53 -44.92
N ALA K 553 -32.67 -31.57 -45.28
CA ALA K 553 -31.31 -31.94 -45.68
C ALA K 553 -30.56 -32.58 -44.52
N ALA K 554 -30.80 -32.11 -43.30
CA ALA K 554 -30.18 -32.71 -42.13
C ALA K 554 -30.62 -34.15 -41.95
N LEU K 555 -31.91 -34.43 -42.19
CA LEU K 555 -32.39 -35.80 -42.13
C LEU K 555 -31.94 -36.62 -43.32
N VAL K 556 -31.51 -35.98 -44.41
CA VAL K 556 -31.00 -36.71 -45.56
C VAL K 556 -29.55 -37.14 -45.33
N ASN K 557 -28.69 -36.19 -44.98
CA ASN K 557 -27.29 -36.52 -44.74
C ASN K 557 -27.06 -37.15 -43.37
N PHE K 558 -28.06 -37.15 -42.50
CA PHE K 558 -27.91 -37.82 -41.20
C PHE K 558 -27.84 -39.32 -41.36
N LEU K 559 -28.58 -39.88 -42.32
CA LEU K 559 -28.55 -41.31 -42.59
C LEU K 559 -27.84 -41.67 -43.89
N MET K 560 -27.74 -40.73 -44.83
CA MET K 560 -27.06 -40.97 -46.11
C MET K 560 -26.07 -39.84 -46.36
N PRO K 561 -24.87 -39.93 -45.78
CA PRO K 561 -23.85 -38.88 -46.00
C PRO K 561 -23.40 -38.85 -47.45
N GLY K 562 -23.68 -37.73 -48.12
CA GLY K 562 -23.29 -37.58 -49.51
C GLY K 562 -24.40 -37.01 -50.38
N ARG K 563 -25.64 -37.38 -50.08
CA ARG K 563 -26.77 -36.89 -50.86
C ARG K 563 -27.08 -35.43 -50.51
N PHE K 564 -27.72 -34.75 -51.46
CA PHE K 564 -28.08 -33.35 -51.28
C PHE K 564 -29.36 -33.21 -50.46
N ASN K 574 -34.89 -21.48 -50.58
CA ASN K 574 -34.21 -20.68 -51.59
C ASN K 574 -35.17 -19.70 -52.25
N GLN K 575 -35.01 -19.51 -53.56
CA GLN K 575 -35.87 -18.60 -54.31
C GLN K 575 -37.25 -19.20 -54.48
N ASP K 576 -38.25 -18.32 -54.59
CA ASP K 576 -39.63 -18.77 -54.77
C ASP K 576 -39.91 -19.20 -56.20
N GLU K 577 -39.20 -18.63 -57.18
CA GLU K 577 -39.42 -19.01 -58.57
C GLU K 577 -38.85 -20.39 -58.87
N GLU K 578 -37.64 -20.67 -58.39
CA GLU K 578 -37.02 -21.96 -58.57
C GLU K 578 -37.50 -23.01 -57.56
N GLN K 579 -38.42 -22.63 -56.67
CA GLN K 579 -38.92 -23.57 -55.66
C GLN K 579 -39.74 -24.68 -56.30
N GLU K 580 -40.46 -24.39 -57.38
CA GLU K 580 -41.27 -25.41 -58.04
C GLU K 580 -40.40 -26.47 -58.70
N GLU K 581 -39.21 -26.09 -59.18
CA GLU K 581 -38.30 -27.10 -59.73
C GLU K 581 -37.52 -27.80 -58.64
N TYR K 582 -37.12 -27.05 -57.59
CA TYR K 582 -36.39 -27.66 -56.48
C TYR K 582 -37.23 -28.72 -55.78
N ILE K 583 -38.52 -28.44 -55.58
CA ILE K 583 -39.42 -29.45 -55.02
C ILE K 583 -39.93 -30.39 -56.09
N HIS K 584 -39.86 -30.00 -57.37
CA HIS K 584 -40.25 -30.91 -58.44
C HIS K 584 -39.26 -32.05 -58.59
N ASP K 585 -37.99 -31.80 -58.29
CA ASP K 585 -36.97 -32.85 -58.31
C ASP K 585 -36.73 -33.46 -56.94
N LEU K 586 -36.66 -32.65 -55.89
CA LEU K 586 -36.44 -33.18 -54.55
C LEU K 586 -37.65 -33.94 -54.03
N HIS K 587 -38.85 -33.57 -54.46
CA HIS K 587 -40.07 -34.25 -54.04
C HIS K 587 -40.06 -35.71 -54.46
N ARG K 588 -40.10 -35.95 -55.78
CA ARG K 588 -40.04 -37.31 -56.29
C ARG K 588 -38.69 -37.97 -56.00
N ARG K 589 -37.65 -37.17 -55.73
CA ARG K 589 -36.36 -37.75 -55.36
C ARG K 589 -36.40 -38.35 -53.96
N ILE K 590 -37.21 -37.77 -53.06
CA ILE K 590 -37.31 -38.23 -51.68
C ILE K 590 -38.53 -39.12 -51.44
N GLN K 591 -39.46 -39.20 -52.40
CA GLN K 591 -40.65 -40.03 -52.20
C GLN K 591 -40.33 -41.51 -51.98
N PRO K 592 -39.43 -42.15 -52.73
CA PRO K 592 -39.14 -43.57 -52.43
C PRO K 592 -38.47 -43.79 -51.08
N PHE K 593 -38.07 -42.74 -50.38
CA PHE K 593 -37.41 -42.86 -49.08
C PHE K 593 -38.20 -42.16 -47.98
N ILE K 594 -39.54 -42.19 -48.08
CA ILE K 594 -40.40 -41.54 -47.10
C ILE K 594 -41.77 -42.20 -47.16
N LEU K 595 -42.47 -42.19 -46.03
CA LEU K 595 -43.82 -42.72 -45.92
C LEU K 595 -44.78 -41.58 -45.60
N ARG K 596 -45.68 -41.27 -46.53
CA ARG K 596 -46.66 -40.21 -46.36
C ARG K 596 -48.05 -40.84 -46.46
N ARG K 597 -48.52 -41.39 -45.35
CA ARG K 597 -49.83 -42.01 -45.25
C ARG K 597 -50.71 -41.08 -44.42
N LEU K 598 -51.59 -40.34 -45.09
CA LEU K 598 -52.45 -39.39 -44.40
C LEU K 598 -53.53 -40.11 -43.59
N LYS K 599 -54.23 -39.34 -42.78
CA LYS K 599 -55.29 -39.87 -41.93
C LYS K 599 -56.60 -40.11 -42.68
N LYS K 600 -56.65 -39.84 -43.98
CA LYS K 600 -57.88 -40.01 -44.74
C LYS K 600 -58.27 -41.47 -44.91
N ASP K 601 -57.34 -42.40 -44.68
CA ASP K 601 -57.61 -43.82 -44.83
C ASP K 601 -58.03 -44.50 -43.53
N VAL K 602 -58.04 -43.76 -42.42
CA VAL K 602 -58.40 -44.31 -41.12
C VAL K 602 -59.57 -43.56 -40.48
N GLU K 603 -60.23 -42.67 -41.22
CA GLU K 603 -61.35 -41.91 -40.69
C GLU K 603 -62.65 -42.72 -40.64
N LYS K 604 -62.63 -43.97 -41.08
CA LYS K 604 -63.84 -44.79 -41.03
C LYS K 604 -64.18 -45.24 -39.61
N SER K 605 -63.23 -45.14 -38.68
CA SER K 605 -63.46 -45.53 -37.29
C SER K 605 -63.09 -44.42 -36.32
N LEU K 606 -62.96 -43.18 -36.80
CA LEU K 606 -62.58 -42.05 -35.97
C LEU K 606 -63.65 -40.96 -36.05
N PRO K 607 -63.88 -40.23 -34.96
CA PRO K 607 -64.87 -39.16 -34.98
C PRO K 607 -64.41 -38.00 -35.85
N SER K 608 -65.32 -37.04 -36.01
CA SER K 608 -65.03 -35.86 -36.83
C SER K 608 -64.05 -34.95 -36.10
N LYS K 609 -63.45 -34.04 -36.88
CA LYS K 609 -62.46 -33.10 -36.37
C LYS K 609 -62.92 -31.68 -36.67
N THR K 610 -62.83 -30.81 -35.67
CA THR K 610 -63.25 -29.42 -35.82
C THR K 610 -62.39 -28.54 -34.93
N GLU K 611 -62.42 -27.24 -35.23
CA GLU K 611 -61.66 -26.26 -34.46
C GLU K 611 -62.28 -24.88 -34.67
N ARG K 612 -62.40 -24.12 -33.60
CA ARG K 612 -62.98 -22.78 -33.65
C ARG K 612 -62.04 -21.80 -32.97
N ILE K 613 -61.78 -20.68 -33.62
CA ILE K 613 -60.93 -19.63 -33.07
C ILE K 613 -61.78 -18.67 -32.25
N LEU K 614 -61.13 -17.80 -31.48
CA LEU K 614 -61.83 -16.83 -30.66
C LEU K 614 -60.95 -15.60 -30.50
N ARG K 615 -61.31 -14.52 -31.17
CA ARG K 615 -60.55 -13.27 -31.10
C ARG K 615 -60.93 -12.54 -29.81
N VAL K 616 -60.11 -12.70 -28.78
CA VAL K 616 -60.36 -12.08 -27.49
C VAL K 616 -59.77 -10.68 -27.49
N GLU K 617 -60.57 -9.69 -27.11
CA GLU K 617 -60.11 -8.31 -27.07
C GLU K 617 -59.37 -8.03 -25.75
N LEU K 618 -58.65 -6.92 -25.73
CA LEU K 618 -57.90 -6.51 -24.55
C LEU K 618 -58.79 -5.67 -23.62
N SER K 619 -58.26 -5.40 -22.43
CA SER K 619 -58.94 -4.62 -21.42
C SER K 619 -58.13 -3.36 -21.11
N ASP K 620 -58.49 -2.67 -20.03
CA ASP K 620 -57.78 -1.46 -19.64
C ASP K 620 -56.41 -1.80 -19.05
N VAL K 621 -56.32 -2.91 -18.32
CA VAL K 621 -55.04 -3.30 -17.73
C VAL K 621 -54.05 -3.69 -18.83
N GLN K 622 -54.52 -4.40 -19.85
CA GLN K 622 -53.68 -4.69 -21.01
C GLN K 622 -53.34 -3.45 -21.81
N THR K 623 -54.18 -2.41 -21.74
CA THR K 623 -53.89 -1.16 -22.44
C THR K 623 -52.80 -0.37 -21.74
N GLU K 624 -52.91 -0.23 -20.41
CA GLU K 624 -51.87 0.49 -19.67
C GLU K 624 -50.57 -0.30 -19.62
N TYR K 625 -50.65 -1.62 -19.53
CA TYR K 625 -49.47 -2.46 -19.58
C TYR K 625 -48.96 -2.68 -21.01
N TYR K 626 -49.72 -2.25 -22.01
CA TYR K 626 -49.30 -2.34 -23.40
C TYR K 626 -48.75 -1.02 -23.95
N LYS K 627 -49.11 0.10 -23.34
CA LYS K 627 -48.67 1.42 -23.76
C LYS K 627 -47.71 2.09 -22.79
N ASN K 628 -47.97 1.98 -21.47
CA ASN K 628 -47.18 2.70 -20.49
C ASN K 628 -45.78 2.10 -20.30
N ILE K 629 -45.55 0.88 -20.77
CA ILE K 629 -44.24 0.26 -20.58
C ILE K 629 -43.21 0.91 -21.48
N LEU K 630 -43.55 1.15 -22.74
CA LEU K 630 -42.64 1.77 -23.70
C LEU K 630 -42.67 3.29 -23.65
N THR K 631 -42.77 3.87 -22.46
CA THR K 631 -42.83 5.32 -22.32
C THR K 631 -41.80 5.82 -21.32
N LYS K 632 -42.11 5.72 -20.03
CA LYS K 632 -41.22 6.24 -18.99
C LYS K 632 -41.15 5.31 -17.80
N ASN K 633 -42.28 5.07 -17.13
CA ASN K 633 -42.30 4.26 -15.94
C ASN K 633 -42.09 2.78 -16.28
N TYR K 634 -41.42 2.07 -15.37
CA TYR K 634 -41.17 0.64 -15.52
C TYR K 634 -41.83 -0.19 -14.43
N SER K 635 -41.73 0.24 -13.17
CA SER K 635 -42.31 -0.46 -12.03
C SER K 635 -41.82 -1.91 -11.95
N ILE K 651 -38.04 -6.15 -22.05
CA ILE K 651 -37.32 -5.43 -23.09
C ILE K 651 -38.06 -5.55 -24.41
N MET K 652 -38.32 -6.78 -24.83
CA MET K 652 -39.04 -7.04 -26.08
C MET K 652 -39.98 -8.22 -25.93
N ASN K 653 -39.47 -9.33 -25.40
CA ASN K 653 -40.29 -10.52 -25.20
C ASN K 653 -41.24 -10.38 -24.02
N GLU K 654 -40.93 -9.52 -23.05
CA GLU K 654 -41.81 -9.34 -21.91
C GLU K 654 -43.15 -8.75 -22.31
N LEU K 655 -43.17 -7.94 -23.39
CA LEU K 655 -44.44 -7.42 -23.90
C LEU K 655 -45.24 -8.51 -24.59
N LYS K 656 -44.57 -9.39 -25.34
CA LYS K 656 -45.26 -10.49 -25.98
C LYS K 656 -45.82 -11.46 -24.95
N LYS K 657 -45.10 -11.68 -23.85
CA LYS K 657 -45.61 -12.54 -22.78
C LYS K 657 -46.72 -11.84 -22.00
N ALA K 658 -46.65 -10.53 -21.85
CA ALA K 658 -47.65 -9.77 -21.12
C ALA K 658 -48.79 -9.26 -22.00
N SER K 659 -48.83 -9.69 -23.26
CA SER K 659 -49.89 -9.26 -24.17
C SER K 659 -51.21 -10.00 -23.95
N ASN K 660 -51.24 -10.95 -23.02
CA ASN K 660 -52.45 -11.69 -22.72
C ASN K 660 -52.78 -11.78 -21.23
N HIS K 661 -51.81 -11.62 -20.34
CA HIS K 661 -52.03 -11.68 -18.91
C HIS K 661 -51.12 -10.64 -18.26
N PRO K 662 -51.64 -9.74 -17.42
CA PRO K 662 -50.79 -8.69 -16.85
C PRO K 662 -49.99 -9.17 -15.65
N TYR K 663 -50.52 -10.13 -14.89
CA TYR K 663 -49.88 -10.62 -13.67
C TYR K 663 -48.62 -11.40 -14.04
N LEU K 664 -47.54 -10.66 -14.29
CA LEU K 664 -46.26 -11.27 -14.61
C LEU K 664 -45.08 -10.60 -13.92
N PHE K 665 -45.30 -9.51 -13.17
CA PHE K 665 -44.21 -8.82 -12.50
C PHE K 665 -44.39 -8.87 -10.99
N ASP K 666 -44.25 -7.72 -10.33
CA ASP K 666 -44.40 -7.63 -8.88
C ASP K 666 -45.45 -6.62 -8.47
N ASN K 667 -45.34 -5.38 -8.95
CA ASN K 667 -46.31 -4.33 -8.60
C ASN K 667 -47.47 -4.41 -9.60
N ALA K 668 -48.34 -5.40 -9.39
CA ALA K 668 -49.50 -5.61 -10.24
C ALA K 668 -50.74 -6.10 -9.51
N GLU K 669 -50.61 -6.81 -8.39
CA GLU K 669 -51.79 -7.28 -7.67
C GLU K 669 -52.36 -6.20 -6.76
N GLU K 670 -51.50 -5.44 -6.09
CA GLU K 670 -51.97 -4.38 -5.20
C GLU K 670 -52.49 -3.18 -5.97
N ARG K 671 -52.16 -3.06 -7.26
CA ARG K 671 -52.62 -1.92 -8.04
C ARG K 671 -54.09 -2.06 -8.41
N VAL K 672 -54.54 -3.29 -8.71
CA VAL K 672 -55.94 -3.52 -9.05
C VAL K 672 -56.81 -3.45 -7.81
N LEU K 673 -56.35 -4.04 -6.71
CA LEU K 673 -57.10 -4.04 -5.46
C LEU K 673 -57.12 -2.63 -4.89
N GLN K 674 -58.23 -1.92 -5.09
CA GLN K 674 -58.40 -0.56 -4.61
C GLN K 674 -59.04 -0.50 -3.22
N LYS K 675 -59.07 -1.61 -2.51
CA LYS K 675 -59.67 -1.66 -1.18
C LYS K 675 -58.92 -2.71 -0.37
N PHE K 676 -59.54 -3.18 0.72
CA PHE K 676 -58.95 -4.19 1.57
C PHE K 676 -58.94 -5.56 0.87
N MET K 681 -57.90 -10.73 5.58
CA MET K 681 -57.59 -10.77 4.15
C MET K 681 -58.78 -11.32 3.36
N THR K 682 -59.16 -10.59 2.31
CA THR K 682 -60.28 -11.01 1.48
C THR K 682 -59.88 -12.18 0.57
N ARG K 683 -60.88 -12.85 0.03
CA ARG K 683 -60.67 -13.98 -0.86
C ARG K 683 -61.48 -13.87 -2.15
N GLU K 684 -62.74 -13.46 -2.07
CA GLU K 684 -63.56 -13.35 -3.27
C GLU K 684 -63.16 -12.14 -4.11
N ASN K 685 -62.70 -11.06 -3.47
CA ASN K 685 -62.30 -9.87 -4.21
C ASN K 685 -61.02 -10.09 -5.00
N VAL K 686 -60.11 -10.93 -4.49
CA VAL K 686 -58.87 -11.21 -5.19
C VAL K 686 -59.15 -12.01 -6.46
N LEU K 687 -59.97 -13.05 -6.35
CA LEU K 687 -60.32 -13.84 -7.52
C LEU K 687 -61.17 -13.03 -8.50
N ARG K 688 -62.07 -12.18 -7.97
CA ARG K 688 -62.87 -11.33 -8.85
C ARG K 688 -62.00 -10.35 -9.63
N GLY K 689 -61.02 -9.74 -8.96
CA GLY K 689 -60.06 -8.90 -9.63
C GLY K 689 -59.06 -9.65 -10.48
N LEU K 690 -58.98 -10.97 -10.33
CA LEU K 690 -58.07 -11.79 -11.11
C LEU K 690 -58.70 -12.29 -12.41
N ILE K 691 -59.99 -12.61 -12.39
CA ILE K 691 -60.65 -13.10 -13.59
C ILE K 691 -60.97 -11.96 -14.55
N MET K 692 -61.34 -10.79 -14.01
CA MET K 692 -61.73 -9.65 -14.84
C MET K 692 -60.53 -8.88 -15.39
N SER K 693 -59.30 -9.30 -15.09
CA SER K 693 -58.13 -8.62 -15.60
C SER K 693 -57.86 -8.93 -17.07
N SER K 694 -58.35 -10.05 -17.58
CA SER K 694 -58.15 -10.43 -18.96
C SER K 694 -59.41 -11.10 -19.48
N GLY K 695 -59.63 -11.00 -20.80
CA GLY K 695 -60.80 -11.60 -21.40
C GLY K 695 -60.73 -13.11 -21.47
N LYS K 696 -59.51 -13.66 -21.56
CA LYS K 696 -59.36 -15.11 -21.63
C LYS K 696 -59.77 -15.80 -20.34
N MET K 697 -59.75 -15.09 -19.21
CA MET K 697 -60.18 -15.69 -17.94
C MET K 697 -61.70 -15.69 -17.82
N VAL K 698 -62.35 -14.62 -18.25
CA VAL K 698 -63.81 -14.57 -18.21
C VAL K 698 -64.40 -15.54 -19.23
N LEU K 699 -63.89 -15.49 -20.47
CA LEU K 699 -64.37 -16.42 -21.48
C LEU K 699 -63.96 -17.85 -21.18
N LEU K 700 -62.79 -18.05 -20.58
CA LEU K 700 -62.36 -19.39 -20.19
C LEU K 700 -63.25 -19.94 -19.07
N ASP K 701 -63.69 -19.08 -18.16
CA ASP K 701 -64.57 -19.52 -17.09
C ASP K 701 -65.98 -19.77 -17.60
N GLN K 702 -66.44 -18.97 -18.57
CA GLN K 702 -67.77 -19.17 -19.13
C GLN K 702 -67.83 -20.44 -19.96
N LEU K 703 -66.84 -20.65 -20.84
CA LEU K 703 -66.78 -21.89 -21.60
C LEU K 703 -66.53 -23.09 -20.72
N LEU K 704 -65.74 -22.92 -19.65
CA LEU K 704 -65.51 -24.01 -18.71
C LEU K 704 -66.80 -24.39 -18.00
N THR K 705 -67.61 -23.39 -17.62
CA THR K 705 -68.90 -23.68 -17.00
C THR K 705 -69.84 -24.35 -18.00
N ARG K 706 -69.82 -23.89 -19.25
CA ARG K 706 -70.66 -24.52 -20.28
C ARG K 706 -70.28 -25.99 -20.47
N LEU K 707 -68.98 -26.28 -20.50
CA LEU K 707 -68.55 -27.67 -20.62
C LEU K 707 -68.85 -28.46 -19.34
N LYS K 708 -68.89 -27.79 -18.19
CA LYS K 708 -69.24 -28.47 -16.96
C LYS K 708 -70.74 -28.75 -16.86
N LYS K 709 -71.57 -28.02 -17.59
CA LYS K 709 -73.00 -28.31 -17.62
C LYS K 709 -73.32 -29.59 -18.37
N ASP K 710 -72.37 -30.15 -19.12
CA ASP K 710 -72.56 -31.38 -19.86
C ASP K 710 -71.64 -32.49 -19.38
N GLY K 711 -70.33 -32.23 -19.32
CA GLY K 711 -69.38 -33.23 -18.86
C GLY K 711 -68.32 -33.58 -19.88
N HIS K 712 -67.23 -32.84 -19.89
CA HIS K 712 -66.13 -33.07 -20.82
C HIS K 712 -64.80 -32.88 -20.10
N ARG K 713 -63.75 -33.42 -20.70
CA ARG K 713 -62.39 -33.30 -20.18
C ARG K 713 -61.68 -32.21 -20.97
N VAL K 714 -61.45 -31.07 -20.33
CA VAL K 714 -60.85 -29.90 -20.97
C VAL K 714 -59.38 -29.82 -20.57
N LEU K 715 -58.53 -29.50 -21.55
CA LEU K 715 -57.10 -29.33 -21.32
C LEU K 715 -56.70 -27.89 -21.65
N ILE K 716 -55.64 -27.43 -20.99
CA ILE K 716 -55.12 -26.08 -21.19
C ILE K 716 -53.64 -26.20 -21.51
N PHE K 717 -53.26 -25.84 -22.73
CA PHE K 717 -51.87 -25.86 -23.17
C PHE K 717 -51.33 -24.43 -23.18
N SER K 718 -50.34 -24.16 -22.34
CA SER K 718 -49.74 -22.85 -22.21
C SER K 718 -48.22 -22.96 -22.35
N GLN K 719 -47.61 -21.87 -22.82
CA GLN K 719 -46.17 -21.81 -22.97
C GLN K 719 -45.49 -21.32 -21.70
N MET K 720 -45.99 -20.23 -21.13
CA MET K 720 -45.38 -19.65 -19.93
C MET K 720 -45.60 -20.58 -18.73
N VAL K 721 -44.53 -20.80 -17.96
CA VAL K 721 -44.63 -21.66 -16.78
C VAL K 721 -45.24 -20.93 -15.59
N ARG K 722 -45.22 -19.60 -15.59
CA ARG K 722 -45.83 -18.85 -14.49
C ARG K 722 -47.35 -18.83 -14.62
N MET K 723 -47.86 -18.78 -15.84
CA MET K 723 -49.30 -18.81 -16.05
C MET K 723 -49.91 -20.12 -15.57
N LEU K 724 -49.15 -21.21 -15.63
CA LEU K 724 -49.62 -22.48 -15.10
C LEU K 724 -49.79 -22.40 -13.58
N ASP K 725 -48.91 -21.68 -12.90
CA ASP K 725 -49.06 -21.47 -11.47
C ASP K 725 -50.20 -20.51 -11.16
N ILE K 726 -50.42 -19.51 -12.02
CA ILE K 726 -51.56 -18.61 -11.84
C ILE K 726 -52.86 -19.39 -11.95
N LEU K 727 -52.96 -20.27 -12.95
CA LEU K 727 -54.12 -21.16 -13.03
C LEU K 727 -54.17 -22.13 -11.86
N GLY K 728 -53.01 -22.48 -11.30
CA GLY K 728 -52.98 -23.31 -10.11
C GLY K 728 -53.53 -22.59 -8.89
N ASP K 729 -53.42 -21.27 -8.86
CA ASP K 729 -53.98 -20.48 -7.76
C ASP K 729 -55.41 -20.05 -8.02
N TYR K 730 -55.85 -20.03 -9.28
CA TYR K 730 -57.22 -19.65 -9.62
C TYR K 730 -58.17 -20.84 -9.59
N LEU K 731 -57.79 -21.97 -10.17
CA LEU K 731 -58.66 -23.13 -10.20
C LEU K 731 -58.76 -23.84 -8.85
N SER K 732 -57.80 -23.63 -7.95
CA SER K 732 -57.86 -24.28 -6.65
C SER K 732 -58.91 -23.64 -5.74
N ILE K 733 -59.15 -22.34 -5.90
CA ILE K 733 -60.13 -21.65 -5.06
C ILE K 733 -61.55 -22.01 -5.49
N LYS K 734 -61.77 -22.20 -6.80
CA LYS K 734 -63.09 -22.53 -7.30
C LYS K 734 -63.50 -23.98 -7.04
N GLY K 735 -62.65 -24.76 -6.36
CA GLY K 735 -62.98 -26.15 -6.10
C GLY K 735 -62.84 -27.05 -7.30
N ILE K 736 -61.82 -26.85 -8.13
CA ILE K 736 -61.59 -27.65 -9.33
C ILE K 736 -60.38 -28.54 -9.05
N ASN K 737 -60.61 -29.85 -9.03
CA ASN K 737 -59.53 -30.80 -8.82
C ASN K 737 -58.75 -31.01 -10.11
N PHE K 738 -57.44 -30.82 -10.04
CA PHE K 738 -56.58 -30.92 -11.22
C PHE K 738 -55.18 -31.32 -10.78
N GLN K 739 -54.28 -31.39 -11.75
CA GLN K 739 -52.88 -31.72 -11.49
C GLN K 739 -52.04 -31.17 -12.63
N ARG K 740 -50.92 -30.54 -12.28
CA ARG K 740 -50.07 -29.91 -13.28
C ARG K 740 -49.14 -30.92 -13.93
N LEU K 741 -48.56 -30.51 -15.07
CA LEU K 741 -47.61 -31.35 -15.79
C LEU K 741 -46.68 -30.42 -16.57
N ASP K 742 -45.47 -30.22 -16.05
CA ASP K 742 -44.48 -29.36 -16.67
C ASP K 742 -43.13 -30.05 -16.58
N GLY K 743 -42.06 -29.29 -16.81
CA GLY K 743 -40.72 -29.83 -16.74
C GLY K 743 -40.02 -29.51 -15.44
N THR K 744 -40.59 -29.96 -14.32
CA THR K 744 -40.01 -29.72 -13.02
C THR K 744 -40.12 -30.96 -12.14
N VAL K 745 -41.30 -31.56 -12.09
CA VAL K 745 -41.54 -32.75 -11.29
C VAL K 745 -40.83 -33.94 -11.93
N PRO K 746 -40.36 -34.91 -11.15
CA PRO K 746 -39.69 -36.07 -11.75
C PRO K 746 -40.67 -37.04 -12.40
N SER K 747 -40.15 -38.17 -12.90
CA SER K 747 -41.01 -39.15 -13.54
C SER K 747 -41.89 -39.87 -12.52
N ALA K 748 -41.39 -40.06 -11.30
CA ALA K 748 -42.16 -40.76 -10.27
C ALA K 748 -43.45 -40.04 -9.91
N GLN K 749 -43.52 -38.73 -10.13
CA GLN K 749 -44.71 -37.95 -9.82
C GLN K 749 -45.63 -37.79 -11.04
N ARG K 750 -45.06 -37.45 -12.20
CA ARG K 750 -45.88 -37.27 -13.40
C ARG K 750 -46.46 -38.59 -13.87
N ARG K 751 -45.79 -39.71 -13.58
CA ARG K 751 -46.35 -41.01 -13.92
C ARG K 751 -47.54 -41.34 -13.03
N ILE K 752 -47.48 -40.96 -11.76
CA ILE K 752 -48.63 -41.14 -10.88
C ILE K 752 -49.77 -40.22 -11.29
N SER K 753 -49.44 -39.01 -11.75
CA SER K 753 -50.48 -38.08 -12.20
C SER K 753 -51.17 -38.59 -13.46
N ILE K 754 -50.40 -39.04 -14.45
CA ILE K 754 -50.99 -39.52 -15.68
C ILE K 754 -51.75 -40.83 -15.44
N ASP K 755 -51.18 -41.73 -14.64
CA ASP K 755 -51.88 -42.96 -14.29
C ASP K 755 -53.13 -42.69 -13.47
N HIS K 756 -53.20 -41.54 -12.78
CA HIS K 756 -54.41 -41.18 -12.04
C HIS K 756 -55.44 -40.52 -12.96
N PHE K 757 -54.98 -39.83 -14.00
CA PHE K 757 -55.92 -39.20 -14.93
C PHE K 757 -56.58 -40.21 -15.85
N ASN K 758 -55.89 -41.32 -16.19
CA ASN K 758 -56.43 -42.31 -17.09
C ASN K 758 -57.52 -43.17 -16.45
N SER K 759 -57.81 -42.99 -15.18
CA SER K 759 -58.87 -43.76 -14.54
C SER K 759 -60.23 -43.29 -15.03
N PRO K 760 -61.17 -44.22 -15.26
CA PRO K 760 -62.50 -43.82 -15.75
C PRO K 760 -63.32 -43.08 -14.71
N ASP K 761 -62.98 -43.20 -13.42
CA ASP K 761 -63.71 -42.53 -12.35
C ASP K 761 -62.91 -41.39 -11.74
N SER K 762 -62.01 -40.80 -12.52
CA SER K 762 -61.19 -39.70 -12.03
C SER K 762 -62.00 -38.40 -12.00
N ASN K 763 -61.82 -37.64 -10.92
CA ASN K 763 -62.52 -36.38 -10.73
C ASN K 763 -61.72 -35.18 -11.25
N ASP K 764 -60.65 -35.42 -11.99
CA ASP K 764 -59.81 -34.35 -12.53
C ASP K 764 -60.23 -34.10 -13.97
N PHE K 765 -61.23 -33.25 -14.14
CA PHE K 765 -61.69 -32.87 -15.47
C PHE K 765 -60.83 -31.80 -16.12
N VAL K 766 -59.88 -31.22 -15.38
CA VAL K 766 -58.91 -30.26 -15.92
C VAL K 766 -57.53 -30.84 -15.73
N PHE K 767 -56.73 -30.83 -16.80
CA PHE K 767 -55.36 -31.35 -16.77
C PHE K 767 -54.47 -30.36 -17.52
N LEU K 768 -53.56 -29.71 -16.81
CA LEU K 768 -52.69 -28.70 -17.38
C LEU K 768 -51.43 -29.34 -17.95
N LEU K 769 -50.95 -28.81 -19.07
CA LEU K 769 -49.72 -29.28 -19.68
C LEU K 769 -48.80 -28.11 -20.03
N SER K 770 -47.99 -28.27 -21.07
CA SER K 770 -47.07 -27.22 -21.48
C SER K 770 -46.89 -27.32 -23.00
N THR K 771 -45.80 -26.76 -23.51
CA THR K 771 -45.50 -26.83 -24.94
C THR K 771 -44.62 -28.03 -25.24
N ARG K 772 -43.33 -27.94 -24.89
CA ARG K 772 -42.44 -29.08 -25.09
C ARG K 772 -42.78 -30.22 -24.13
N ALA K 773 -43.12 -29.88 -22.88
CA ALA K 773 -43.51 -30.92 -21.93
C ALA K 773 -44.92 -31.43 -22.21
N GLY K 774 -45.81 -30.56 -22.69
CA GLY K 774 -47.14 -31.03 -23.06
C GLY K 774 -47.10 -31.98 -24.26
N GLY K 775 -46.39 -31.58 -25.31
CA GLY K 775 -46.25 -32.42 -26.48
C GLY K 775 -44.99 -33.27 -26.44
N LEU K 776 -44.49 -33.56 -25.24
CA LEU K 776 -43.28 -34.35 -25.11
C LEU K 776 -43.52 -35.79 -25.53
N GLY K 777 -44.59 -36.40 -25.03
CA GLY K 777 -44.88 -37.78 -25.38
C GLY K 777 -46.15 -38.26 -24.72
N ILE K 778 -46.31 -39.58 -24.71
CA ILE K 778 -47.46 -40.27 -24.14
C ILE K 778 -48.74 -39.73 -24.77
N ASN K 779 -49.90 -40.04 -24.19
CA ASN K 779 -51.18 -39.61 -24.75
C ASN K 779 -52.24 -39.64 -23.66
N LEU K 780 -53.33 -38.92 -23.93
CA LEU K 780 -54.50 -38.89 -23.06
C LEU K 780 -55.69 -39.41 -23.85
N MET K 781 -56.30 -40.50 -23.37
CA MET K 781 -57.42 -41.12 -24.06
C MET K 781 -58.75 -40.53 -23.67
N THR K 782 -58.92 -40.17 -22.39
CA THR K 782 -60.19 -39.65 -21.90
C THR K 782 -60.37 -38.16 -22.17
N ALA K 783 -59.30 -37.46 -22.52
CA ALA K 783 -59.40 -36.04 -22.84
C ALA K 783 -59.94 -35.86 -24.25
N ASP K 784 -60.72 -34.79 -24.43
CA ASP K 784 -61.30 -34.47 -25.73
C ASP K 784 -61.27 -32.98 -26.06
N THR K 785 -61.34 -32.09 -25.06
CA THR K 785 -61.35 -30.66 -25.28
C THR K 785 -59.96 -30.09 -25.06
N VAL K 786 -59.46 -29.35 -26.05
CA VAL K 786 -58.12 -28.77 -26.01
C VAL K 786 -58.28 -27.26 -26.16
N VAL K 787 -57.94 -26.52 -25.10
CA VAL K 787 -58.01 -25.07 -25.10
C VAL K 787 -56.58 -24.53 -25.06
N ILE K 788 -56.23 -23.73 -26.06
CA ILE K 788 -54.89 -23.16 -26.19
C ILE K 788 -54.99 -21.66 -25.96
N PHE K 789 -54.14 -21.13 -25.07
CA PHE K 789 -54.16 -19.70 -24.80
C PHE K 789 -53.62 -18.90 -25.97
N ASP K 790 -52.52 -19.36 -26.58
CA ASP K 790 -51.92 -18.67 -27.71
C ASP K 790 -50.96 -19.62 -28.41
N SER K 791 -50.67 -19.32 -29.67
CA SER K 791 -49.72 -20.12 -30.43
C SER K 791 -48.32 -19.98 -29.84
N ASP K 792 -47.64 -21.11 -29.68
CA ASP K 792 -46.32 -21.14 -29.05
C ASP K 792 -45.18 -20.84 -30.02
N TRP K 793 -45.43 -19.99 -31.02
CA TRP K 793 -44.39 -19.53 -31.95
C TRP K 793 -43.76 -20.69 -32.71
N ASN K 794 -44.59 -21.62 -33.18
CA ASN K 794 -44.09 -22.77 -33.92
C ASN K 794 -45.21 -23.41 -34.73
N PRO K 795 -45.03 -23.60 -36.03
CA PRO K 795 -46.07 -24.24 -36.84
C PRO K 795 -46.16 -25.72 -36.54
N GLN K 796 -47.38 -26.26 -36.65
CA GLN K 796 -47.69 -27.66 -36.39
C GLN K 796 -47.44 -28.07 -34.93
N ALA K 797 -46.88 -27.17 -34.14
CA ALA K 797 -46.75 -27.43 -32.70
C ALA K 797 -48.11 -27.56 -32.04
N ASP K 798 -49.12 -26.89 -32.60
CA ASP K 798 -50.49 -27.03 -32.11
C ASP K 798 -51.10 -28.35 -32.57
N LEU K 799 -50.80 -28.78 -33.79
CA LEU K 799 -51.29 -30.09 -34.26
C LEU K 799 -50.70 -31.22 -33.42
N GLN K 800 -49.39 -31.15 -33.14
CA GLN K 800 -48.78 -32.17 -32.30
C GLN K 800 -49.15 -32.00 -30.83
N ALA K 801 -49.55 -30.79 -30.41
CA ALA K 801 -49.96 -30.59 -29.03
C ALA K 801 -51.35 -31.16 -28.78
N MET K 802 -52.27 -30.94 -29.72
CA MET K 802 -53.58 -31.58 -29.64
C MET K 802 -53.49 -33.08 -29.86
N ALA K 803 -52.40 -33.56 -30.45
CA ALA K 803 -52.21 -34.98 -30.68
C ALA K 803 -52.04 -35.78 -29.40
N ARG K 804 -51.80 -35.12 -28.27
CA ARG K 804 -51.71 -35.82 -26.99
C ARG K 804 -53.08 -36.11 -26.40
N ALA K 805 -54.13 -35.44 -26.88
CA ALA K 805 -55.50 -35.71 -26.48
C ALA K 805 -56.34 -36.22 -27.64
N HIS K 806 -56.37 -35.50 -28.76
CA HIS K 806 -57.06 -35.95 -29.97
C HIS K 806 -56.34 -37.17 -30.54
N ARG K 807 -56.83 -38.36 -30.20
CA ARG K 807 -56.20 -39.60 -30.62
C ARG K 807 -57.28 -40.52 -31.19
N ILE K 808 -56.95 -41.81 -31.29
CA ILE K 808 -57.88 -42.77 -31.86
C ILE K 808 -58.87 -43.25 -30.81
N GLY K 809 -58.40 -43.46 -29.57
CA GLY K 809 -59.25 -43.96 -28.51
C GLY K 809 -60.39 -43.03 -28.14
N GLN K 810 -60.29 -41.76 -28.48
CA GLN K 810 -61.36 -40.81 -28.18
C GLN K 810 -62.56 -41.06 -29.09
N LYS K 811 -63.75 -41.09 -28.49
CA LYS K 811 -64.97 -41.37 -29.22
C LYS K 811 -65.94 -40.18 -29.27
N ASN K 812 -66.00 -39.37 -28.22
CA ASN K 812 -66.92 -38.23 -28.17
C ASN K 812 -66.38 -36.99 -28.87
N HIS K 813 -65.77 -37.17 -30.05
CA HIS K 813 -65.23 -36.08 -30.87
C HIS K 813 -64.17 -35.28 -30.12
N VAL K 814 -63.71 -34.20 -30.73
CA VAL K 814 -62.68 -33.34 -30.16
C VAL K 814 -63.01 -31.90 -30.50
N MET K 815 -63.15 -31.05 -29.47
CA MET K 815 -63.46 -29.64 -29.64
C MET K 815 -62.25 -28.82 -29.20
N VAL K 816 -61.77 -27.96 -30.10
CA VAL K 816 -60.57 -27.16 -29.86
C VAL K 816 -60.95 -25.68 -29.96
N TYR K 817 -60.52 -24.89 -29.00
CA TYR K 817 -60.73 -23.46 -28.97
C TYR K 817 -59.37 -22.76 -28.88
N ARG K 818 -59.11 -21.88 -29.83
CA ARG K 818 -57.88 -21.09 -29.86
C ARG K 818 -58.21 -19.66 -29.46
N LEU K 819 -57.63 -19.21 -28.35
CA LEU K 819 -57.88 -17.87 -27.81
C LEU K 819 -56.94 -16.88 -28.52
N VAL K 820 -57.32 -16.50 -29.73
CA VAL K 820 -56.51 -15.57 -30.50
C VAL K 820 -56.61 -14.18 -29.88
N SER K 821 -55.45 -13.56 -29.65
CA SER K 821 -55.39 -12.21 -29.09
C SER K 821 -55.55 -11.21 -30.22
N LYS K 822 -56.65 -10.48 -30.22
CA LYS K 822 -56.96 -9.54 -31.30
C LYS K 822 -56.24 -8.21 -31.07
N ASP K 823 -55.69 -7.65 -32.16
CA ASP K 823 -55.02 -6.36 -32.14
C ASP K 823 -53.85 -6.36 -31.15
N THR K 824 -53.04 -7.42 -31.21
CA THR K 824 -51.87 -7.54 -30.34
C THR K 824 -50.63 -7.81 -31.16
N VAL K 825 -49.87 -8.85 -30.78
CA VAL K 825 -48.66 -9.24 -31.50
C VAL K 825 -48.65 -10.73 -31.82
N GLU K 826 -49.57 -11.51 -31.26
CA GLU K 826 -49.59 -12.94 -31.51
C GLU K 826 -50.22 -13.29 -32.85
N GLU K 827 -51.07 -12.41 -33.39
CA GLU K 827 -51.68 -12.70 -34.68
C GLU K 827 -50.66 -12.64 -35.82
N GLU K 828 -49.62 -11.81 -35.69
CA GLU K 828 -48.57 -11.79 -36.69
C GLU K 828 -47.75 -13.07 -36.66
N VAL K 829 -47.47 -13.58 -35.45
CA VAL K 829 -46.78 -14.86 -35.34
C VAL K 829 -47.66 -15.99 -35.87
N LEU K 830 -48.98 -15.89 -35.67
CA LEU K 830 -49.88 -16.89 -36.22
C LEU K 830 -49.88 -16.86 -37.74
N GLU K 831 -49.86 -15.66 -38.34
CA GLU K 831 -49.79 -15.55 -39.79
C GLU K 831 -48.47 -16.09 -40.31
N ARG K 832 -47.36 -15.80 -39.62
CA ARG K 832 -46.08 -16.37 -40.02
C ARG K 832 -46.08 -17.88 -39.89
N ALA K 833 -46.83 -18.42 -38.94
CA ALA K 833 -46.97 -19.87 -38.83
C ALA K 833 -47.83 -20.43 -39.96
N ARG K 834 -48.81 -19.66 -40.44
CA ARG K 834 -49.62 -20.11 -41.57
C ARG K 834 -48.85 -20.03 -42.87
N LYS K 835 -47.88 -19.10 -42.98
CA LYS K 835 -47.06 -19.03 -44.18
C LYS K 835 -46.17 -20.26 -44.32
N LYS K 836 -45.70 -20.82 -43.22
CA LYS K 836 -44.89 -22.02 -43.22
C LYS K 836 -45.71 -23.29 -43.18
N MET K 837 -47.03 -23.18 -43.35
CA MET K 837 -47.93 -24.33 -43.33
C MET K 837 -48.52 -24.66 -44.69
N ILE K 838 -48.65 -23.68 -45.58
CA ILE K 838 -49.24 -23.90 -46.89
C ILE K 838 -48.39 -24.86 -47.73
N LEU K 839 -47.10 -24.95 -47.44
CA LEU K 839 -46.22 -25.87 -48.16
C LEU K 839 -46.32 -27.25 -47.51
N GLU K 840 -46.98 -28.19 -48.19
CA GLU K 840 -47.20 -29.52 -47.65
C GLU K 840 -46.64 -30.61 -48.57
N TYR K 841 -45.67 -30.27 -49.42
CA TYR K 841 -45.06 -31.25 -50.31
C TYR K 841 -44.11 -32.17 -49.55
N ASP K 1006 -18.77 -76.51 -46.47
CA ASP K 1006 -18.48 -76.17 -45.08
C ASP K 1006 -19.61 -76.64 -44.16
N MET K 1007 -20.84 -76.65 -44.70
CA MET K 1007 -21.99 -77.07 -43.91
C MET K 1007 -21.95 -78.57 -43.62
N ASP K 1008 -21.33 -79.36 -44.50
CA ASP K 1008 -21.22 -80.80 -44.34
C ASP K 1008 -19.89 -81.21 -43.73
N SER K 1009 -19.27 -80.33 -42.94
CA SER K 1009 -17.99 -80.60 -42.29
C SER K 1009 -18.21 -80.64 -40.79
N ILE K 1010 -17.82 -81.76 -40.17
CA ILE K 1010 -17.98 -81.97 -38.74
C ILE K 1010 -16.60 -82.25 -38.16
N GLY K 1011 -16.08 -81.31 -37.37
CA GLY K 1011 -14.78 -81.45 -36.77
C GLY K 1011 -14.82 -82.26 -35.49
N GLU K 1012 -13.70 -82.23 -34.77
CA GLU K 1012 -13.57 -83.02 -33.54
C GLU K 1012 -14.38 -82.40 -32.42
N SER K 1013 -14.32 -81.07 -32.28
CA SER K 1013 -15.09 -80.39 -31.25
C SER K 1013 -16.59 -80.53 -31.50
N GLU K 1014 -17.00 -80.72 -32.77
CA GLU K 1014 -18.40 -80.95 -33.07
C GLU K 1014 -18.84 -82.37 -32.76
N VAL K 1015 -17.94 -83.35 -32.92
CA VAL K 1015 -18.26 -84.72 -32.53
C VAL K 1015 -18.33 -84.84 -31.01
N ARG K 1016 -17.39 -84.21 -30.31
CA ARG K 1016 -17.42 -84.26 -28.85
C ARG K 1016 -18.58 -83.46 -28.28
N ALA K 1017 -18.82 -82.25 -28.81
CA ALA K 1017 -19.92 -81.43 -28.34
C ALA K 1017 -21.27 -82.08 -28.65
N LEU K 1018 -21.38 -82.72 -29.83
CA LEU K 1018 -22.60 -83.43 -30.16
C LEU K 1018 -22.77 -84.67 -29.28
N TYR K 1019 -21.66 -85.32 -28.92
CA TYR K 1019 -21.73 -86.47 -28.03
C TYR K 1019 -22.21 -86.05 -26.64
N LYS K 1020 -21.72 -84.91 -26.14
CA LYS K 1020 -22.23 -84.38 -24.88
C LYS K 1020 -23.69 -83.96 -25.02
N ALA K 1021 -24.09 -83.47 -26.19
CA ALA K 1021 -25.50 -83.14 -26.41
C ALA K 1021 -26.37 -84.40 -26.38
N ILE K 1022 -25.81 -85.54 -26.78
CA ILE K 1022 -26.54 -86.79 -26.66
C ILE K 1022 -26.56 -87.26 -25.21
N LEU K 1023 -25.47 -87.04 -24.48
CA LEU K 1023 -25.43 -87.40 -23.06
C LEU K 1023 -26.31 -86.50 -22.21
N LYS K 1024 -26.71 -85.34 -22.72
CA LYS K 1024 -27.53 -84.41 -21.96
C LYS K 1024 -29.00 -84.42 -22.39
N PHE K 1025 -29.28 -84.53 -23.69
CA PHE K 1025 -30.64 -84.50 -24.19
C PHE K 1025 -31.10 -85.79 -24.87
N GLY K 1026 -30.17 -86.68 -25.24
CA GLY K 1026 -30.55 -87.92 -25.89
C GLY K 1026 -30.90 -87.76 -27.34
N ASN K 1027 -32.15 -88.05 -27.70
CA ASN K 1027 -32.60 -87.93 -29.08
C ASN K 1027 -32.72 -86.46 -29.46
N LEU K 1028 -32.04 -86.06 -30.52
CA LEU K 1028 -31.97 -84.66 -30.93
C LEU K 1028 -32.52 -84.45 -32.34
N LYS K 1029 -33.47 -85.29 -32.76
CA LYS K 1029 -34.13 -85.16 -34.04
C LYS K 1029 -35.47 -84.46 -33.95
N GLU K 1030 -35.79 -83.89 -32.80
CA GLU K 1030 -37.08 -83.24 -32.62
C GLU K 1030 -36.95 -81.82 -32.07
N ILE K 1031 -35.95 -81.55 -31.24
CA ILE K 1031 -35.74 -80.23 -30.68
C ILE K 1031 -34.34 -79.75 -31.05
N LEU K 1032 -33.89 -80.11 -32.25
CA LEU K 1032 -32.55 -79.73 -32.70
C LEU K 1032 -32.42 -78.22 -32.85
N ASP K 1033 -33.50 -77.55 -33.25
CA ASP K 1033 -33.47 -76.09 -33.37
C ASP K 1033 -33.19 -75.44 -32.03
N GLU K 1034 -33.64 -76.03 -30.94
CA GLU K 1034 -33.34 -75.52 -29.60
C GLU K 1034 -31.96 -75.96 -29.12
N LEU K 1035 -31.40 -77.02 -29.69
CA LEU K 1035 -30.08 -77.51 -29.32
C LEU K 1035 -28.97 -76.93 -30.17
N ILE K 1036 -29.30 -76.14 -31.19
CA ILE K 1036 -28.32 -75.45 -32.01
C ILE K 1036 -28.19 -73.98 -31.62
N ALA K 1037 -29.32 -73.33 -31.32
CA ALA K 1037 -29.31 -71.92 -30.94
C ALA K 1037 -28.75 -71.68 -29.54
N ASP K 1038 -28.44 -72.73 -28.79
CA ASP K 1038 -27.89 -72.55 -27.45
C ASP K 1038 -26.45 -72.07 -27.46
N GLY K 1039 -25.75 -72.23 -28.59
CA GLY K 1039 -24.35 -71.83 -28.69
C GLY K 1039 -23.35 -72.97 -28.70
N THR K 1040 -23.81 -74.22 -28.65
CA THR K 1040 -22.91 -75.37 -28.65
C THR K 1040 -22.68 -75.90 -30.06
N LEU K 1041 -23.76 -76.22 -30.76
CA LEU K 1041 -23.64 -76.73 -32.12
C LEU K 1041 -23.47 -75.58 -33.11
N PRO K 1042 -22.43 -75.59 -33.94
CA PRO K 1042 -22.25 -74.51 -34.91
C PRO K 1042 -23.33 -74.52 -35.98
N VAL K 1043 -23.35 -73.46 -36.78
CA VAL K 1043 -24.33 -73.31 -37.85
C VAL K 1043 -24.01 -74.28 -38.98
N LYS K 1044 -24.66 -75.43 -38.98
CA LYS K 1044 -24.47 -76.45 -40.00
C LYS K 1044 -25.84 -76.91 -40.51
N SER K 1045 -25.83 -77.93 -41.36
CA SER K 1045 -27.05 -78.48 -41.92
C SER K 1045 -27.63 -79.55 -40.99
N PHE K 1046 -28.95 -79.53 -40.83
CA PHE K 1046 -29.60 -80.49 -39.95
C PHE K 1046 -29.46 -81.92 -40.48
N GLU K 1047 -29.42 -82.09 -41.80
CA GLU K 1047 -29.26 -83.41 -42.38
C GLU K 1047 -27.93 -84.04 -41.98
N LYS K 1048 -26.88 -83.22 -41.84
CA LYS K 1048 -25.60 -83.75 -41.41
C LYS K 1048 -25.65 -84.23 -39.96
N TYR K 1049 -26.35 -83.48 -39.10
CA TYR K 1049 -26.53 -83.93 -37.72
C TYR K 1049 -27.34 -85.21 -37.67
N GLY K 1050 -28.34 -85.35 -38.54
CA GLY K 1050 -29.11 -86.58 -38.59
C GLY K 1050 -28.28 -87.77 -39.06
N GLU K 1051 -27.45 -87.56 -40.08
CA GLU K 1051 -26.62 -88.63 -40.60
C GLU K 1051 -25.56 -89.05 -39.57
N THR K 1052 -24.90 -88.08 -38.94
CA THR K 1052 -23.92 -88.40 -37.91
C THR K 1052 -24.57 -89.07 -36.71
N TYR K 1053 -25.81 -88.67 -36.37
CA TYR K 1053 -26.51 -89.32 -35.27
C TYR K 1053 -26.85 -90.76 -35.62
N ASP K 1054 -27.35 -91.01 -36.83
CA ASP K 1054 -27.68 -92.37 -37.24
C ASP K 1054 -26.44 -93.24 -37.34
N GLU K 1055 -25.31 -92.67 -37.76
CA GLU K 1055 -24.07 -93.44 -37.83
C GLU K 1055 -23.51 -93.71 -36.44
N MET K 1056 -23.67 -92.77 -35.50
CA MET K 1056 -23.18 -92.99 -34.14
C MET K 1056 -24.02 -94.03 -33.41
N MET K 1057 -25.35 -93.94 -33.55
CA MET K 1057 -26.23 -94.92 -32.91
C MET K 1057 -26.11 -96.29 -33.57
N GLU K 1058 -26.00 -96.32 -34.90
CA GLU K 1058 -25.86 -97.59 -35.61
C GLU K 1058 -24.53 -98.26 -35.27
N ALA K 1059 -23.44 -97.49 -35.32
CA ALA K 1059 -22.14 -98.04 -34.95
C ALA K 1059 -22.09 -98.41 -33.48
N ALA K 1060 -22.89 -97.73 -32.64
CA ALA K 1060 -22.96 -98.09 -31.22
C ALA K 1060 -23.65 -99.43 -31.03
N LYS K 1061 -24.80 -99.63 -31.69
CA LYS K 1061 -25.51 -100.90 -31.57
C LYS K 1061 -24.69 -102.05 -32.17
N ASP K 1062 -24.05 -101.81 -33.31
CA ASP K 1062 -23.21 -102.85 -33.91
C ASP K 1062 -22.01 -103.15 -33.03
N CYS K 1063 -21.44 -102.13 -32.39
CA CYS K 1063 -20.31 -102.35 -31.49
C CYS K 1063 -20.72 -103.12 -30.25
N VAL K 1064 -21.95 -102.90 -29.76
CA VAL K 1064 -22.45 -103.68 -28.64
C VAL K 1064 -22.69 -105.13 -29.07
N HIS K 1065 -23.24 -105.33 -30.27
CA HIS K 1065 -23.48 -106.68 -30.76
C HIS K 1065 -22.17 -107.46 -30.91
N GLU K 1066 -21.16 -106.82 -31.50
CA GLU K 1066 -19.86 -107.46 -31.61
C GLU K 1066 -19.22 -107.68 -30.23
N GLU K 1067 -19.45 -106.76 -29.30
CA GLU K 1067 -18.95 -106.94 -27.95
C GLU K 1067 -19.58 -108.14 -27.26
N GLU K 1068 -20.86 -108.42 -27.56
CA GLU K 1068 -21.52 -109.59 -26.98
C GLU K 1068 -21.06 -110.87 -27.68
N LYS K 1069 -20.94 -110.84 -29.01
CA LYS K 1069 -20.51 -112.04 -29.73
C LYS K 1069 -19.08 -112.42 -29.36
N ASN K 1070 -18.21 -111.44 -29.15
CA ASN K 1070 -16.84 -111.74 -28.75
C ASN K 1070 -16.74 -112.06 -27.26
N ARG K 1071 -17.51 -111.34 -26.44
CA ARG K 1071 -17.45 -111.57 -25.00
C ARG K 1071 -17.96 -112.96 -24.64
N LYS K 1072 -19.01 -113.43 -25.31
CA LYS K 1072 -19.51 -114.77 -25.05
C LYS K 1072 -18.48 -115.83 -25.44
N GLU K 1073 -17.76 -115.60 -26.55
CA GLU K 1073 -16.71 -116.53 -26.95
C GLU K 1073 -15.56 -116.54 -25.94
N ILE K 1074 -15.19 -115.36 -25.42
CA ILE K 1074 -14.16 -115.30 -24.39
C ILE K 1074 -14.61 -116.04 -23.14
N LEU K 1075 -15.89 -115.90 -22.78
CA LEU K 1075 -16.42 -116.62 -21.63
C LEU K 1075 -16.39 -118.13 -21.86
N GLU K 1076 -16.67 -118.57 -23.09
CA GLU K 1076 -16.60 -119.99 -23.40
C GLU K 1076 -15.16 -120.50 -23.30
N LYS K 1077 -14.19 -119.71 -23.80
CA LYS K 1077 -12.79 -120.10 -23.67
C LYS K 1077 -12.37 -120.18 -22.21
N LEU K 1078 -12.83 -119.24 -21.38
CA LEU K 1078 -12.54 -119.30 -19.96
C LEU K 1078 -13.26 -120.44 -19.26
N GLU K 1079 -14.36 -120.93 -19.83
CA GLU K 1079 -15.01 -122.12 -19.27
C GLU K 1079 -14.25 -123.39 -19.66
N LYS K 1080 -13.72 -123.44 -20.88
CA LYS K 1080 -12.92 -124.58 -21.29
C LYS K 1080 -11.61 -124.64 -20.49
N HIS K 1081 -10.92 -123.51 -20.37
CA HIS K 1081 -9.69 -123.48 -19.58
C HIS K 1081 -9.98 -123.67 -18.09
N ALA K 1082 -11.12 -123.18 -17.61
CA ALA K 1082 -11.50 -123.38 -16.22
C ALA K 1082 -11.77 -124.85 -15.93
N THR K 1083 -12.47 -125.54 -16.84
CA THR K 1083 -12.67 -126.98 -16.68
C THR K 1083 -11.36 -127.73 -16.78
N ALA K 1084 -10.47 -127.30 -17.68
CA ALA K 1084 -9.15 -127.92 -17.78
C ALA K 1084 -8.35 -127.75 -16.49
N TYR K 1085 -8.55 -126.63 -15.79
CA TYR K 1085 -7.85 -126.43 -14.52
C TYR K 1085 -8.50 -127.24 -13.40
N ARG K 1086 -9.84 -127.35 -13.41
CA ARG K 1086 -10.52 -128.16 -12.40
C ARG K 1086 -10.19 -129.63 -12.56
N ALA K 1087 -9.95 -130.09 -13.79
CA ALA K 1087 -9.58 -131.48 -13.99
C ALA K 1087 -8.25 -131.81 -13.32
N LYS K 1088 -7.32 -130.85 -13.30
CA LYS K 1088 -6.07 -131.01 -12.58
C LYS K 1088 -6.18 -130.64 -11.11
N LEU K 1089 -7.26 -129.96 -10.71
CA LEU K 1089 -7.45 -129.58 -9.32
C LEU K 1089 -8.09 -130.69 -8.50
N LYS K 1090 -9.08 -131.37 -9.06
CA LYS K 1090 -9.74 -132.47 -8.35
C LYS K 1090 -8.92 -133.75 -8.35
N SER K 1091 -7.80 -133.79 -9.07
CA SER K 1091 -6.98 -135.00 -9.11
C SER K 1091 -6.07 -135.09 -7.89
N GLY K 1092 -5.35 -134.02 -7.59
CA GLY K 1092 -4.45 -133.99 -6.45
C GLY K 1092 -3.06 -133.54 -6.80
N GLU K 1093 -2.91 -132.91 -7.96
CA GLU K 1093 -1.61 -132.42 -8.42
C GLU K 1093 -1.31 -131.00 -7.96
N ILE K 1094 -2.20 -130.39 -7.19
CA ILE K 1094 -2.03 -129.03 -6.69
C ILE K 1094 -1.96 -129.08 -5.17
N LYS K 1095 -0.93 -128.47 -4.60
CA LYS K 1095 -0.78 -128.46 -3.15
C LYS K 1095 -1.82 -127.56 -2.50
N ALA K 1096 -2.34 -128.01 -1.36
CA ALA K 1096 -3.36 -127.27 -0.63
C ALA K 1096 -2.78 -126.27 0.36
N GLU K 1097 -1.46 -126.22 0.52
CA GLU K 1097 -0.86 -125.26 1.44
C GLU K 1097 -0.86 -123.85 0.86
N ASN K 1098 -0.71 -123.72 -0.46
CA ASN K 1098 -0.71 -122.43 -1.13
C ASN K 1098 -1.69 -122.48 -2.30
N GLN K 1099 -2.70 -121.64 -2.27
CA GLN K 1099 -3.68 -121.60 -3.35
C GLN K 1099 -3.13 -120.80 -4.52
N PRO K 1100 -2.97 -121.40 -5.70
CA PRO K 1100 -2.44 -120.65 -6.85
C PRO K 1100 -3.43 -119.60 -7.31
N LYS K 1101 -3.00 -118.33 -7.29
CA LYS K 1101 -3.85 -117.23 -7.74
C LYS K 1101 -3.80 -117.01 -9.23
N ASP K 1102 -2.85 -117.63 -9.94
CA ASP K 1102 -2.74 -117.51 -11.40
C ASP K 1102 -3.35 -118.76 -12.02
N ASN K 1103 -4.67 -118.76 -12.11
CA ASN K 1103 -5.42 -119.88 -12.65
C ASN K 1103 -6.63 -119.33 -13.39
N PRO K 1104 -7.23 -120.13 -14.29
CA PRO K 1104 -8.42 -119.64 -15.00
C PRO K 1104 -9.59 -119.29 -14.09
N LEU K 1105 -9.62 -119.81 -12.87
CA LEU K 1105 -10.73 -119.50 -11.96
C LEU K 1105 -10.68 -118.04 -11.51
N THR K 1106 -9.49 -117.54 -11.17
CA THR K 1106 -9.38 -116.16 -10.71
C THR K 1106 -9.62 -115.17 -11.85
N ARG K 1107 -9.04 -115.44 -13.03
CA ARG K 1107 -9.28 -114.55 -14.17
C ARG K 1107 -10.71 -114.65 -14.68
N LEU K 1108 -11.39 -115.77 -14.44
CA LEU K 1108 -12.80 -115.87 -14.79
C LEU K 1108 -13.67 -115.10 -13.80
N SER K 1109 -13.37 -115.21 -12.51
CA SER K 1109 -14.10 -114.43 -11.50
C SER K 1109 -13.90 -112.94 -11.73
N LEU K 1110 -12.68 -112.51 -12.04
CA LEU K 1110 -12.44 -111.12 -12.38
C LEU K 1110 -13.07 -110.75 -13.72
N LYS K 1111 -13.23 -111.74 -14.61
CA LYS K 1111 -13.91 -111.48 -15.87
C LYS K 1111 -15.40 -111.22 -15.64
N LYS K 1112 -15.99 -111.89 -14.65
CA LYS K 1112 -17.39 -111.61 -14.32
C LYS K 1112 -17.56 -110.19 -13.79
N ARG K 1113 -16.65 -109.76 -12.92
CA ARG K 1113 -16.64 -108.39 -12.40
C ARG K 1113 -15.69 -107.49 -13.17
N GLU K 1114 -15.71 -107.57 -14.50
CA GLU K 1114 -14.78 -106.80 -15.32
C GLU K 1114 -15.04 -105.30 -15.16
N LYS K 1115 -13.96 -104.53 -15.25
CA LYS K 1115 -14.02 -103.07 -15.11
C LYS K 1115 -13.68 -102.42 -16.45
N LYS K 1116 -14.51 -102.72 -17.44
CA LYS K 1116 -14.37 -102.12 -18.76
C LYS K 1116 -15.74 -101.87 -19.35
N ALA K 1117 -15.78 -101.11 -20.44
CA ALA K 1117 -17.02 -100.76 -21.10
C ALA K 1117 -16.86 -100.87 -22.61
N VAL K 1118 -17.99 -100.84 -23.31
CA VAL K 1118 -18.00 -100.93 -24.77
C VAL K 1118 -17.46 -99.63 -25.35
N LEU K 1119 -16.17 -99.62 -25.69
CA LEU K 1119 -15.51 -98.43 -26.21
C LEU K 1119 -15.24 -98.57 -27.71
N PHE K 1120 -15.25 -97.45 -28.41
CA PHE K 1120 -14.97 -97.41 -29.83
C PHE K 1120 -14.55 -96.01 -30.22
N ASN K 1121 -13.56 -95.91 -31.10
CA ASN K 1121 -13.07 -94.62 -31.59
C ASN K 1121 -13.81 -94.26 -32.87
N PHE K 1122 -14.48 -93.10 -32.86
CA PHE K 1122 -15.25 -92.62 -33.99
C PHE K 1122 -14.67 -91.30 -34.47
N LYS K 1123 -13.92 -91.34 -35.56
CA LYS K 1123 -13.40 -90.16 -36.25
C LYS K 1123 -12.44 -89.39 -35.34
N GLY K 1124 -11.49 -90.12 -34.77
CA GLY K 1124 -10.48 -89.55 -33.92
C GLY K 1124 -10.87 -89.47 -32.45
N VAL K 1125 -12.14 -89.20 -32.18
CA VAL K 1125 -12.61 -89.07 -30.80
C VAL K 1125 -12.55 -90.44 -30.14
N LYS K 1126 -11.78 -90.54 -29.07
CA LYS K 1126 -11.63 -91.78 -28.31
C LYS K 1126 -12.47 -91.72 -27.04
N SER K 1127 -12.57 -92.87 -26.37
CA SER K 1127 -13.31 -93.03 -25.12
C SER K 1127 -14.77 -92.62 -25.30
N LEU K 1128 -15.48 -93.45 -26.05
CA LEU K 1128 -16.91 -93.25 -26.34
C LEU K 1128 -17.64 -94.54 -26.02
N ASN K 1129 -18.49 -94.50 -24.99
CA ASN K 1129 -19.26 -95.67 -24.58
C ASN K 1129 -20.55 -95.76 -25.39
N ALA K 1130 -20.92 -97.00 -25.73
CA ALA K 1130 -22.15 -97.25 -26.49
C ALA K 1130 -23.33 -97.65 -25.62
N GLU K 1131 -23.09 -98.20 -24.43
CA GLU K 1131 -24.19 -98.59 -23.56
C GLU K 1131 -24.87 -97.37 -22.94
N SER K 1132 -24.10 -96.35 -22.59
CA SER K 1132 -24.68 -95.13 -22.01
C SER K 1132 -25.56 -94.38 -23.01
N LEU K 1133 -25.31 -94.55 -24.31
CA LEU K 1133 -26.13 -93.90 -25.33
C LEU K 1133 -27.48 -94.59 -25.46
N LEU K 1134 -27.48 -95.91 -25.61
CA LEU K 1134 -28.73 -96.66 -25.70
C LEU K 1134 -29.54 -96.54 -24.41
N SER K 1135 -28.90 -96.80 -23.27
CA SER K 1135 -29.59 -96.67 -21.99
C SER K 1135 -30.00 -95.23 -21.72
N ARG K 1136 -29.27 -94.26 -22.28
CA ARG K 1136 -29.64 -92.86 -22.12
C ARG K 1136 -30.89 -92.53 -22.93
N VAL K 1137 -30.99 -93.06 -24.15
CA VAL K 1137 -32.17 -92.83 -24.97
C VAL K 1137 -33.38 -93.55 -24.36
N GLU K 1138 -33.16 -94.72 -23.75
CA GLU K 1138 -34.26 -95.44 -23.12
C GLU K 1138 -34.73 -94.73 -21.86
N ASP K 1139 -33.79 -94.24 -21.03
CA ASP K 1139 -34.16 -93.57 -19.80
C ASP K 1139 -34.83 -92.22 -20.09
N LEU K 1140 -34.21 -91.41 -20.95
CA LEU K 1140 -34.79 -90.11 -21.28
C LEU K 1140 -36.11 -90.26 -22.05
N LYS K 1141 -36.22 -91.28 -22.89
CA LYS K 1141 -37.47 -91.52 -23.60
C LYS K 1141 -38.57 -91.96 -22.62
N TYR K 1142 -38.22 -92.83 -21.67
CA TYR K 1142 -39.19 -93.23 -20.66
C TYR K 1142 -39.57 -92.07 -19.76
N LEU K 1143 -38.68 -91.10 -19.59
CA LEU K 1143 -39.01 -89.92 -18.79
C LEU K 1143 -39.92 -88.97 -19.56
N LYS K 1144 -39.64 -88.75 -20.86
CA LYS K 1144 -40.50 -87.89 -21.66
C LYS K 1144 -41.89 -88.49 -21.82
N ASN K 1145 -41.97 -89.79 -22.10
CA ASN K 1145 -43.28 -90.43 -22.23
C ASN K 1145 -43.97 -90.56 -20.89
N LEU K 1146 -43.22 -90.75 -19.81
CA LEU K 1146 -43.84 -90.89 -18.49
C LEU K 1146 -44.41 -89.58 -17.99
N ILE K 1147 -43.66 -88.48 -18.15
CA ILE K 1147 -44.13 -87.18 -17.68
C ILE K 1147 -45.18 -86.63 -18.62
N ASN K 1148 -44.91 -86.67 -19.93
CA ASN K 1148 -45.85 -86.14 -20.91
C ASN K 1148 -47.12 -86.98 -21.03
N SER K 1149 -47.07 -88.26 -20.65
CA SER K 1149 -48.24 -89.12 -20.72
C SER K 1149 -49.15 -88.98 -19.52
N ASN K 1150 -48.81 -88.12 -18.55
CA ASN K 1150 -49.63 -87.92 -17.37
C ASN K 1150 -49.81 -86.45 -17.02
N TYR K 1151 -48.73 -85.67 -17.03
CA TYR K 1151 -48.78 -84.24 -16.70
C TYR K 1151 -47.98 -83.48 -17.77
N LYS K 1152 -48.70 -82.93 -18.75
CA LYS K 1152 -48.06 -82.20 -19.84
C LYS K 1152 -48.00 -80.70 -19.58
N ASP K 1153 -49.09 -80.12 -19.08
CA ASP K 1153 -49.18 -78.69 -18.81
C ASP K 1153 -49.02 -78.35 -17.34
N ASP K 1154 -48.59 -79.30 -16.51
CA ASP K 1154 -48.40 -79.07 -15.09
C ASP K 1154 -47.37 -80.06 -14.57
N PRO K 1155 -46.08 -79.79 -14.79
CA PRO K 1155 -45.04 -80.72 -14.32
C PRO K 1155 -44.81 -80.69 -12.82
N LEU K 1156 -45.37 -79.71 -12.11
CA LEU K 1156 -45.18 -79.58 -10.67
C LEU K 1156 -46.18 -80.38 -9.86
N LYS K 1157 -46.97 -81.25 -10.52
CA LYS K 1157 -47.96 -82.08 -9.83
C LYS K 1157 -47.77 -83.56 -10.14
N PHE K 1158 -46.57 -83.97 -10.50
CA PHE K 1158 -46.28 -85.37 -10.80
C PHE K 1158 -45.94 -86.12 -9.54
N SER K 1159 -46.49 -87.33 -9.40
CA SER K 1159 -46.27 -88.16 -8.23
C SER K 1159 -45.81 -89.54 -8.67
N LEU K 1160 -45.44 -90.36 -7.70
CA LEU K 1160 -44.96 -91.72 -7.95
C LEU K 1160 -45.86 -92.80 -7.37
N GLY K 1161 -46.59 -92.51 -6.29
CA GLY K 1161 -47.47 -93.50 -5.69
C GLY K 1161 -46.85 -94.16 -4.47
N ASN K 1162 -46.64 -95.47 -4.55
CA ASN K 1162 -46.05 -96.24 -3.47
C ASN K 1162 -44.68 -96.81 -3.82
N ASN K 1163 -44.11 -96.40 -4.96
CA ASN K 1163 -42.79 -96.88 -5.38
C ASN K 1163 -41.73 -96.17 -4.55
N THR K 1164 -41.24 -96.84 -3.51
CA THR K 1164 -40.22 -96.29 -2.63
C THR K 1164 -38.89 -96.98 -2.87
N PRO K 1165 -37.86 -96.27 -3.33
CA PRO K 1165 -36.55 -96.91 -3.54
C PRO K 1165 -35.81 -97.16 -2.24
N LYS K 1166 -34.54 -97.56 -2.35
CA LYS K 1166 -33.73 -97.79 -1.17
C LYS K 1166 -33.39 -96.47 -0.49
N PRO K 1167 -33.24 -96.48 0.84
CA PRO K 1167 -32.93 -95.23 1.56
C PRO K 1167 -31.56 -94.68 1.23
N VAL K 1168 -31.24 -93.50 1.77
CA VAL K 1168 -29.95 -92.87 1.49
C VAL K 1168 -28.82 -93.64 2.19
N GLN K 1169 -27.60 -93.38 1.76
CA GLN K 1169 -26.40 -94.03 2.29
C GLN K 1169 -25.55 -92.97 2.99
N ASN K 1170 -25.96 -92.61 4.21
CA ASN K 1170 -25.26 -91.63 5.05
C ASN K 1170 -25.15 -90.28 4.35
N TRP K 1171 -26.28 -89.60 4.30
CA TRP K 1171 -26.38 -88.27 3.71
C TRP K 1171 -26.64 -87.24 4.80
N SER K 1172 -26.05 -86.06 4.65
CA SER K 1172 -26.17 -84.97 5.61
C SER K 1172 -27.36 -84.06 5.31
N SER K 1173 -28.46 -84.61 4.80
CA SER K 1173 -29.63 -83.80 4.49
C SER K 1173 -30.85 -84.71 4.45
N ASN K 1174 -32.00 -84.15 4.79
CA ASN K 1174 -33.25 -84.91 4.75
C ASN K 1174 -33.65 -85.19 3.31
N TRP K 1175 -34.12 -86.42 3.07
CA TRP K 1175 -34.50 -86.85 1.73
C TRP K 1175 -35.72 -87.75 1.83
N THR K 1176 -36.82 -87.34 1.21
CA THR K 1176 -38.04 -88.13 1.22
C THR K 1176 -38.52 -88.43 -0.19
N LYS K 1177 -39.79 -88.77 -0.35
CA LYS K 1177 -40.33 -89.04 -1.67
C LYS K 1177 -40.54 -87.77 -2.47
N GLU K 1178 -40.81 -86.64 -1.80
CA GLU K 1178 -40.99 -85.38 -2.50
C GLU K 1178 -39.72 -84.96 -3.22
N GLU K 1179 -38.55 -85.24 -2.62
CA GLU K 1179 -37.29 -84.95 -3.29
C GLU K 1179 -37.09 -85.85 -4.49
N ASP K 1180 -37.60 -87.08 -4.45
CA ASP K 1180 -37.51 -87.97 -5.61
C ASP K 1180 -38.44 -87.52 -6.72
N GLU K 1181 -39.61 -86.98 -6.37
CA GLU K 1181 -40.55 -86.50 -7.39
C GLU K 1181 -40.05 -85.20 -8.02
N LYS K 1182 -39.57 -84.27 -7.20
CA LYS K 1182 -39.07 -83.00 -7.73
C LYS K 1182 -37.69 -83.13 -8.36
N LEU K 1183 -36.97 -84.22 -8.06
CA LEU K 1183 -35.64 -84.40 -8.64
C LEU K 1183 -35.72 -84.75 -10.12
N LEU K 1184 -36.77 -85.47 -10.52
CA LEU K 1184 -36.91 -85.82 -11.93
C LEU K 1184 -37.35 -84.66 -12.78
N ILE K 1185 -37.83 -83.57 -12.17
CA ILE K 1185 -38.25 -82.40 -12.95
C ILE K 1185 -37.05 -81.71 -13.58
N GLY K 1186 -35.95 -81.61 -12.83
CA GLY K 1186 -34.75 -81.00 -13.38
C GLY K 1186 -34.16 -81.80 -14.52
N VAL K 1187 -34.24 -83.12 -14.43
CA VAL K 1187 -33.77 -83.97 -15.53
C VAL K 1187 -34.73 -83.89 -16.70
N PHE K 1188 -36.03 -83.67 -16.43
CA PHE K 1188 -37.01 -83.55 -17.50
C PHE K 1188 -36.89 -82.23 -18.24
N LYS K 1189 -36.47 -81.17 -17.57
CA LYS K 1189 -36.37 -79.85 -18.18
C LYS K 1189 -34.98 -79.59 -18.75
N TYR K 1190 -33.96 -79.64 -17.89
CA TYR K 1190 -32.59 -79.34 -18.32
C TYR K 1190 -31.86 -80.57 -18.86
N GLY K 1191 -32.05 -81.73 -18.25
CA GLY K 1191 -31.41 -82.95 -18.68
C GLY K 1191 -30.47 -83.50 -17.62
N TYR K 1192 -29.90 -84.66 -17.95
CA TYR K 1192 -28.96 -85.33 -17.05
C TYR K 1192 -27.60 -84.65 -17.12
N GLY K 1193 -26.93 -84.56 -15.97
CA GLY K 1193 -25.63 -83.94 -15.87
C GLY K 1193 -25.64 -82.43 -15.75
N SER K 1194 -26.80 -81.78 -15.89
CA SER K 1194 -26.88 -80.33 -15.79
C SER K 1194 -27.23 -79.92 -14.36
N TRP K 1195 -26.31 -80.22 -13.45
CA TRP K 1195 -26.49 -79.90 -12.04
C TRP K 1195 -26.25 -78.43 -11.73
N THR K 1196 -25.73 -77.66 -12.68
CA THR K 1196 -25.53 -76.23 -12.45
C THR K 1196 -26.83 -75.45 -12.41
N GLN K 1197 -27.90 -75.97 -13.02
CA GLN K 1197 -29.21 -75.34 -12.99
C GLN K 1197 -30.16 -75.96 -11.98
N ILE K 1198 -29.90 -77.20 -11.55
CA ILE K 1198 -30.77 -77.84 -10.58
C ILE K 1198 -30.57 -77.23 -9.19
N ARG K 1199 -29.31 -76.97 -8.83
CA ARG K 1199 -29.02 -76.37 -7.53
C ARG K 1199 -29.47 -74.92 -7.45
N ASP K 1200 -29.66 -74.25 -8.57
CA ASP K 1200 -30.12 -72.88 -8.62
C ASP K 1200 -31.60 -72.76 -8.96
N ASP K 1201 -32.34 -73.87 -8.95
CA ASP K 1201 -33.76 -73.85 -9.25
C ASP K 1201 -34.55 -73.70 -7.96
N PRO K 1202 -35.23 -72.58 -7.73
CA PRO K 1202 -35.98 -72.40 -6.48
C PRO K 1202 -37.28 -73.19 -6.43
N PHE K 1203 -37.70 -73.80 -7.54
CA PHE K 1203 -38.94 -74.56 -7.59
C PHE K 1203 -38.77 -76.01 -7.13
N LEU K 1204 -37.65 -76.34 -6.48
CA LEU K 1204 -37.39 -77.70 -6.02
C LEU K 1204 -37.16 -77.79 -4.52
N GLY K 1205 -36.63 -76.76 -3.88
CA GLY K 1205 -36.36 -76.78 -2.46
C GLY K 1205 -35.07 -77.42 -2.05
N ILE K 1206 -34.24 -77.85 -3.01
CA ILE K 1206 -32.96 -78.48 -2.71
C ILE K 1206 -31.84 -77.45 -2.83
N THR K 1207 -32.01 -76.30 -2.18
CA THR K 1207 -31.01 -75.25 -2.24
C THR K 1207 -29.74 -75.66 -1.51
N ASP K 1208 -29.87 -76.04 -0.24
CA ASP K 1208 -28.75 -76.47 0.59
C ASP K 1208 -28.54 -77.97 0.58
N LYS K 1209 -28.89 -78.66 -0.51
CA LYS K 1209 -28.75 -80.10 -0.61
C LYS K 1209 -27.89 -80.52 -1.80
N ILE K 1210 -27.30 -79.57 -2.52
CA ILE K 1210 -26.45 -79.86 -3.67
C ILE K 1210 -25.19 -79.02 -3.54
N PHE K 1211 -24.04 -79.69 -3.47
CA PHE K 1211 -22.76 -79.00 -3.37
C PHE K 1211 -21.78 -79.69 -4.31
N LEU K 1212 -20.49 -79.45 -4.11
CA LEU K 1212 -19.45 -80.05 -4.96
C LEU K 1212 -19.03 -81.42 -4.43
N LYS K 1245 -15.30 -83.94 1.07
CA LYS K 1245 -15.76 -83.19 2.23
C LYS K 1245 -17.28 -83.26 2.36
N LYS K 1246 -17.97 -82.98 1.26
CA LYS K 1246 -19.43 -83.00 1.22
C LYS K 1246 -19.93 -84.34 0.67
N VAL K 1247 -21.21 -84.60 0.90
CA VAL K 1247 -21.84 -85.84 0.46
C VAL K 1247 -22.48 -85.66 -0.91
N PRO K 1248 -23.34 -84.64 -1.14
CA PRO K 1248 -23.93 -84.50 -2.49
C PRO K 1248 -22.91 -84.11 -3.54
N GLY K 1249 -22.48 -85.10 -4.34
CA GLY K 1249 -21.53 -84.86 -5.40
C GLY K 1249 -22.20 -84.76 -6.76
N ALA K 1250 -21.35 -84.61 -7.79
CA ALA K 1250 -21.86 -84.50 -9.15
C ALA K 1250 -22.29 -85.86 -9.69
N ILE K 1251 -21.36 -86.82 -9.71
CA ILE K 1251 -21.68 -88.15 -10.21
C ILE K 1251 -22.41 -88.98 -9.15
N HIS K 1252 -22.17 -88.68 -7.86
CA HIS K 1252 -22.80 -89.44 -6.79
C HIS K 1252 -24.31 -89.29 -6.81
N LEU K 1253 -24.81 -88.10 -7.17
CA LEU K 1253 -26.25 -87.90 -7.31
C LEU K 1253 -26.77 -88.30 -8.67
N GLY K 1254 -25.95 -88.17 -9.72
CA GLY K 1254 -26.38 -88.60 -11.04
C GLY K 1254 -26.62 -90.10 -11.11
N ARG K 1255 -25.73 -90.87 -10.48
CA ARG K 1255 -25.96 -92.32 -10.40
C ARG K 1255 -27.20 -92.65 -9.57
N ARG K 1256 -27.53 -91.79 -8.60
CA ARG K 1256 -28.77 -91.97 -7.85
C ARG K 1256 -29.98 -91.72 -8.75
N VAL K 1257 -29.91 -90.70 -9.62
CA VAL K 1257 -30.97 -90.47 -10.58
C VAL K 1257 -31.11 -91.64 -11.53
N ASP K 1258 -29.97 -92.20 -11.96
CA ASP K 1258 -30.00 -93.37 -12.82
C ASP K 1258 -30.63 -94.56 -12.09
N TYR K 1259 -30.39 -94.67 -10.78
CA TYR K 1259 -31.04 -95.72 -10.00
C TYR K 1259 -32.54 -95.48 -9.87
N LEU K 1260 -32.96 -94.21 -9.83
CA LEU K 1260 -34.40 -93.92 -9.78
C LEU K 1260 -35.06 -94.26 -11.10
N LEU K 1261 -34.42 -93.92 -12.23
CA LEU K 1261 -34.99 -94.25 -13.53
C LEU K 1261 -35.02 -95.76 -13.74
N SER K 1262 -33.94 -96.46 -13.40
CA SER K 1262 -33.93 -97.92 -13.51
C SER K 1262 -34.93 -98.56 -12.56
N PHE K 1263 -35.22 -97.92 -11.43
CA PHE K 1263 -36.22 -98.43 -10.51
C PHE K 1263 -37.64 -98.20 -11.05
N LEU K 1264 -37.88 -97.10 -11.73
CA LEU K 1264 -39.19 -96.85 -12.31
C LEU K 1264 -39.44 -97.69 -13.55
N ARG K 1265 -38.40 -98.00 -14.31
CA ARG K 1265 -38.57 -98.85 -15.49
C ARG K 1265 -38.88 -100.28 -15.12
N GLY K 1266 -38.44 -100.73 -13.94
CA GLY K 1266 -38.69 -102.09 -13.50
C GLY K 1266 -39.94 -102.22 -12.65
N ASP L 175 19.48 30.29 43.10
CA ASP L 175 19.15 31.13 44.30
C ASP L 175 19.63 30.46 45.61
N PHE L 176 19.78 29.13 45.59
CA PHE L 176 20.19 28.40 46.80
C PHE L 176 21.72 28.37 46.91
N HIS L 177 22.21 28.00 48.11
CA HIS L 177 23.62 27.78 48.37
C HIS L 177 24.04 26.36 47.98
N GLY L 178 24.45 26.20 46.72
CA GLY L 178 24.84 24.95 46.06
C GLY L 178 26.17 25.05 45.36
N ILE L 179 26.76 23.90 45.03
CA ILE L 179 28.11 23.89 44.47
C ILE L 179 28.09 24.39 43.04
N ASP L 180 29.00 25.32 42.75
CA ASP L 180 29.16 25.89 41.42
C ASP L 180 30.33 25.23 40.66
N ILE L 181 31.52 25.07 41.27
CA ILE L 181 32.75 24.62 40.56
C ILE L 181 33.79 24.07 41.57
N VAL L 182 34.95 23.69 41.03
CA VAL L 182 36.17 23.36 41.77
C VAL L 182 37.29 24.40 41.52
N ILE L 183 37.97 24.83 42.61
CA ILE L 183 39.17 25.68 42.50
C ILE L 183 40.41 24.90 42.91
N ASN L 184 40.49 24.62 44.22
CA ASN L 184 41.71 24.10 44.81
C ASN L 184 41.45 22.85 45.67
N HIS L 185 42.48 22.01 45.72
CA HIS L 185 42.48 20.76 46.42
C HIS L 185 43.73 20.63 47.28
N ARG L 186 43.51 20.20 48.53
CA ARG L 186 44.56 20.01 49.51
C ARG L 186 44.20 18.89 50.48
N LEU L 187 45.26 18.45 51.16
CA LEU L 187 45.24 17.43 52.17
C LEU L 187 44.52 17.95 53.42
N LYS L 188 43.84 17.02 54.09
CA LYS L 188 43.14 17.32 55.33
C LYS L 188 43.96 16.82 56.52
N THR L 189 44.60 15.66 56.38
CA THR L 189 45.17 14.98 57.57
C THR L 189 46.67 14.62 57.54
N SER L 190 47.33 14.97 58.68
CA SER L 190 48.50 14.25 59.28
C SER L 190 48.24 12.73 59.38
N LYS L 199 48.17 4.80 50.58
CA LYS L 199 48.66 3.49 50.09
C LYS L 199 48.89 3.59 48.57
N THR L 200 48.63 2.52 47.79
CA THR L 200 48.84 2.48 46.31
C THR L 200 47.89 3.42 45.53
N VAL L 201 46.60 3.50 45.87
CA VAL L 201 45.65 4.41 45.21
C VAL L 201 44.69 4.98 46.24
N PRO L 202 44.57 6.31 46.41
CA PRO L 202 43.55 6.85 47.31
C PRO L 202 42.14 6.51 46.80
N ASP L 203 41.28 5.92 47.65
CA ASP L 203 39.82 5.73 47.38
C ASP L 203 39.08 7.04 47.71
N LEU L 204 37.78 7.13 47.42
CA LEU L 204 37.01 8.36 47.71
C LEU L 204 37.01 8.62 49.21
N ASN L 205 36.93 7.57 50.04
CA ASN L 205 36.93 7.68 51.53
C ASN L 205 38.16 8.48 51.94
N ASN L 206 39.32 8.13 51.35
CA ASN L 206 40.56 8.79 51.68
C ASN L 206 40.39 10.30 51.47
N CYS L 207 39.72 10.71 50.39
CA CYS L 207 39.48 12.12 50.09
C CYS L 207 38.51 12.74 51.09
N LYS L 208 37.53 11.94 51.47
CA LYS L 208 36.58 12.34 52.49
C LYS L 208 37.25 12.42 53.89
N GLU L 209 38.10 11.46 54.25
CA GLU L 209 38.76 11.40 55.60
C GLU L 209 40.26 11.77 55.52
N ASN L 210 40.77 12.21 54.35
CA ASN L 210 42.17 12.63 54.23
C ASN L 210 42.36 13.76 53.21
N TYR L 211 41.29 14.34 52.66
CA TYR L 211 41.42 15.43 51.70
C TYR L 211 40.37 16.51 51.94
N GLU L 212 40.85 17.76 51.91
CA GLU L 212 40.08 19.01 52.04
C GLU L 212 40.05 19.69 50.65
N PHE L 213 38.89 20.13 50.20
CA PHE L 213 38.80 20.68 48.84
C PHE L 213 38.17 22.06 48.88
N LEU L 214 38.79 23.02 48.17
CA LEU L 214 38.28 24.38 48.15
C LEU L 214 37.08 24.49 47.21
N ILE L 215 35.92 24.85 47.77
CA ILE L 215 34.64 24.87 47.00
C ILE L 215 34.17 26.31 46.73
N LYS L 216 33.91 26.61 45.45
CA LYS L 216 33.27 27.88 45.13
C LYS L 216 31.76 27.59 45.07
N TRP L 217 31.04 28.47 45.79
CA TRP L 217 29.58 28.37 45.94
C TRP L 217 28.88 28.94 44.70
N THR L 218 27.68 28.39 44.39
CA THR L 218 26.80 28.81 43.29
C THR L 218 26.29 30.24 43.55
N ASP L 219 25.98 30.95 42.45
CA ASP L 219 25.43 32.31 42.42
C ASP L 219 26.17 33.21 43.43
N GLU L 220 27.50 33.28 43.34
CA GLU L 220 28.34 34.07 44.26
C GLU L 220 29.76 34.17 43.67
N SER L 221 30.31 35.40 43.54
CA SER L 221 31.74 35.66 43.10
C SER L 221 32.76 34.67 43.72
N HIS L 222 33.95 34.63 43.11
CA HIS L 222 35.06 33.69 43.46
C HIS L 222 35.58 33.80 44.89
N LEU L 223 35.39 34.98 45.47
CA LEU L 223 36.08 35.45 46.62
C LEU L 223 35.72 34.66 47.89
N HIS L 224 34.56 34.01 47.92
CA HIS L 224 34.12 33.40 49.14
C HIS L 224 34.32 31.88 49.09
N ASN L 225 35.55 31.43 48.91
CA ASN L 225 35.76 30.01 48.65
C ASN L 225 36.05 29.22 49.93
N THR L 226 35.40 28.07 50.13
CA THR L 226 35.54 27.30 51.43
C THR L 226 36.20 25.91 51.29
N TRP L 227 37.14 25.59 52.19
CA TRP L 227 37.79 24.29 52.26
C TRP L 227 36.80 23.30 52.91
N GLU L 228 36.02 22.60 52.11
CA GLU L 228 34.97 21.74 52.69
C GLU L 228 34.99 20.33 52.11
N THR L 229 34.62 19.42 53.01
CA THR L 229 34.52 17.99 52.82
C THR L 229 33.04 17.59 52.60
N TYR L 230 32.71 16.29 52.69
CA TYR L 230 31.37 15.77 52.49
C TYR L 230 30.52 15.61 53.76
N GLU L 231 31.09 15.19 54.90
CA GLU L 231 30.34 15.07 56.18
C GLU L 231 30.17 16.46 56.82
N SER L 232 31.00 17.41 56.35
CA SER L 232 30.95 18.81 56.74
C SER L 232 29.69 19.51 56.20
N ILE L 233 29.31 19.23 54.94
CA ILE L 233 28.18 19.92 54.23
C ILE L 233 26.94 19.01 54.07
N GLY L 234 27.13 17.68 54.05
CA GLY L 234 26.07 16.68 53.75
C GLY L 234 25.55 16.86 52.33
N GLN L 235 24.35 16.31 52.04
CA GLN L 235 23.61 16.54 50.79
C GLN L 235 23.39 18.04 50.63
N VAL L 236 24.01 18.60 49.60
CA VAL L 236 23.85 19.96 49.17
C VAL L 236 23.50 19.84 47.69
N ARG L 237 22.70 20.75 47.20
CA ARG L 237 22.36 20.67 45.79
C ARG L 237 23.64 20.82 44.95
N GLY L 238 23.80 19.95 43.95
CA GLY L 238 25.02 19.90 43.15
C GLY L 238 26.03 18.99 43.84
N LEU L 239 26.25 17.79 43.31
CA LEU L 239 27.23 16.85 43.90
C LEU L 239 28.27 16.41 42.85
N LYS L 240 28.08 16.80 41.58
CA LYS L 240 28.63 16.02 40.43
C LYS L 240 30.12 16.32 40.18
N ARG L 241 30.50 17.61 40.18
CA ARG L 241 31.84 18.06 39.74
C ARG L 241 32.95 17.56 40.68
N LEU L 242 32.79 17.73 41.99
CA LEU L 242 33.73 17.20 43.00
C LEU L 242 34.06 15.71 42.81
N ASP L 243 33.06 14.86 42.59
CA ASP L 243 33.21 13.40 42.50
C ASP L 243 34.15 13.00 41.38
N ASN L 244 33.92 13.61 40.20
CA ASN L 244 34.71 13.37 38.99
C ASN L 244 36.12 13.95 39.20
N TYR L 245 36.15 15.17 39.75
CA TYR L 245 37.37 15.89 39.96
C TYR L 245 38.22 15.10 40.95
N CYS L 246 37.55 14.43 41.90
CA CYS L 246 38.18 13.50 42.84
C CYS L 246 38.63 12.27 42.07
N LYS L 247 37.77 11.83 41.14
CA LYS L 247 38.10 10.70 40.30
C LYS L 247 39.35 11.02 39.48
N GLN L 248 39.39 12.26 38.93
CA GLN L 248 40.55 12.81 38.19
C GLN L 248 41.72 12.81 39.17
N PHE L 249 41.45 13.21 40.42
CA PHE L 249 42.43 13.33 41.46
C PHE L 249 43.09 11.97 41.82
N ILE L 250 42.25 10.92 41.97
CA ILE L 250 42.67 9.54 42.36
C ILE L 250 43.68 8.94 41.36
N ILE L 251 43.32 9.04 40.08
CA ILE L 251 44.15 8.55 39.00
C ILE L 251 45.41 9.42 38.88
N GLU L 252 45.24 10.75 39.05
CA GLU L 252 46.36 11.74 38.95
C GLU L 252 47.42 11.28 39.96
N ASP L 253 46.94 10.88 41.14
CA ASP L 253 47.81 10.42 42.21
C ASP L 253 48.57 9.16 41.80
N GLN L 254 47.89 8.28 41.07
CA GLN L 254 48.55 7.07 40.54
C GLN L 254 49.54 7.35 39.38
N GLN L 255 49.45 8.53 38.72
CA GLN L 255 50.34 8.88 37.55
C GLN L 255 51.43 9.94 37.83
N VAL L 256 51.65 10.37 39.07
CA VAL L 256 52.78 11.26 39.48
C VAL L 256 53.74 10.50 40.42
N ARG L 257 53.25 9.97 41.55
CA ARG L 257 54.08 9.23 42.60
C ARG L 257 53.92 7.69 42.48
N LEU L 258 52.74 7.18 42.08
CA LEU L 258 52.42 5.71 42.27
C LEU L 258 52.73 4.81 41.03
N ASP L 259 53.54 5.25 40.05
CA ASP L 259 53.91 4.40 38.90
C ASP L 259 55.37 4.61 38.46
N PRO L 260 56.12 3.54 38.05
CA PRO L 260 57.43 3.66 37.39
C PRO L 260 57.47 3.69 35.85
N TYR L 261 56.31 3.81 35.17
CA TYR L 261 56.31 4.10 33.69
C TYR L 261 56.33 5.61 33.44
N VAL L 262 55.94 6.39 34.46
CA VAL L 262 56.03 7.83 34.39
C VAL L 262 57.49 8.22 34.15
N THR L 263 57.67 9.24 33.28
CA THR L 263 58.95 9.82 32.91
C THR L 263 59.24 11.00 33.86
N ALA L 264 60.26 11.79 33.52
CA ALA L 264 60.51 13.16 34.06
C ALA L 264 59.48 14.24 33.63
N GLU L 265 59.08 14.26 32.35
CA GLU L 265 58.23 15.32 31.80
C GLU L 265 56.77 15.20 32.28
N ASP L 266 56.16 14.00 32.41
CA ASP L 266 54.73 13.94 32.84
C ASP L 266 54.56 14.54 34.24
N ILE L 267 55.54 14.32 35.10
CA ILE L 267 55.50 14.91 36.44
C ILE L 267 55.35 16.43 36.28
N GLU L 268 56.08 16.98 35.29
CA GLU L 268 56.05 18.40 34.96
C GLU L 268 54.63 18.88 34.58
N ILE L 269 53.91 18.14 33.72
CA ILE L 269 52.51 18.46 33.28
C ILE L 269 51.47 18.21 34.40
N MET L 270 51.49 17.04 35.04
CA MET L 270 50.51 16.67 36.07
C MET L 270 50.49 17.67 37.24
N ASP L 271 51.68 18.08 37.69
CA ASP L 271 51.84 19.23 38.58
C ASP L 271 51.40 20.55 37.89
N MET L 272 51.84 20.72 36.63
CA MET L 272 51.70 22.00 35.92
C MET L 272 50.23 22.44 35.94
N GLU L 273 49.33 21.45 35.73
CA GLU L 273 47.91 21.71 35.64
C GLU L 273 47.41 22.43 36.90
N ARG L 274 47.93 21.96 38.05
CA ARG L 274 47.59 22.51 39.38
C ARG L 274 47.91 23.99 39.31
N GLU L 275 49.11 24.27 38.76
CA GLU L 275 49.65 25.62 38.61
C GLU L 275 48.78 26.52 37.72
N ARG L 276 48.41 26.04 36.53
CA ARG L 276 47.62 26.84 35.56
C ARG L 276 46.15 26.92 35.99
N ARG L 277 45.63 25.82 36.53
CA ARG L 277 44.24 25.79 36.92
C ARG L 277 43.96 26.92 37.94
N LEU L 278 44.90 27.13 38.87
CA LEU L 278 44.84 28.28 39.82
C LEU L 278 45.08 29.65 39.13
N ASP L 279 46.02 29.76 38.17
CA ASP L 279 46.29 31.05 37.43
C ASP L 279 45.01 31.62 36.80
N GLU L 280 44.13 30.73 36.28
CA GLU L 280 42.88 31.15 35.62
C GLU L 280 41.82 31.41 36.71
N PHE L 281 42.07 30.96 37.94
CA PHE L 281 41.21 31.18 39.09
C PHE L 281 41.60 32.45 39.85
N GLU L 282 42.91 32.75 39.94
CA GLU L 282 43.38 33.95 40.67
C GLU L 282 42.83 35.27 40.08
N GLU L 283 42.78 35.38 38.74
CA GLU L 283 42.51 36.68 38.14
C GLU L 283 41.06 37.11 38.41
N PHE L 284 40.16 36.18 38.76
CA PHE L 284 38.76 36.57 39.10
C PHE L 284 38.61 37.40 40.40
N HIS L 285 39.56 37.28 41.33
CA HIS L 285 39.45 38.01 42.57
C HIS L 285 39.61 39.52 42.37
N VAL L 286 40.51 39.92 41.44
CA VAL L 286 40.76 41.33 41.10
C VAL L 286 39.59 41.83 40.31
N PRO L 287 38.90 42.86 40.82
CA PRO L 287 37.81 43.52 40.11
C PRO L 287 38.33 44.52 39.07
N GLU L 288 37.52 44.73 38.03
CA GLU L 288 37.95 45.44 36.80
C GLU L 288 37.03 46.63 36.44
N ARG L 289 35.75 46.63 36.87
CA ARG L 289 34.81 47.75 36.67
C ARG L 289 33.60 47.58 37.62
N ILE L 290 33.07 48.70 38.10
CA ILE L 290 31.93 48.70 38.94
C ILE L 290 30.82 49.20 38.07
N ILE L 291 29.76 48.39 37.95
CA ILE L 291 28.73 48.66 36.98
C ILE L 291 27.68 49.71 37.45
N ASP L 292 27.15 49.55 38.67
CA ASP L 292 26.14 50.46 39.28
C ASP L 292 26.19 50.27 40.80
N SER L 293 25.43 51.11 41.51
CA SER L 293 25.36 51.15 42.95
C SER L 293 23.90 51.24 43.46
N GLN L 294 23.49 50.22 44.24
CA GLN L 294 22.12 50.10 44.80
C GLN L 294 22.13 50.02 46.34
N ARG L 295 21.27 50.83 46.96
CA ARG L 295 21.13 50.77 48.41
C ARG L 295 19.96 49.85 48.69
N ALA L 296 20.27 48.67 49.24
CA ALA L 296 19.25 47.67 49.55
C ALA L 296 19.25 47.37 51.06
N SER L 297 18.04 47.16 51.60
CA SER L 297 17.78 46.86 53.03
C SER L 297 18.15 45.40 53.38
N LEU L 298 18.42 45.22 54.69
CA LEU L 298 18.88 44.00 55.34
C LEU L 298 17.80 43.53 56.33
N GLU L 299 18.02 42.33 56.90
CA GLU L 299 17.10 41.69 57.90
C GLU L 299 17.20 42.32 59.31
N ASP L 300 18.21 43.14 59.62
CA ASP L 300 18.27 43.79 60.98
C ASP L 300 17.57 45.16 60.94
N GLY L 301 16.88 45.44 59.82
CA GLY L 301 16.22 46.73 59.54
C GLY L 301 17.12 47.79 58.88
N THR L 302 18.37 47.44 58.56
CA THR L 302 19.39 48.37 58.02
C THR L 302 19.39 48.33 56.49
N SER L 303 19.82 49.44 55.90
CA SER L 303 20.07 49.53 54.49
C SER L 303 21.55 49.79 54.22
N GLN L 304 22.22 48.98 53.41
CA GLN L 304 23.67 49.14 53.13
C GLN L 304 23.88 49.32 51.63
N LEU L 305 24.85 50.17 51.26
CA LEU L 305 25.21 50.31 49.86
C LEU L 305 25.92 49.06 49.33
N GLN L 306 25.45 48.56 48.18
CA GLN L 306 26.10 47.46 47.36
C GLN L 306 26.49 47.94 45.93
N TYR L 307 27.64 47.45 45.43
CA TYR L 307 28.12 47.77 44.06
C TYR L 307 28.17 46.53 43.15
N LEU L 308 27.66 46.71 41.93
CA LEU L 308 27.69 45.65 40.99
C LEU L 308 29.11 45.61 40.47
N VAL L 309 29.82 44.57 40.85
CA VAL L 309 31.21 44.48 40.53
C VAL L 309 31.50 43.49 39.40
N LYS L 310 32.29 43.98 38.44
CA LYS L 310 32.82 43.24 37.33
C LYS L 310 34.30 42.92 37.61
N TRP L 311 34.63 41.67 37.35
CA TRP L 311 35.93 41.13 37.57
C TRP L 311 36.76 40.95 36.28
N ARG L 312 38.05 40.56 36.45
CA ARG L 312 39.11 40.57 35.36
C ARG L 312 38.91 39.47 34.29
N ARG L 313 39.06 39.87 33.02
CA ARG L 313 39.09 38.89 31.89
C ARG L 313 37.99 37.86 32.09
N LEU L 314 36.79 38.41 32.09
CA LEU L 314 35.59 37.71 32.14
C LEU L 314 34.55 38.67 31.52
N ASN L 315 33.46 38.16 30.96
CA ASN L 315 32.39 38.99 30.36
C ASN L 315 31.29 39.37 31.37
N TYR L 316 30.33 40.20 30.98
CA TYR L 316 29.52 40.95 31.89
C TYR L 316 28.69 40.12 32.82
N ASP L 317 28.51 38.82 32.52
CA ASP L 317 27.75 37.88 33.34
C ASP L 317 28.46 37.49 34.65
N GLU L 318 27.62 37.11 35.63
CA GLU L 318 27.95 36.63 37.00
C GLU L 318 28.56 37.76 37.86
N ALA L 319 28.29 39.02 37.47
CA ALA L 319 28.56 40.20 38.28
C ALA L 319 27.57 40.16 39.43
N THR L 320 27.97 39.73 40.62
CA THR L 320 27.07 39.74 41.81
C THR L 320 27.27 41.03 42.65
N TRP L 321 26.23 41.48 43.38
CA TRP L 321 26.34 42.62 44.31
C TRP L 321 27.23 42.30 45.51
N GLU L 322 28.12 43.23 45.84
CA GLU L 322 28.94 43.17 47.03
C GLU L 322 28.82 44.52 47.74
N ASN L 323 28.75 44.54 49.07
CA ASN L 323 28.62 45.79 49.87
C ASN L 323 29.91 46.61 49.85
N ALA L 324 29.83 47.92 50.16
CA ALA L 324 30.96 48.88 49.87
C ALA L 324 32.09 48.79 50.92
N THR L 325 31.86 48.09 52.04
CA THR L 325 32.78 48.10 53.20
C THR L 325 34.23 47.74 52.81
N ASP L 326 34.40 46.74 51.95
CA ASP L 326 35.72 46.22 51.58
C ASP L 326 36.05 46.52 50.12
N ILE L 327 35.09 47.10 49.39
CA ILE L 327 35.25 47.37 47.98
C ILE L 327 36.43 48.30 47.71
N VAL L 328 36.54 49.34 48.51
CA VAL L 328 37.60 50.28 48.50
C VAL L 328 38.71 49.77 49.39
N LYS L 329 38.42 48.72 50.14
CA LYS L 329 39.40 48.16 51.07
C LYS L 329 40.38 47.23 50.33
N LEU L 330 40.14 46.96 49.03
CA LEU L 330 40.98 46.10 48.17
C LEU L 330 41.26 46.79 46.85
N ALA L 331 40.26 47.43 46.26
CA ALA L 331 40.47 48.11 45.00
C ALA L 331 40.03 49.55 45.10
N PRO L 332 40.77 50.41 45.82
CA PRO L 332 40.41 51.82 45.92
C PRO L 332 40.39 52.52 44.58
N GLU L 333 41.26 52.11 43.66
CA GLU L 333 41.44 52.80 42.45
C GLU L 333 40.18 52.72 41.56
N GLN L 334 39.55 51.54 41.53
CA GLN L 334 38.33 51.29 40.75
C GLN L 334 37.15 52.18 41.23
N VAL L 335 37.01 52.31 42.53
CA VAL L 335 35.95 53.05 43.12
C VAL L 335 36.17 54.53 42.84
N LYS L 336 37.43 55.00 42.94
CA LYS L 336 37.83 56.40 42.62
C LYS L 336 37.43 56.74 41.19
N HIS L 337 37.81 55.83 40.28
CA HIS L 337 37.47 56.05 38.95
C HIS L 337 35.92 55.94 38.76
N PHE L 338 35.26 54.99 39.48
CA PHE L 338 33.74 54.72 39.51
C PHE L 338 32.96 56.01 39.78
N GLN L 339 33.44 56.79 40.74
CA GLN L 339 32.81 58.04 41.06
C GLN L 339 33.07 59.08 39.94
N ASN L 340 34.30 59.04 39.38
CA ASN L 340 34.80 60.08 38.48
C ASN L 340 33.93 60.15 37.20
N ARG L 341 33.61 59.01 36.61
CA ARG L 341 32.80 58.96 35.38
C ARG L 341 31.37 59.46 35.61
N GLU L 342 30.81 59.11 36.77
CA GLU L 342 29.48 59.47 37.08
C GLU L 342 29.46 60.98 37.27
N ASN L 343 30.50 61.51 37.91
CA ASN L 343 30.61 62.96 38.15
C ASN L 343 31.03 63.78 36.90
N SER L 344 31.96 63.23 36.12
CA SER L 344 32.45 63.90 34.88
C SER L 344 31.30 64.02 33.89
N LYS L 345 30.44 65.04 34.05
CA LYS L 345 29.28 65.26 33.16
C LYS L 345 29.79 65.65 31.76
N ILE L 346 29.96 64.66 30.88
CA ILE L 346 30.44 64.91 29.48
C ILE L 346 29.69 63.95 28.54
N LEU L 347 28.39 63.75 28.77
CA LEU L 347 27.58 62.86 27.95
C LEU L 347 27.22 63.52 26.63
N PRO L 348 26.63 62.72 25.72
CA PRO L 348 26.08 63.25 24.48
C PRO L 348 24.72 63.94 24.76
N GLN L 349 24.84 65.16 25.26
CA GLN L 349 23.73 65.92 25.75
C GLN L 349 24.01 67.41 25.54
N TYR L 350 25.25 67.75 25.21
CA TYR L 350 25.68 69.13 25.15
C TYR L 350 26.45 69.40 23.87
N SER L 351 26.45 68.45 22.92
CA SER L 351 27.33 68.60 21.78
C SER L 351 26.93 69.81 20.91
N SER L 352 27.95 70.49 20.35
CA SER L 352 27.77 71.70 19.55
C SER L 352 27.00 71.41 18.25
N ASN L 353 26.06 72.30 17.92
CA ASN L 353 25.36 72.30 16.60
C ASN L 353 26.27 72.84 15.51
N TYR L 354 26.97 71.92 14.90
CA TYR L 354 27.70 72.20 13.72
C TYR L 354 27.14 71.44 12.53
N THR L 355 25.87 71.05 12.60
CA THR L 355 25.25 70.20 11.58
C THR L 355 25.12 71.01 10.28
N SER L 356 24.39 72.14 10.35
CA SER L 356 24.17 73.13 9.24
C SER L 356 25.46 73.47 8.48
N GLN L 357 26.45 73.84 9.30
CA GLN L 357 27.80 74.30 8.97
C GLN L 357 28.68 74.18 10.23
N ARG L 358 29.97 74.15 9.86
CA ARG L 358 31.14 73.87 10.63
C ARG L 358 31.83 75.13 11.20
N PRO L 359 32.82 74.90 12.10
CA PRO L 359 33.70 75.94 12.63
C PRO L 359 35.03 75.91 11.88
N ARG L 360 35.59 77.06 11.54
CA ARG L 360 36.84 76.96 10.86
C ARG L 360 37.78 76.15 11.77
N PHE L 361 38.50 75.16 11.21
CA PHE L 361 39.39 74.23 12.04
C PHE L 361 40.88 74.63 11.95
N GLU L 362 41.74 74.15 12.87
CA GLU L 362 43.18 74.61 12.77
C GLU L 362 44.18 73.44 12.64
N LYS L 363 45.14 73.65 11.73
CA LYS L 363 46.37 72.87 11.73
C LYS L 363 47.06 72.86 13.09
N LEU L 364 47.28 71.63 13.59
CA LEU L 364 48.01 71.35 14.84
C LEU L 364 49.52 71.21 14.52
N SER L 365 50.40 71.79 15.35
CA SER L 365 51.86 71.54 15.36
C SER L 365 52.16 70.52 16.47
N VAL L 366 51.65 70.85 17.65
CA VAL L 366 51.92 70.15 18.84
C VAL L 366 50.96 68.99 19.09
N GLN L 367 51.49 68.09 19.93
CA GLN L 367 50.82 66.96 20.41
C GLN L 367 49.82 67.38 21.50
N PRO L 368 48.55 67.05 21.28
CA PRO L 368 47.44 67.50 22.11
C PRO L 368 47.55 67.11 23.59
N PRO L 369 47.33 68.06 24.53
CA PRO L 369 47.41 67.75 25.96
C PRO L 369 46.39 66.68 26.37
N PHE L 370 46.15 65.71 25.48
CA PHE L 370 45.19 64.61 25.75
C PHE L 370 45.84 63.26 25.43
N ILE L 371 47.16 63.26 25.22
CA ILE L 371 47.91 62.01 24.90
C ILE L 371 48.79 61.64 26.10
N LYS L 372 48.29 60.79 27.00
CA LYS L 372 49.03 60.37 28.16
C LYS L 372 49.98 59.22 27.82
N GLY L 373 49.69 58.47 26.72
CA GLY L 373 50.37 57.23 26.35
C GLY L 373 51.81 57.45 25.97
N GLY L 374 52.07 58.64 25.43
CA GLY L 374 53.38 59.13 25.17
C GLY L 374 53.31 60.24 24.16
N GLU L 375 54.44 60.39 23.50
CA GLU L 375 54.52 61.12 22.29
C GLU L 375 54.47 60.15 21.11
N LEU L 376 53.75 60.55 20.06
CA LEU L 376 53.81 59.92 18.69
C LEU L 376 54.99 60.57 17.93
N ARG L 377 55.02 60.41 16.60
CA ARG L 377 56.15 60.93 15.76
C ARG L 377 55.70 61.99 14.74
N ASP L 378 56.40 62.06 13.59
CA ASP L 378 56.15 63.05 12.56
C ASP L 378 55.33 62.51 11.37
N PHE L 379 54.64 61.40 11.61
CA PHE L 379 53.79 60.75 10.59
C PHE L 379 52.57 60.12 11.26
N GLN L 380 52.17 60.66 12.41
CA GLN L 380 50.99 60.15 13.17
C GLN L 380 50.11 61.33 13.60
N LEU L 381 50.67 62.55 13.55
CA LEU L 381 49.93 63.77 13.95
C LEU L 381 49.36 64.46 12.70
N THR L 382 50.04 64.30 11.56
CA THR L 382 49.60 64.89 10.32
C THR L 382 48.45 64.07 9.73
N GLY L 383 48.62 62.74 9.82
CA GLY L 383 47.57 61.78 9.47
C GLY L 383 46.29 62.15 10.16
N ILE L 384 46.49 62.45 11.44
CA ILE L 384 45.42 62.84 12.23
C ILE L 384 44.85 64.17 11.74
N ASN L 385 45.73 65.07 11.31
CA ASN L 385 45.29 66.41 10.86
C ASN L 385 44.54 66.39 9.51
N TRP L 386 44.43 65.25 8.85
CA TRP L 386 43.77 65.15 7.55
C TRP L 386 42.39 64.58 7.70
N MET L 387 42.31 63.65 8.64
CA MET L 387 41.10 63.00 9.02
C MET L 387 40.18 64.06 9.62
N ALA L 388 40.78 64.90 10.49
CA ALA L 388 40.07 65.97 11.17
C ALA L 388 39.92 67.14 10.20
N PHE L 389 40.70 67.10 9.10
CA PHE L 389 40.81 68.21 8.16
C PHE L 389 39.77 68.12 7.06
N LEU L 390 39.41 66.87 6.74
CA LEU L 390 38.33 66.60 5.89
C LEU L 390 37.17 66.25 6.81
N TRP L 391 37.44 66.29 8.11
CA TRP L 391 36.37 66.11 9.02
C TRP L 391 35.39 67.30 8.94
N SER L 392 35.94 68.49 8.79
CA SER L 392 35.24 69.75 8.74
C SER L 392 34.65 70.04 7.34
N LYS L 393 35.05 69.27 6.33
CA LYS L 393 34.49 69.38 4.95
C LYS L 393 33.07 68.79 4.79
N GLY L 394 32.72 67.74 5.56
CA GLY L 394 31.45 66.87 5.48
C GLY L 394 31.62 65.66 4.59
N ASP L 395 32.88 65.25 4.41
CA ASP L 395 33.29 64.20 3.51
C ASP L 395 33.96 63.13 4.39
N ASN L 396 33.83 61.87 3.96
CA ASN L 396 34.49 60.75 4.60
C ASN L 396 35.76 60.35 3.81
N GLY L 397 36.73 59.69 4.46
CA GLY L 397 38.01 59.37 3.81
C GLY L 397 38.53 57.94 4.06
N ILE L 398 39.48 57.55 3.19
CA ILE L 398 40.07 56.22 3.29
C ILE L 398 41.48 56.28 3.79
N LEU L 399 41.75 55.51 4.85
CA LEU L 399 43.07 55.43 5.32
C LEU L 399 43.78 54.26 4.66
N ALA L 400 44.61 54.60 3.68
CA ALA L 400 45.38 53.58 3.08
C ALA L 400 46.90 53.79 3.28
N ASP L 401 47.39 53.46 4.47
CA ASP L 401 48.88 53.46 4.86
C ASP L 401 49.47 52.01 4.82
N GLU L 402 50.71 51.77 5.24
CA GLU L 402 51.30 50.43 5.36
C GLU L 402 50.68 49.59 6.50
N MET L 403 50.86 48.26 6.48
CA MET L 403 50.34 47.28 7.53
C MET L 403 51.05 47.46 8.88
N GLY L 404 50.59 48.47 9.64
CA GLY L 404 51.00 48.78 11.05
C GLY L 404 51.73 50.10 11.32
N LEU L 405 51.49 51.15 10.54
CA LEU L 405 52.06 52.48 10.77
C LEU L 405 51.15 53.27 11.73
N GLY L 406 51.12 52.79 12.97
CA GLY L 406 50.34 53.40 14.02
C GLY L 406 49.01 53.87 13.46
N LYS L 407 48.36 52.95 12.77
CA LYS L 407 47.13 53.27 12.20
C LYS L 407 46.09 53.42 13.32
N THR L 408 46.18 52.56 14.36
CA THR L 408 45.14 52.50 15.44
C THR L 408 45.25 53.77 16.28
N VAL L 409 46.47 54.19 16.54
CA VAL L 409 46.66 55.41 17.30
C VAL L 409 46.09 56.63 16.54
N GLN L 410 46.17 56.62 15.22
CA GLN L 410 45.69 57.75 14.45
C GLN L 410 44.15 57.96 14.58
N THR L 411 43.34 56.88 14.64
CA THR L 411 41.84 56.92 14.87
C THR L 411 41.48 57.33 16.33
N VAL L 412 42.19 56.75 17.31
CA VAL L 412 41.88 56.90 18.76
C VAL L 412 42.15 58.34 19.09
N ALA L 413 43.25 58.84 18.54
CA ALA L 413 43.56 60.26 18.64
C ALA L 413 42.63 61.10 17.78
N PHE L 414 42.12 60.48 16.73
CA PHE L 414 41.18 61.12 15.86
C PHE L 414 39.84 61.25 16.60
N ILE L 415 39.47 60.22 17.36
CA ILE L 415 38.31 60.17 18.28
C ILE L 415 38.48 61.12 19.47
N SER L 416 39.70 61.20 19.97
CA SER L 416 39.96 62.04 21.11
C SER L 416 39.81 63.54 20.76
N TRP L 417 40.32 64.00 19.60
CA TRP L 417 40.34 65.42 19.15
C TRP L 417 39.12 65.91 18.43
N LEU L 418 38.24 65.02 18.17
CA LEU L 418 37.02 65.42 17.63
C LEU L 418 36.08 65.61 18.83
N ILE L 419 36.52 65.30 20.06
CA ILE L 419 35.66 65.27 21.31
C ILE L 419 35.93 66.46 22.25
N PHE L 420 37.16 66.93 22.29
CA PHE L 420 37.52 68.03 23.15
C PHE L 420 37.97 69.14 22.19
N ALA L 421 37.57 69.04 20.88
CA ALA L 421 37.86 70.12 19.89
C ALA L 421 36.54 70.80 19.49
N ARG L 422 35.66 70.02 18.84
CA ARG L 422 34.38 70.52 18.33
C ARG L 422 33.23 70.05 19.24
N ARG L 423 33.56 69.66 20.46
CA ARG L 423 32.58 69.39 21.54
C ARG L 423 31.57 68.33 21.07
N GLN L 424 32.07 67.27 20.45
CA GLN L 424 31.23 66.24 19.92
C GLN L 424 31.15 65.09 20.95
N ASN L 425 30.02 64.98 21.62
CA ASN L 425 29.76 63.88 22.58
C ASN L 425 28.99 62.74 21.87
N GLY L 426 28.82 62.90 20.54
CA GLY L 426 28.01 62.09 19.62
C GLY L 426 28.42 60.63 19.74
N PRO L 427 27.59 59.72 20.28
CA PRO L 427 28.01 58.32 20.45
C PRO L 427 28.61 57.71 19.18
N HIS L 428 29.95 57.72 19.10
CA HIS L 428 30.73 57.21 17.96
C HIS L 428 30.63 55.69 17.91
N ILE L 429 30.28 55.12 16.77
CA ILE L 429 30.22 53.69 16.65
C ILE L 429 31.45 53.15 15.94
N ILE L 430 32.10 52.14 16.52
CA ILE L 430 33.28 51.52 15.92
C ILE L 430 33.16 49.98 15.86
N VAL L 431 33.33 49.43 14.66
CA VAL L 431 33.31 48.03 14.40
C VAL L 431 34.69 47.56 14.05
N VAL L 432 35.22 46.67 14.86
CA VAL L 432 36.58 46.08 14.70
C VAL L 432 36.49 44.55 14.70
N PRO L 433 37.48 43.77 14.21
CA PRO L 433 37.58 42.30 14.35
C PRO L 433 37.72 41.66 15.74
N LEU L 434 37.00 40.56 15.91
CA LEU L 434 37.00 39.84 17.20
C LEU L 434 38.42 39.44 17.59
N SER L 435 39.22 39.22 16.58
CA SER L 435 40.62 38.96 16.85
C SER L 435 41.38 40.20 17.36
N THR L 436 41.16 41.39 16.77
CA THR L 436 41.99 42.66 17.06
C THR L 436 41.44 43.68 18.11
N MET L 437 40.34 43.43 18.84
CA MET L 437 39.68 44.43 19.78
C MET L 437 40.46 44.58 21.10
N PRO L 438 40.92 43.49 21.78
CA PRO L 438 41.51 43.62 23.12
C PRO L 438 42.66 44.61 23.08
N ALA L 439 43.41 44.50 21.96
CA ALA L 439 44.43 45.47 21.60
C ALA L 439 43.90 46.90 21.63
N TRP L 440 42.82 47.04 20.88
CA TRP L 440 42.22 48.33 20.73
C TRP L 440 41.88 48.98 22.07
N LEU L 441 41.29 48.19 22.99
CA LEU L 441 40.79 48.69 24.30
C LEU L 441 41.93 49.29 25.07
N ASP L 442 43.03 48.55 25.10
CA ASP L 442 44.09 48.99 25.89
C ASP L 442 44.68 50.19 25.16
N THR L 443 44.62 50.10 23.82
CA THR L 443 45.03 51.14 22.92
C THR L 443 44.13 52.35 23.05
N PHE L 444 42.95 52.15 23.66
CA PHE L 444 42.01 53.25 23.83
C PHE L 444 42.09 53.82 25.27
N GLU L 445 42.43 52.97 26.27
CA GLU L 445 42.39 53.25 27.72
C GLU L 445 43.75 53.70 28.24
N LYS L 446 44.74 53.75 27.36
CA LYS L 446 46.04 54.19 27.74
C LYS L 446 46.50 55.39 26.92
N TRP L 447 45.83 55.70 25.83
CA TRP L 447 46.14 56.83 25.01
C TRP L 447 45.15 57.96 25.27
N ALA L 448 44.08 57.66 25.99
CA ALA L 448 43.10 58.68 26.29
C ALA L 448 42.24 58.21 27.45
N PRO L 449 42.69 58.57 28.67
CA PRO L 449 41.96 58.24 29.90
C PRO L 449 40.46 58.63 29.97
N ASP L 450 40.21 59.92 29.75
CA ASP L 450 39.02 60.59 30.22
C ASP L 450 37.74 60.15 29.49
N LEU L 451 37.77 59.61 28.27
CA LEU L 451 36.47 59.11 27.71
C LEU L 451 36.40 57.58 27.87
N ASN L 452 35.41 57.07 28.60
CA ASN L 452 35.29 55.58 28.91
C ASN L 452 34.88 54.80 27.65
N CYS L 453 35.25 53.51 27.58
CA CYS L 453 35.07 52.70 26.36
C CYS L 453 34.32 51.42 26.71
N ILE L 454 33.00 51.40 26.51
CA ILE L 454 32.22 50.19 26.77
C ILE L 454 31.85 49.48 25.47
N CYS L 455 32.28 48.21 25.37
CA CYS L 455 32.18 47.29 24.21
C CYS L 455 30.88 46.48 24.24
N TYR L 456 30.75 45.66 23.17
CA TYR L 456 29.67 44.70 22.93
C TYR L 456 30.30 43.32 22.53
N MET L 457 30.40 42.44 23.52
CA MET L 457 30.97 41.08 23.31
C MET L 457 30.38 40.12 24.34
N GLY L 458 29.13 39.70 24.15
CA GLY L 458 28.45 38.77 25.08
C GLY L 458 27.65 37.71 24.33
N ASN L 459 26.40 37.49 24.75
CA ASN L 459 25.52 36.48 24.11
C ASN L 459 24.07 36.75 24.51
N GLN L 460 23.55 35.98 25.48
CA GLN L 460 22.15 36.15 25.95
C GLN L 460 22.13 37.09 27.16
N LYS L 461 22.74 36.67 28.28
CA LYS L 461 22.80 37.48 29.52
C LYS L 461 23.34 38.87 29.18
N SER L 462 24.58 38.93 28.69
CA SER L 462 25.22 40.24 28.33
C SER L 462 24.21 41.14 27.67
N ARG L 463 23.50 40.54 26.74
CA ARG L 463 22.62 41.26 25.96
C ARG L 463 21.84 42.23 26.86
N ASP L 464 21.43 41.74 28.03
CA ASP L 464 20.79 42.59 29.07
C ASP L 464 21.68 43.63 29.79
N THR L 465 22.86 43.23 30.18
CA THR L 465 23.72 44.14 30.91
C THR L 465 24.16 45.36 30.09
N ILE L 466 24.27 45.16 28.78
CA ILE L 466 24.64 46.19 27.86
C ILE L 466 23.53 47.19 27.90
N ARG L 467 22.31 46.70 27.94
CA ARG L 467 21.17 47.54 27.89
C ARG L 467 20.99 48.26 29.23
N GLU L 468 21.38 47.61 30.35
CA GLU L 468 21.32 48.24 31.71
C GLU L 468 22.05 49.61 31.75
N TYR L 469 23.25 49.61 31.21
CA TYR L 469 24.00 50.79 31.20
C TYR L 469 23.85 51.59 29.91
N GLU L 470 23.17 51.02 28.92
CA GLU L 470 23.07 51.66 27.62
C GLU L 470 21.94 52.70 27.70
N PHE L 471 21.13 52.61 28.78
CA PHE L 471 20.03 53.53 29.00
C PHE L 471 20.09 54.20 30.36
N TYR L 472 19.29 55.28 30.50
CA TYR L 472 18.99 55.73 31.80
C TYR L 472 17.50 55.78 32.08
N THR L 473 17.30 55.40 33.33
CA THR L 473 16.09 55.41 34.03
C THR L 473 15.17 54.44 33.36
N ASN L 474 15.63 53.20 33.21
CA ASN L 474 14.83 52.15 32.59
C ASN L 474 14.29 52.67 31.25
N PRO L 475 12.99 52.50 30.92
CA PRO L 475 12.45 52.96 29.63
C PRO L 475 12.27 54.48 29.50
N ARG L 476 12.10 54.94 28.26
CA ARG L 476 12.16 56.35 27.98
C ARG L 476 11.29 56.68 26.77
N ALA L 477 10.31 57.56 26.99
CA ALA L 477 9.53 58.18 25.97
C ALA L 477 10.41 58.82 24.89
N LYS L 478 9.97 58.74 23.63
CA LYS L 478 10.71 59.33 22.50
C LYS L 478 12.14 58.79 22.33
N GLY L 479 13.11 59.70 22.21
CA GLY L 479 14.52 59.32 22.15
C GLY L 479 15.22 60.08 23.24
N LYS L 480 14.66 59.99 24.47
CA LYS L 480 15.07 60.89 25.59
C LYS L 480 16.05 60.17 26.52
N LYS L 481 16.79 59.23 25.97
CA LYS L 481 17.83 58.58 26.72
C LYS L 481 18.87 59.65 27.12
N THR L 482 19.16 59.65 28.42
CA THR L 482 19.99 60.67 29.04
C THR L 482 21.43 60.57 28.49
N MET L 483 21.87 59.36 28.13
CA MET L 483 23.13 59.15 27.39
C MET L 483 24.28 58.84 28.33
N LYS L 484 24.73 57.57 28.30
CA LYS L 484 25.78 57.10 29.20
C LYS L 484 26.99 56.48 28.51
N PHE L 485 27.06 56.52 27.18
CA PHE L 485 28.32 56.22 26.45
C PHE L 485 28.50 57.11 25.21
N ASN L 486 29.71 57.08 24.64
CA ASN L 486 30.00 57.66 23.33
C ASN L 486 30.59 56.56 22.42
N VAL L 487 31.66 55.91 22.88
CA VAL L 487 32.38 54.93 22.04
C VAL L 487 32.02 53.46 22.35
N LEU L 488 31.96 52.60 21.30
CA LEU L 488 31.76 51.12 21.39
C LEU L 488 32.57 50.33 20.35
N LEU L 489 32.78 49.04 20.61
CA LEU L 489 33.48 48.16 19.76
C LEU L 489 32.61 46.95 19.48
N THR L 490 32.48 46.63 18.20
CA THR L 490 31.60 45.63 17.84
C THR L 490 32.30 44.64 16.92
N THR L 491 32.16 43.36 17.26
CA THR L 491 32.52 42.34 16.36
C THR L 491 31.61 42.27 15.13
N TYR L 492 32.11 41.72 14.02
CA TYR L 492 31.35 41.67 12.79
C TYR L 492 30.10 40.79 12.81
N GLU L 493 30.12 39.59 13.47
CA GLU L 493 28.94 38.77 13.96
C GLU L 493 27.75 39.64 14.44
N TYR L 494 28.06 40.33 15.51
CA TYR L 494 27.16 40.94 16.33
C TYR L 494 26.44 42.02 15.57
N ILE L 495 27.09 42.65 14.56
CA ILE L 495 26.45 43.64 13.66
C ILE L 495 25.16 43.04 13.12
N LEU L 496 25.36 41.88 12.49
CA LEU L 496 24.29 41.34 11.74
C LEU L 496 23.23 40.69 12.64
N LYS L 497 23.64 39.98 13.72
CA LYS L 497 22.72 39.41 14.72
C LYS L 497 21.76 40.50 15.27
N ASP L 498 22.25 41.71 15.57
CA ASP L 498 21.33 42.79 16.04
C ASP L 498 21.59 44.00 15.15
N ARG L 499 21.18 43.91 13.87
CA ARG L 499 21.24 45.06 12.87
C ARG L 499 20.28 46.14 13.31
N ALA L 500 19.12 45.76 13.82
CA ALA L 500 17.99 46.63 14.04
C ALA L 500 18.23 47.72 15.10
N GLU L 501 18.78 47.38 16.29
CA GLU L 501 18.75 48.38 17.41
C GLU L 501 19.70 49.54 17.09
N LEU L 502 20.88 49.23 16.58
CA LEU L 502 21.78 50.27 16.12
C LEU L 502 21.21 51.14 15.00
N GLY L 503 20.45 50.53 14.09
CA GLY L 503 19.80 51.23 12.95
C GLY L 503 18.97 52.40 13.39
N SER L 504 18.23 52.22 14.49
CA SER L 504 17.36 53.27 15.03
C SER L 504 18.14 54.43 15.67
N ILE L 505 19.07 54.13 16.59
CA ILE L 505 19.85 55.17 17.24
C ILE L 505 20.73 55.87 16.20
N LYS L 506 20.84 57.18 16.34
CA LYS L 506 21.60 57.97 15.40
C LYS L 506 23.10 57.78 15.67
N TRP L 507 23.92 57.88 14.63
CA TRP L 507 25.37 57.82 14.69
C TRP L 507 25.82 58.74 13.59
N GLN L 508 26.94 59.41 13.76
CA GLN L 508 27.43 60.34 12.73
C GLN L 508 28.93 60.10 12.43
N PHE L 509 29.59 59.15 13.13
CA PHE L 509 30.99 58.84 12.96
C PHE L 509 31.14 57.31 13.00
N MET L 510 31.91 56.76 12.05
CA MET L 510 32.11 55.37 11.89
C MET L 510 33.59 55.03 11.79
N ALA L 511 33.97 53.98 12.52
CA ALA L 511 35.23 53.33 12.43
C ALA L 511 35.06 51.82 12.10
N VAL L 512 35.92 51.30 11.22
CA VAL L 512 36.02 49.92 10.97
C VAL L 512 37.48 49.44 10.81
N ASP L 513 37.77 48.21 11.29
CA ASP L 513 39.08 47.66 11.16
C ASP L 513 39.21 46.65 10.03
N GLU L 514 40.24 46.84 9.22
CA GLU L 514 40.56 46.04 8.13
C GLU L 514 39.36 45.90 7.24
N ALA L 515 39.04 47.02 6.65
CA ALA L 515 37.89 47.17 5.82
C ALA L 515 38.18 46.84 4.34
N HIS L 516 38.56 45.59 4.10
CA HIS L 516 38.63 45.10 2.81
C HIS L 516 37.45 44.15 2.71
N ARG L 517 36.65 44.08 3.76
CA ARG L 517 35.52 43.21 3.77
C ARG L 517 34.61 43.59 2.61
N LEU L 518 34.23 44.87 2.54
CA LEU L 518 33.34 45.37 1.45
C LEU L 518 34.07 45.22 0.11
N LYS L 519 34.35 43.97 -0.29
CA LYS L 519 35.05 43.70 -1.58
C LYS L 519 34.02 43.66 -2.71
N ASN L 520 32.92 42.92 -2.51
CA ASN L 520 31.85 42.80 -3.54
C ASN L 520 30.72 43.78 -3.19
N ALA L 521 29.91 44.16 -4.19
CA ALA L 521 28.79 45.09 -3.97
C ALA L 521 27.49 44.27 -3.86
N GLU L 522 27.58 43.14 -3.17
CA GLU L 522 26.47 42.25 -3.00
C GLU L 522 26.50 41.70 -1.57
N SER L 523 27.26 42.44 -0.73
CA SER L 523 27.55 42.06 0.60
C SER L 523 26.30 42.32 1.45
N SER L 524 26.25 41.66 2.64
CA SER L 524 25.11 41.61 3.62
C SER L 524 25.27 42.65 4.75
N LEU L 525 26.53 42.97 4.96
CA LEU L 525 27.06 43.99 5.74
C LEU L 525 27.31 45.19 4.82
N TYR L 526 27.24 44.93 3.52
CA TYR L 526 27.44 45.93 2.56
C TYR L 526 26.25 46.89 2.45
N GLU L 527 25.03 46.37 2.69
CA GLU L 527 23.86 47.24 2.78
C GLU L 527 23.27 47.25 4.20
N SER L 528 23.90 46.47 5.08
CA SER L 528 23.62 46.45 6.51
C SER L 528 24.09 47.78 7.16
N LEU L 529 25.29 48.22 6.77
CA LEU L 529 25.90 49.44 7.23
C LEU L 529 25.16 50.66 6.71
N ASN L 530 24.58 50.59 5.49
CA ASN L 530 23.94 51.77 4.89
C ASN L 530 22.71 52.25 5.72
N SER L 531 21.84 51.35 6.21
CA SER L 531 20.71 51.72 7.14
C SER L 531 21.08 52.54 8.41
N PHE L 532 22.31 52.52 8.91
CA PHE L 532 22.61 53.16 10.28
C PHE L 532 22.80 54.66 10.18
N LYS L 533 21.70 55.36 10.39
CA LYS L 533 21.69 56.74 10.08
C LYS L 533 23.08 57.23 10.43
N VAL L 534 23.80 57.77 9.45
CA VAL L 534 25.18 58.15 9.68
C VAL L 534 25.51 59.46 8.96
N ALA L 535 26.54 60.16 9.48
CA ALA L 535 26.98 61.43 8.92
C ALA L 535 28.37 61.40 8.25
N ASN L 536 29.33 60.68 8.85
CA ASN L 536 30.73 60.53 8.36
C ASN L 536 31.15 59.08 8.67
N ARG L 537 31.95 58.50 7.77
CA ARG L 537 32.45 57.11 7.92
C ARG L 537 33.99 57.14 8.00
N MET L 538 34.61 55.98 8.27
CA MET L 538 36.09 55.93 8.38
C MET L 538 36.61 54.49 8.28
N LEU L 539 36.99 54.06 7.09
CA LEU L 539 37.57 52.70 6.88
C LEU L 539 39.09 52.83 7.01
N ILE L 540 39.80 51.75 7.37
CA ILE L 540 41.19 51.90 7.53
C ILE L 540 41.83 50.57 7.28
N THR L 541 42.15 50.33 6.05
CA THR L 541 42.83 49.12 5.74
C THR L 541 43.76 49.39 4.56
N GLY L 542 44.70 48.48 4.36
CA GLY L 542 45.70 48.56 3.28
C GLY L 542 45.32 47.76 2.04
N THR L 543 44.03 47.44 1.90
CA THR L 543 43.53 46.65 0.81
C THR L 543 44.04 47.27 -0.47
N PRO L 544 44.75 46.45 -1.29
CA PRO L 544 45.19 46.84 -2.62
C PRO L 544 43.93 47.01 -3.47
N LEU L 545 43.93 48.05 -4.31
CA LEU L 545 42.67 48.41 -4.95
C LEU L 545 42.79 48.37 -6.48
N GLN L 546 43.55 47.42 -7.04
CA GLN L 546 43.64 47.17 -8.48
C GLN L 546 43.35 45.68 -8.84
N ASN L 547 43.42 44.73 -7.87
CA ASN L 547 43.08 43.26 -8.08
C ASN L 547 41.86 43.10 -9.02
N ASN L 548 40.74 43.78 -8.70
CA ASN L 548 39.46 43.85 -9.44
C ASN L 548 39.01 45.32 -9.45
N ILE L 549 38.32 45.76 -10.49
CA ILE L 549 37.92 47.15 -10.41
C ILE L 549 36.65 47.31 -9.54
N LYS L 550 35.89 46.21 -9.40
CA LYS L 550 34.67 46.07 -8.44
C LYS L 550 34.82 46.71 -7.04
N GLU L 551 35.87 46.32 -6.33
CA GLU L 551 36.10 46.79 -5.01
C GLU L 551 36.52 48.25 -5.02
N LEU L 552 37.34 48.62 -6.03
CA LEU L 552 37.80 50.00 -6.23
C LEU L 552 36.57 50.89 -6.34
N ALA L 553 35.64 50.48 -7.22
CA ALA L 553 34.32 51.12 -7.33
C ALA L 553 33.47 50.96 -6.04
N ALA L 554 33.46 49.75 -5.43
CA ALA L 554 32.63 49.38 -4.21
C ALA L 554 33.02 50.29 -3.03
N LEU L 555 34.31 50.55 -2.93
CA LEU L 555 34.78 51.39 -1.87
C LEU L 555 34.27 52.81 -2.08
N VAL L 556 34.29 53.27 -3.34
CA VAL L 556 33.91 54.62 -3.75
C VAL L 556 32.39 54.76 -3.62
N ASN L 557 31.67 53.73 -4.05
CA ASN L 557 30.20 53.69 -3.92
C ASN L 557 29.76 53.64 -2.43
N PHE L 558 30.57 53.03 -1.58
CA PHE L 558 30.16 52.80 -0.21
C PHE L 558 30.37 54.04 0.68
N LEU L 559 31.55 54.69 0.52
CA LEU L 559 31.84 55.95 1.17
C LEU L 559 30.96 57.06 0.58
N MET L 560 30.78 57.07 -0.73
CA MET L 560 29.98 58.13 -1.35
C MET L 560 28.87 57.56 -2.24
N PRO L 561 27.67 57.09 -1.75
CA PRO L 561 26.69 56.46 -2.65
C PRO L 561 26.44 57.39 -3.86
N GLY L 562 26.63 56.87 -5.10
CA GLY L 562 26.36 57.64 -6.40
C GLY L 562 27.54 57.84 -7.38
N ARG L 563 28.78 58.07 -6.90
CA ARG L 563 29.98 58.48 -7.65
C ARG L 563 30.75 57.26 -8.14
N PHE L 564 30.92 57.13 -9.45
CA PHE L 564 31.92 56.31 -10.10
C PHE L 564 33.28 56.60 -9.46
N ASN L 574 42.02 51.54 -19.35
CA ASN L 574 41.33 50.60 -20.28
C ASN L 574 41.86 50.80 -21.71
N GLN L 575 41.30 51.78 -22.46
CA GLN L 575 41.76 51.99 -23.82
C GLN L 575 43.25 52.37 -23.76
N ASP L 576 44.00 51.77 -24.69
CA ASP L 576 45.48 51.87 -24.91
C ASP L 576 45.91 53.35 -25.01
N GLU L 577 45.21 54.14 -25.85
CA GLU L 577 45.55 55.59 -26.11
C GLU L 577 44.67 56.56 -25.31
N GLU L 578 43.58 56.09 -24.68
CA GLU L 578 42.73 56.93 -23.80
C GLU L 578 43.14 56.78 -22.34
N GLN L 579 44.18 55.98 -22.07
CA GLN L 579 44.57 55.66 -20.73
C GLN L 579 44.96 56.94 -19.95
N GLU L 580 45.73 57.83 -20.61
CA GLU L 580 46.12 59.15 -20.07
C GLU L 580 44.83 59.92 -19.69
N GLU L 581 43.84 59.91 -20.62
CA GLU L 581 42.52 60.53 -20.47
C GLU L 581 41.84 59.87 -19.28
N TYR L 582 41.99 58.54 -19.20
CA TYR L 582 41.41 57.74 -18.14
C TYR L 582 41.97 58.08 -16.73
N ILE L 583 43.30 58.20 -16.59
CA ILE L 583 43.95 58.49 -15.25
C ILE L 583 43.95 60.00 -14.96
N HIS L 584 43.65 60.80 -15.97
CA HIS L 584 43.40 62.20 -15.81
C HIS L 584 42.13 62.35 -14.99
N ASP L 585 41.16 61.47 -15.29
CA ASP L 585 39.89 61.37 -14.54
C ASP L 585 40.06 60.62 -13.20
N LEU L 586 40.82 59.49 -13.22
CA LEU L 586 40.96 58.56 -12.03
C LEU L 586 41.91 59.12 -10.94
N HIS L 587 43.12 59.60 -11.33
CA HIS L 587 44.10 60.22 -10.39
C HIS L 587 43.55 61.50 -9.72
N ARG L 588 42.90 62.37 -10.51
CA ARG L 588 42.42 63.68 -9.99
C ARG L 588 41.30 63.48 -8.97
N ARG L 589 40.39 62.51 -9.26
CA ARG L 589 39.22 62.17 -8.41
C ARG L 589 39.51 61.22 -7.22
N ILE L 590 40.28 60.14 -7.43
CA ILE L 590 40.44 59.11 -6.40
C ILE L 590 41.21 59.62 -5.16
N GLN L 591 42.28 60.39 -5.38
CA GLN L 591 43.26 60.85 -4.29
C GLN L 591 42.60 61.31 -2.98
N PRO L 592 41.62 62.27 -3.00
CA PRO L 592 41.13 62.91 -1.77
C PRO L 592 40.81 61.93 -0.63
N PHE L 593 39.96 60.97 -0.99
CA PHE L 593 39.49 59.92 -0.16
C PHE L 593 40.41 58.75 -0.49
N ILE L 594 41.66 58.92 -0.12
CA ILE L 594 42.68 58.00 -0.27
C ILE L 594 43.87 58.59 0.47
N LEU L 595 44.79 57.73 0.94
CA LEU L 595 46.10 58.07 1.57
C LEU L 595 47.16 57.14 1.01
N ARG L 596 48.24 57.54 0.33
CA ARG L 596 49.27 56.46 -0.01
C ARG L 596 50.55 56.98 0.60
N ARG L 597 51.11 56.21 1.54
CA ARG L 597 52.37 56.59 2.14
C ARG L 597 53.22 55.35 2.49
N LEU L 598 54.49 55.33 2.03
CA LEU L 598 55.49 54.20 2.19
C LEU L 598 56.01 54.05 3.64
N LYS L 599 56.80 53.00 3.95
CA LYS L 599 57.40 52.95 5.26
C LYS L 599 58.31 54.14 5.51
N LYS L 600 59.33 54.35 4.67
CA LYS L 600 60.28 55.48 4.85
C LYS L 600 59.95 56.22 6.15
N ASP L 601 59.64 55.48 7.21
CA ASP L 601 59.30 56.09 8.53
C ASP L 601 59.40 55.03 9.63
N VAL L 602 60.02 55.40 10.76
CA VAL L 602 60.18 54.51 11.95
C VAL L 602 60.87 53.20 11.54
N GLU L 603 61.14 53.01 10.25
CA GLU L 603 61.78 51.82 9.82
C GLU L 603 63.30 51.99 9.88
N LYS L 604 63.74 53.23 10.13
CA LYS L 604 65.13 53.50 10.14
C LYS L 604 65.78 52.74 11.31
N SER L 605 65.08 52.65 12.46
CA SER L 605 65.59 51.92 13.65
C SER L 605 65.43 50.40 13.47
N LEU L 606 64.22 50.01 13.07
CA LEU L 606 63.85 48.66 12.93
C LEU L 606 64.82 47.93 11.97
N PRO L 607 65.31 46.76 12.42
CA PRO L 607 66.18 45.85 11.66
C PRO L 607 65.51 45.32 10.38
N SER L 608 66.32 45.04 9.36
CA SER L 608 65.89 44.83 7.93
C SER L 608 64.98 43.62 7.58
N LYS L 609 64.29 43.83 6.44
CA LYS L 609 63.36 42.93 5.86
C LYS L 609 63.99 42.15 4.69
N THR L 610 63.56 40.90 4.43
CA THR L 610 64.19 39.96 3.39
C THR L 610 63.32 38.70 3.19
N GLU L 611 63.37 38.14 1.96
CA GLU L 611 62.58 36.97 1.58
C GLU L 611 63.32 36.17 0.51
N ARG L 612 63.39 34.85 0.68
CA ARG L 612 64.03 33.99 -0.27
C ARG L 612 63.06 32.93 -0.78
N ILE L 613 63.07 32.67 -2.10
CA ILE L 613 62.25 31.67 -2.79
C ILE L 613 62.94 30.31 -2.62
N LEU L 614 62.22 29.23 -2.92
CA LEU L 614 62.78 27.90 -2.81
C LEU L 614 62.33 27.07 -4.01
N ARG L 615 63.24 26.55 -4.82
CA ARG L 615 62.87 25.66 -5.92
C ARG L 615 63.00 24.22 -5.45
N VAL L 616 61.90 23.56 -5.11
CA VAL L 616 61.98 22.14 -4.68
C VAL L 616 61.43 21.28 -5.80
N GLU L 617 62.24 20.33 -6.30
CA GLU L 617 61.77 19.37 -7.32
C GLU L 617 61.13 18.17 -6.62
N LEU L 618 60.36 17.41 -7.41
CA LEU L 618 59.56 16.28 -6.99
C LEU L 618 60.38 15.08 -6.50
N SER L 619 59.66 14.24 -5.74
CA SER L 619 60.12 13.01 -5.06
C SER L 619 59.61 11.72 -5.75
N ASP L 620 59.77 10.63 -5.02
CA ASP L 620 59.45 9.22 -5.38
C ASP L 620 57.94 8.98 -5.36
N VAL L 621 57.36 8.95 -4.17
CA VAL L 621 55.95 8.67 -4.05
C VAL L 621 55.20 9.85 -4.65
N GLN L 622 55.87 11.03 -4.72
CA GLN L 622 55.33 12.31 -5.25
C GLN L 622 54.86 12.21 -6.71
N THR L 623 55.68 11.73 -7.63
CA THR L 623 55.28 11.74 -9.02
C THR L 623 54.07 10.81 -9.21
N GLU L 624 54.10 9.71 -8.44
CA GLU L 624 53.07 8.72 -8.48
C GLU L 624 51.72 9.44 -8.34
N TYR L 625 51.68 10.40 -7.45
CA TYR L 625 50.48 11.05 -7.23
C TYR L 625 50.51 12.45 -7.82
N TYR L 626 51.41 12.69 -8.74
CA TYR L 626 51.35 13.88 -9.52
C TYR L 626 50.92 13.52 -10.93
N LYS L 627 51.30 12.27 -11.31
CA LYS L 627 51.11 11.63 -12.58
C LYS L 627 49.80 10.84 -12.56
N ASN L 628 49.68 9.82 -11.68
CA ASN L 628 48.45 8.97 -11.63
C ASN L 628 47.21 9.78 -11.28
N ILE L 629 47.36 10.87 -10.54
CA ILE L 629 46.15 11.57 -10.12
C ILE L 629 45.50 12.30 -11.27
N LEU L 630 46.27 12.89 -12.16
CA LEU L 630 45.62 13.51 -13.30
C LEU L 630 44.86 12.48 -14.23
N THR L 631 44.69 11.22 -13.78
CA THR L 631 43.81 10.21 -14.45
C THR L 631 43.09 9.35 -13.42
N LYS L 632 42.38 8.31 -13.83
CA LYS L 632 41.69 7.48 -12.72
C LYS L 632 42.16 6.04 -12.85
N ASN L 633 43.48 5.93 -12.84
CA ASN L 633 44.12 4.65 -13.03
C ASN L 633 44.32 4.00 -11.66
N TYR L 634 45.23 4.55 -10.85
CA TYR L 634 45.53 4.06 -9.52
C TYR L 634 44.98 5.00 -8.47
N SER L 635 44.43 6.11 -8.91
CA SER L 635 43.57 6.87 -8.07
C SER L 635 42.20 6.15 -7.85
N ALA L 636 41.72 5.29 -8.76
CA ALA L 636 40.45 4.57 -8.60
C ALA L 636 40.70 3.19 -8.01
N LEU L 637 41.92 2.66 -8.07
CA LEU L 637 42.16 1.35 -7.47
C LEU L 637 42.15 1.45 -5.94
N THR L 638 42.79 2.51 -5.44
CA THR L 638 42.88 2.78 -4.01
C THR L 638 42.08 4.04 -3.76
N ALA L 639 41.12 3.97 -2.83
CA ALA L 639 40.15 5.07 -2.59
C ALA L 639 39.38 5.45 -3.88
N GLY L 640 38.98 4.48 -4.72
CA GLY L 640 38.15 4.74 -5.94
C GLY L 640 36.79 5.37 -5.69
N ALA L 641 36.09 5.02 -4.59
CA ALA L 641 34.75 5.60 -4.24
C ALA L 641 34.86 7.12 -4.03
N LYS L 642 35.85 7.59 -3.27
CA LYS L 642 36.05 9.06 -3.07
C LYS L 642 36.54 9.77 -4.36
N GLY L 643 37.30 9.10 -5.23
CA GLY L 643 37.91 9.67 -6.48
C GLY L 643 36.98 10.66 -7.14
N GLY L 644 35.70 10.28 -7.14
CA GLY L 644 34.69 10.96 -7.90
C GLY L 644 34.47 12.41 -7.52
N HIS L 645 34.43 12.69 -6.21
CA HIS L 645 34.12 14.06 -5.72
C HIS L 645 35.38 14.95 -5.70
N PHE L 646 36.54 14.36 -5.40
CA PHE L 646 37.75 15.10 -5.32
C PHE L 646 38.40 15.26 -6.68
N SER L 647 37.85 14.63 -7.73
CA SER L 647 38.51 14.54 -8.97
C SER L 647 38.83 15.95 -9.50
N LEU L 648 37.87 16.91 -9.44
CA LEU L 648 38.16 18.32 -9.82
C LEU L 648 38.92 19.04 -8.72
N LEU L 649 38.59 18.67 -7.48
CA LEU L 649 39.24 19.30 -6.32
C LEU L 649 40.76 19.17 -6.49
N ASN L 650 41.15 17.94 -6.86
CA ASN L 650 42.54 17.54 -7.02
C ASN L 650 43.19 18.32 -8.18
N ILE L 651 42.46 18.64 -9.28
CA ILE L 651 42.97 19.24 -10.60
C ILE L 651 43.62 20.62 -10.44
N MET L 652 42.82 21.63 -10.08
CA MET L 652 43.35 23.09 -10.21
C MET L 652 43.28 23.74 -8.84
N ASN L 653 42.49 23.19 -7.90
CA ASN L 653 42.39 23.64 -6.49
C ASN L 653 42.86 22.57 -5.49
N GLU L 654 43.62 21.58 -5.99
CA GLU L 654 44.30 20.61 -5.14
C GLU L 654 45.73 20.44 -5.67
N LEU L 655 45.86 20.01 -6.91
CA LEU L 655 47.14 19.77 -7.43
C LEU L 655 47.97 20.92 -6.97
N LYS L 656 47.39 22.12 -7.08
CA LYS L 656 48.07 23.32 -6.60
C LYS L 656 48.45 23.21 -5.15
N LYS L 657 47.54 22.65 -4.36
CA LYS L 657 47.71 22.53 -2.97
C LYS L 657 48.34 21.18 -2.62
N ALA L 658 48.12 20.15 -3.45
CA ALA L 658 48.62 18.83 -3.20
C ALA L 658 49.70 18.50 -4.24
N SER L 659 50.59 19.47 -4.54
CA SER L 659 51.67 19.30 -5.57
C SER L 659 53.01 19.16 -4.87
N ASN L 660 53.22 20.02 -3.89
CA ASN L 660 54.38 20.01 -3.10
C ASN L 660 54.29 18.86 -2.09
N HIS L 661 53.13 18.73 -1.43
CA HIS L 661 52.93 17.66 -0.41
C HIS L 661 51.75 16.76 -0.82
N PRO L 662 51.96 15.46 -1.07
CA PRO L 662 50.88 14.54 -1.45
C PRO L 662 50.13 14.04 -0.20
N TYR L 663 50.75 14.22 0.98
CA TYR L 663 50.13 13.77 2.26
C TYR L 663 48.96 14.70 2.61
N LEU L 664 47.79 14.43 2.03
CA LEU L 664 46.57 15.25 2.29
C LEU L 664 45.33 14.42 1.99
N PHE L 665 45.50 13.09 1.85
CA PHE L 665 44.38 12.17 1.56
C PHE L 665 44.67 10.97 2.46
N ASP L 666 44.11 9.80 2.10
CA ASP L 666 44.31 8.58 2.88
C ASP L 666 45.44 7.62 2.45
N ASN L 667 45.49 7.24 1.16
CA ASN L 667 46.36 6.14 0.65
C ASN L 667 47.77 6.71 0.33
N ALA L 668 48.35 7.45 1.29
CA ALA L 668 49.67 8.13 1.18
C ALA L 668 50.62 7.68 2.33
N GLU L 669 50.21 7.73 3.63
CA GLU L 669 51.06 7.41 4.86
C GLU L 669 51.99 6.18 4.74
N GLU L 670 51.46 4.99 4.39
CA GLU L 670 52.28 3.75 4.34
C GLU L 670 52.95 3.61 2.96
N ARG L 671 52.59 4.46 2.00
CA ARG L 671 53.00 4.34 0.62
C ARG L 671 54.52 4.48 0.51
N VAL L 672 55.07 5.40 1.30
CA VAL L 672 56.52 5.69 1.26
C VAL L 672 57.32 4.97 2.37
N LEU L 673 56.64 4.65 3.48
CA LEU L 673 57.20 3.80 4.47
C LEU L 673 57.17 2.40 3.89
N GLN L 674 58.34 1.79 3.73
CA GLN L 674 58.51 0.53 2.94
C GLN L 674 58.44 -0.74 3.81
N LYS L 675 58.16 -0.59 5.10
CA LYS L 675 58.02 -1.71 6.02
C LYS L 675 56.57 -1.84 6.53
N PHE L 676 56.30 -3.01 7.12
CA PHE L 676 54.99 -3.42 7.68
C PHE L 676 54.15 -2.20 8.11
N MET L 681 57.00 -0.66 18.52
CA MET L 681 56.76 0.17 17.35
C MET L 681 57.96 1.10 17.10
N THR L 682 58.35 1.22 15.81
CA THR L 682 59.42 2.09 15.34
C THR L 682 59.08 3.54 15.68
N ARG L 683 60.11 4.30 15.99
CA ARG L 683 59.90 5.70 16.32
C ARG L 683 60.81 6.55 15.44
N GLU L 684 62.05 6.11 15.29
CA GLU L 684 63.03 6.71 14.42
C GLU L 684 62.55 6.71 12.98
N ASN L 685 61.99 5.57 12.53
CA ASN L 685 61.65 5.40 11.12
C ASN L 685 60.49 6.33 10.73
N VAL L 686 59.45 6.40 11.57
CA VAL L 686 58.28 7.25 11.29
C VAL L 686 58.72 8.70 11.10
N LEU L 687 59.63 9.14 11.96
CA LEU L 687 60.15 10.49 11.91
C LEU L 687 60.94 10.70 10.61
N ARG L 688 61.77 9.72 10.31
CA ARG L 688 62.56 9.72 9.08
C ARG L 688 61.68 9.55 7.84
N GLY L 689 60.67 8.68 7.91
CA GLY L 689 59.81 8.39 6.78
C GLY L 689 58.97 9.60 6.37
N LEU L 690 58.54 10.39 7.36
CA LEU L 690 57.73 11.58 7.14
C LEU L 690 58.57 12.77 6.67
N ILE L 691 59.76 12.94 7.21
CA ILE L 691 60.60 14.01 6.77
C ILE L 691 61.01 13.80 5.31
N MET L 692 61.25 12.54 4.98
CA MET L 692 61.78 12.19 3.69
C MET L 692 60.85 12.44 2.49
N SER L 693 59.54 12.12 2.56
CA SER L 693 58.71 12.08 1.34
C SER L 693 58.73 13.39 0.51
N SER L 694 58.84 14.52 1.22
CA SER L 694 58.68 15.89 0.70
C SER L 694 60.00 16.59 0.48
N GLY L 695 60.05 17.46 -0.55
CA GLY L 695 61.22 18.26 -0.79
C GLY L 695 61.31 19.34 0.29
N LYS L 696 60.13 19.85 0.55
CA LYS L 696 59.96 20.90 1.50
C LYS L 696 60.25 20.52 2.97
N MET L 697 59.94 19.28 3.37
CA MET L 697 60.07 18.89 4.81
C MET L 697 61.53 18.84 5.25
N VAL L 698 62.37 18.29 4.37
CA VAL L 698 63.80 18.23 4.58
C VAL L 698 64.42 19.63 4.58
N LEU L 699 64.07 20.42 3.56
CA LEU L 699 64.58 21.77 3.37
C LEU L 699 64.27 22.63 4.59
N LEU L 700 63.05 22.49 5.08
CA LEU L 700 62.65 23.15 6.31
C LEU L 700 63.38 22.61 7.56
N ASP L 701 63.57 21.29 7.66
CA ASP L 701 64.18 20.65 8.82
C ASP L 701 65.63 21.12 9.00
N GLN L 702 66.36 21.20 7.88
CA GLN L 702 67.79 21.63 7.88
C GLN L 702 67.96 23.13 8.16
N LEU L 703 67.19 24.02 7.49
CA LEU L 703 67.25 25.49 7.73
C LEU L 703 66.88 25.81 9.15
N LEU L 704 65.83 25.13 9.60
CA LEU L 704 65.39 25.30 10.93
C LEU L 704 66.55 24.98 11.88
N THR L 705 67.28 23.87 11.60
CA THR L 705 68.38 23.42 12.40
C THR L 705 69.50 24.44 12.28
N ARG L 706 69.64 24.94 11.04
CA ARG L 706 70.72 25.85 10.66
C ARG L 706 70.64 27.13 11.50
N LEU L 707 69.46 27.75 11.58
CA LEU L 707 69.27 28.93 12.42
C LEU L 707 69.20 28.47 13.88
N LYS L 708 68.67 27.25 14.11
CA LYS L 708 68.46 26.73 15.48
C LYS L 708 69.67 27.04 16.37
N LYS L 709 70.87 26.76 15.86
CA LYS L 709 72.03 26.85 16.72
C LYS L 709 72.53 28.29 16.81
N ASP L 710 72.06 29.13 15.85
CA ASP L 710 72.48 30.57 15.69
C ASP L 710 71.54 31.43 16.53
N GLY L 711 70.24 31.14 16.45
CA GLY L 711 69.24 31.73 17.29
C GLY L 711 68.45 32.75 16.52
N HIS L 712 67.36 32.23 15.95
CA HIS L 712 66.39 32.94 15.24
C HIS L 712 65.05 32.25 15.59
N ARG L 713 63.97 33.01 15.63
CA ARG L 713 62.68 32.50 15.92
C ARG L 713 61.99 32.33 14.58
N VAL L 714 61.49 31.13 14.33
CA VAL L 714 60.97 30.82 13.06
C VAL L 714 59.45 30.64 13.00
N LEU L 715 58.87 31.17 11.92
CA LEU L 715 57.45 31.07 11.65
C LEU L 715 57.10 30.26 10.36
N ILE L 716 56.05 29.44 10.51
CA ILE L 716 55.49 28.61 9.47
C ILE L 716 54.06 29.03 9.19
N PHE L 717 53.81 29.61 8.02
CA PHE L 717 52.45 29.90 7.56
C PHE L 717 52.00 28.87 6.50
N SER L 718 51.08 27.96 6.88
CA SER L 718 50.45 26.87 6.05
C SER L 718 48.98 27.18 5.71
N GLN L 719 48.54 26.79 4.49
CA GLN L 719 47.21 27.16 4.03
C GLN L 719 46.10 26.28 4.64
N MET L 720 46.47 25.07 4.94
CA MET L 720 45.59 24.07 5.35
C MET L 720 45.67 23.70 6.82
N VAL L 721 44.51 23.70 7.44
CA VAL L 721 44.33 23.35 8.86
C VAL L 721 45.19 22.16 9.32
N ARG L 722 45.12 21.07 8.57
CA ARG L 722 45.62 19.79 8.98
C ARG L 722 47.15 19.77 9.02
N MET L 723 47.80 20.47 8.05
CA MET L 723 49.25 20.50 7.91
C MET L 723 49.80 20.89 9.25
N LEU L 724 49.05 21.79 9.86
CA LEU L 724 49.42 22.31 11.09
C LEU L 724 49.39 21.20 12.18
N ASP L 725 48.40 20.27 12.25
CA ASP L 725 48.48 19.04 13.17
C ASP L 725 49.63 18.12 12.77
N ILE L 726 49.80 18.06 11.45
CA ILE L 726 50.79 17.19 10.95
C ILE L 726 52.11 17.52 11.65
N LEU L 727 52.51 18.82 11.54
CA LEU L 727 53.73 19.29 12.14
C LEU L 727 53.56 19.11 13.65
N GLY L 728 52.32 19.26 14.17
CA GLY L 728 52.05 19.19 15.65
C GLY L 728 52.49 17.87 16.18
N ASP L 729 52.28 16.89 15.33
CA ASP L 729 52.74 15.61 15.63
C ASP L 729 54.29 15.41 15.62
N TYR L 730 55.02 16.00 14.68
CA TYR L 730 56.56 15.83 14.47
C TYR L 730 57.44 16.69 15.37
N LEU L 731 57.16 17.97 15.54
CA LEU L 731 58.05 18.80 16.26
C LEU L 731 58.12 18.45 17.76
N SER L 732 56.98 18.01 18.35
CA SER L 732 56.94 17.59 19.75
C SER L 732 57.87 16.40 19.94
N ILE L 733 57.84 15.52 18.96
CA ILE L 733 58.56 14.28 19.01
C ILE L 733 60.05 14.55 19.13
N LYS L 734 60.54 15.55 18.37
CA LYS L 734 61.97 15.87 18.29
C LYS L 734 62.34 16.93 19.35
N GLY L 735 61.36 17.34 20.19
CA GLY L 735 61.52 18.17 21.46
C GLY L 735 61.68 19.69 21.29
N ILE L 736 60.92 20.36 20.41
CA ILE L 736 61.03 21.80 20.30
C ILE L 736 59.75 22.40 20.87
N ASN L 737 59.89 23.29 21.85
CA ASN L 737 58.67 23.85 22.43
C ASN L 737 57.98 24.81 21.43
N PHE L 738 56.64 24.65 21.27
CA PHE L 738 55.77 25.36 20.28
C PHE L 738 54.37 25.55 20.86
N GLN L 739 53.55 26.37 20.17
CA GLN L 739 52.05 26.42 20.25
C GLN L 739 51.47 26.66 18.83
N ARG L 740 50.25 26.18 18.52
CA ARG L 740 49.59 26.32 17.17
C ARG L 740 48.59 27.47 17.19
N LEU L 741 48.36 28.02 16.00
CA LEU L 741 47.46 29.15 15.85
C LEU L 741 46.46 28.88 14.72
N ASP L 742 45.35 28.22 15.07
CA ASP L 742 44.37 27.77 14.08
C ASP L 742 43.13 28.70 14.04
N GLY L 743 42.12 28.28 13.25
CA GLY L 743 40.86 28.87 13.14
C GLY L 743 39.88 28.35 14.16
N THR L 744 40.29 27.68 15.25
CA THR L 744 39.33 26.94 16.11
C THR L 744 39.45 27.30 17.61
N VAL L 745 39.76 28.57 17.99
CA VAL L 745 40.20 28.77 19.38
C VAL L 745 39.47 29.91 20.09
N PRO L 746 39.01 29.65 21.34
CA PRO L 746 38.39 30.68 22.16
C PRO L 746 39.26 31.94 22.38
N SER L 747 38.60 33.09 22.31
CA SER L 747 39.23 34.42 22.49
C SER L 747 40.20 34.43 23.69
N ALA L 748 39.76 33.84 24.81
CA ALA L 748 40.56 33.78 26.03
C ALA L 748 41.85 32.96 25.83
N GLN L 749 41.73 31.86 25.10
CA GLN L 749 42.82 30.90 24.92
C GLN L 749 43.80 31.50 23.89
N ARG L 750 43.24 32.10 22.81
CA ARG L 750 44.01 32.81 21.74
C ARG L 750 44.89 33.88 22.38
N ARG L 751 44.28 34.61 23.32
CA ARG L 751 44.97 35.74 23.91
C ARG L 751 46.15 35.29 24.78
N ILE L 752 45.98 34.21 25.57
CA ILE L 752 46.99 33.73 26.56
C ILE L 752 48.35 33.45 25.92
N SER L 753 48.35 32.73 24.80
CA SER L 753 49.58 32.30 24.23
C SER L 753 50.31 33.44 23.49
N ILE L 754 49.53 34.31 22.79
CA ILE L 754 50.10 35.42 21.97
C ILE L 754 51.02 36.26 22.85
N ASP L 755 50.57 36.54 24.05
CA ASP L 755 51.37 37.24 25.03
C ASP L 755 52.53 36.40 25.56
N HIS L 756 52.28 35.11 25.84
CA HIS L 756 53.29 34.19 26.38
C HIS L 756 54.47 34.22 25.43
N PHE L 757 54.14 34.35 24.16
CA PHE L 757 55.15 34.40 23.15
C PHE L 757 56.00 35.68 23.06
N ASN L 758 55.44 36.87 23.25
CA ASN L 758 56.20 38.06 23.04
C ASN L 758 56.89 38.53 24.32
N SER L 759 56.62 37.86 25.45
CA SER L 759 57.34 38.10 26.74
C SER L 759 58.86 37.98 26.57
N PRO L 760 59.70 38.73 27.33
CA PRO L 760 61.16 38.68 27.13
C PRO L 760 61.84 37.30 27.12
N ASP L 761 61.45 36.34 27.99
CA ASP L 761 62.15 35.08 28.14
C ASP L 761 61.23 33.87 27.89
N SER L 762 60.90 33.71 26.60
CA SER L 762 60.06 32.61 26.10
C SER L 762 60.93 31.66 25.26
N ASN L 763 60.83 30.36 25.53
CA ASN L 763 61.69 29.35 24.97
C ASN L 763 61.35 29.05 23.49
N ASP L 764 60.07 29.12 23.13
CA ASP L 764 59.65 28.62 21.86
C ASP L 764 59.97 29.63 20.78
N PHE L 765 60.86 29.23 19.90
CA PHE L 765 61.14 30.04 18.73
C PHE L 765 60.34 29.54 17.53
N VAL L 766 59.54 28.48 17.70
CA VAL L 766 58.72 27.95 16.66
C VAL L 766 57.26 28.20 17.00
N PHE L 767 56.62 28.85 16.04
CA PHE L 767 55.30 29.21 16.12
C PHE L 767 54.69 29.02 14.73
N LEU L 768 53.60 28.26 14.60
CA LEU L 768 52.93 28.03 13.31
C LEU L 768 51.56 28.72 13.30
N LEU L 769 51.24 29.37 12.17
CA LEU L 769 50.04 30.24 11.92
C LEU L 769 49.33 29.93 10.59
N SER L 770 48.11 30.50 10.42
CA SER L 770 47.14 30.35 9.23
C SER L 770 47.25 31.48 8.16
N THR L 771 46.61 31.36 6.99
CA THR L 771 46.73 32.51 6.01
C THR L 771 45.78 33.61 6.42
N ARG L 772 44.48 33.28 6.50
CA ARG L 772 43.34 34.10 6.95
C ARG L 772 43.26 34.10 8.52
N ALA L 773 43.52 32.96 9.15
CA ALA L 773 43.51 32.79 10.61
C ALA L 773 44.78 33.40 11.23
N GLY L 774 45.90 33.26 10.49
CA GLY L 774 47.26 33.83 10.86
C GLY L 774 47.37 35.35 10.72
N GLY L 775 46.91 35.87 9.58
CA GLY L 775 46.99 37.27 9.17
C GLY L 775 45.73 37.95 9.60
N LEU L 776 44.89 37.16 10.28
CA LEU L 776 43.63 37.62 10.81
C LEU L 776 43.77 39.03 11.42
N GLY L 777 44.79 39.19 12.27
CA GLY L 777 45.07 40.38 13.05
C GLY L 777 46.18 40.06 14.00
N ILE L 778 46.48 40.91 14.97
CA ILE L 778 47.54 40.67 15.94
C ILE L 778 48.82 41.23 15.32
N ASN L 779 49.86 41.16 16.14
CA ASN L 779 51.24 41.39 15.77
C ASN L 779 52.20 40.47 16.58
N LEU L 780 53.32 40.11 15.94
CA LEU L 780 54.41 39.34 16.51
C LEU L 780 55.65 40.25 16.44
N MET L 781 56.22 40.64 17.59
CA MET L 781 57.36 41.62 17.64
C MET L 781 58.68 40.96 17.97
N THR L 782 58.61 39.78 18.59
CA THR L 782 59.81 39.00 18.92
C THR L 782 60.39 38.25 17.70
N ALA L 783 59.49 37.70 16.90
CA ALA L 783 59.79 36.85 15.69
C ALA L 783 60.70 37.56 14.63
N ASP L 784 61.70 36.85 14.04
CA ASP L 784 62.48 37.32 12.77
C ASP L 784 62.17 36.49 11.50
N THR L 785 62.16 35.15 11.56
CA THR L 785 61.96 34.36 10.39
C THR L 785 60.56 33.80 10.18
N VAL L 786 60.11 33.87 8.93
CA VAL L 786 58.85 33.38 8.44
C VAL L 786 59.04 32.61 7.14
N VAL L 787 58.50 31.39 7.10
CA VAL L 787 58.67 30.51 6.00
C VAL L 787 57.30 30.15 5.40
N ILE L 788 57.18 30.15 4.07
CA ILE L 788 55.95 29.79 3.30
C ILE L 788 56.10 28.43 2.63
N PHE L 789 55.21 27.49 3.00
CA PHE L 789 54.99 26.19 2.35
C PHE L 789 54.40 26.36 0.94
N ASP L 790 53.28 27.05 0.79
CA ASP L 790 52.77 27.26 -0.59
C ASP L 790 52.15 28.63 -0.70
N SER L 791 52.17 29.23 -1.90
CA SER L 791 51.59 30.54 -2.06
C SER L 791 50.09 30.36 -1.81
N ASP L 792 49.43 31.39 -1.24
CA ASP L 792 48.03 31.35 -0.57
C ASP L 792 46.87 31.66 -1.55
N TRP L 793 47.05 31.08 -2.75
CA TRP L 793 46.24 31.11 -3.94
C TRP L 793 45.96 32.57 -4.22
N ASN L 794 46.99 33.41 -4.37
CA ASN L 794 46.73 34.79 -4.50
C ASN L 794 47.93 35.62 -4.10
N PRO L 795 48.08 36.80 -4.74
CA PRO L 795 49.10 37.80 -4.38
C PRO L 795 48.68 38.57 -3.11
N GLN L 796 49.60 38.93 -2.23
CA GLN L 796 49.23 39.78 -1.09
C GLN L 796 48.66 39.04 0.17
N ALA L 797 48.06 37.84 0.14
CA ALA L 797 47.64 37.15 1.48
C ALA L 797 48.86 36.83 2.34
N ASP L 798 49.91 36.51 1.61
CA ASP L 798 51.30 36.45 2.10
C ASP L 798 51.92 37.81 2.57
N LEU L 799 51.67 38.87 1.82
CA LEU L 799 52.24 40.14 2.14
C LEU L 799 51.80 40.63 3.53
N GLN L 800 50.52 40.52 3.82
CA GLN L 800 50.12 40.69 5.27
C GLN L 800 50.65 39.54 6.16
N ALA L 801 50.64 38.29 5.65
CA ALA L 801 51.07 37.10 6.44
C ALA L 801 52.43 37.35 7.08
N MET L 802 53.34 37.97 6.32
CA MET L 802 54.60 38.50 6.85
C MET L 802 54.44 39.83 7.64
N ALA L 803 53.30 40.50 7.44
CA ALA L 803 53.11 41.77 8.10
C ALA L 803 53.00 41.54 9.63
N ARG L 804 52.44 40.41 10.07
CA ARG L 804 52.24 40.12 11.51
C ARG L 804 53.55 39.99 12.27
N ALA L 805 54.56 39.51 11.55
CA ALA L 805 55.86 39.35 12.11
C ALA L 805 56.76 40.57 11.74
N HIS L 806 56.70 41.05 10.50
CA HIS L 806 57.51 42.17 10.22
C HIS L 806 56.80 43.46 10.54
N ARG L 807 57.04 43.93 11.78
CA ARG L 807 56.45 45.20 12.30
C ARG L 807 57.51 46.19 12.84
N ILE L 808 57.06 47.37 13.27
CA ILE L 808 57.93 48.52 13.66
C ILE L 808 58.91 48.10 14.76
N GLY L 809 58.44 47.32 15.73
CA GLY L 809 59.25 46.88 16.87
C GLY L 809 60.48 46.05 16.51
N GLN L 810 60.29 44.99 15.70
CA GLN L 810 61.29 43.95 15.46
C GLN L 810 62.65 44.63 15.26
N LYS L 811 63.63 44.18 16.05
CA LYS L 811 65.00 44.67 16.13
C LYS L 811 65.99 43.61 15.58
N ASN L 812 65.50 42.59 14.85
CA ASN L 812 66.32 41.46 14.38
C ASN L 812 66.23 41.26 12.87
N HIS L 813 66.25 42.39 12.15
CA HIS L 813 66.12 42.40 10.67
C HIS L 813 64.81 41.67 10.33
N VAL L 814 64.87 40.73 9.39
CA VAL L 814 63.77 39.96 9.02
C VAL L 814 64.24 38.93 8.01
N MET L 815 63.48 37.84 7.90
CA MET L 815 63.88 36.75 7.02
C MET L 815 62.65 36.01 6.48
N VAL L 816 62.59 35.72 5.17
CA VAL L 816 61.38 35.10 4.55
C VAL L 816 61.73 34.09 3.48
N TYR L 817 61.12 32.92 3.60
CA TYR L 817 61.37 31.91 2.68
C TYR L 817 60.06 31.45 2.08
N ARG L 818 60.02 31.39 0.73
CA ARG L 818 58.90 30.89 -0.08
C ARG L 818 59.32 29.61 -0.79
N LEU L 819 58.60 28.51 -0.48
CA LEU L 819 58.91 27.19 -1.03
C LEU L 819 58.20 26.99 -2.36
N VAL L 820 58.72 27.60 -3.44
CA VAL L 820 58.17 27.48 -4.77
C VAL L 820 58.45 26.09 -5.35
N SER L 821 57.41 25.31 -5.55
CA SER L 821 57.52 23.97 -6.17
C SER L 821 57.91 24.11 -7.66
N LYS L 822 58.73 23.16 -8.16
CA LYS L 822 59.15 23.11 -9.58
C LYS L 822 58.41 21.97 -10.34
N ASP L 823 58.12 22.24 -11.63
CA ASP L 823 57.44 21.29 -12.54
C ASP L 823 56.11 20.75 -11.96
N THR L 824 55.29 21.73 -11.64
CA THR L 824 54.03 21.54 -10.97
C THR L 824 53.10 22.66 -11.42
N VAL L 825 52.01 22.78 -10.68
CA VAL L 825 51.00 23.71 -10.95
C VAL L 825 51.12 24.94 -10.04
N GLU L 826 51.98 24.87 -9.03
CA GLU L 826 52.20 25.95 -8.14
C GLU L 826 52.74 27.14 -8.97
N GLU L 827 53.58 26.81 -9.94
CA GLU L 827 54.33 27.77 -10.75
C GLU L 827 53.42 28.80 -11.45
N GLU L 828 52.36 28.28 -12.04
CA GLU L 828 51.53 29.09 -12.90
C GLU L 828 50.79 30.19 -12.11
N VAL L 829 50.14 29.81 -10.98
CA VAL L 829 49.40 30.75 -10.20
C VAL L 829 50.39 31.79 -9.77
N LEU L 830 51.58 31.32 -9.43
CA LEU L 830 52.55 32.22 -8.96
C LEU L 830 52.72 33.32 -10.02
N GLU L 831 52.72 32.91 -11.28
CA GLU L 831 52.73 33.86 -12.39
C GLU L 831 51.48 34.73 -12.56
N ARG L 832 50.30 34.14 -12.45
CA ARG L 832 49.03 34.91 -12.45
C ARG L 832 49.04 35.89 -11.25
N ALA L 833 49.57 35.39 -10.13
CA ALA L 833 49.60 36.16 -8.92
C ALA L 833 50.31 37.46 -9.25
N ARG L 834 51.40 37.30 -10.01
CA ARG L 834 52.19 38.42 -10.50
C ARG L 834 51.33 39.30 -11.39
N LYS L 835 50.56 38.67 -12.27
CA LYS L 835 49.72 39.41 -13.14
C LYS L 835 48.77 40.24 -12.27
N LYS L 836 48.35 39.65 -11.16
CA LYS L 836 47.38 40.29 -10.28
C LYS L 836 47.90 41.56 -9.58
N MET L 837 49.16 41.53 -9.20
CA MET L 837 49.74 42.59 -8.38
C MET L 837 50.57 43.53 -9.27
N ILE L 838 50.54 43.32 -10.61
CA ILE L 838 51.26 44.17 -11.57
C ILE L 838 50.94 45.64 -11.26
N LEU L 839 49.65 45.98 -11.14
CA LEU L 839 49.26 47.34 -10.76
C LEU L 839 48.98 47.31 -9.27
N GLU L 840 49.50 48.32 -8.56
CA GLU L 840 49.20 48.53 -7.18
C GLU L 840 49.28 50.04 -7.03
N TYR L 841 48.15 50.75 -7.11
CA TYR L 841 48.13 52.25 -6.99
C TYR L 841 47.30 52.58 -5.74
N ASP L 1006 23.61 83.38 25.24
CA ASP L 1006 22.95 83.54 23.91
C ASP L 1006 21.56 82.90 23.96
N MET L 1007 21.27 82.14 25.03
CA MET L 1007 19.95 81.47 25.18
C MET L 1007 18.98 82.41 25.90
N ASP L 1008 18.64 83.54 25.27
CA ASP L 1008 17.71 84.53 25.87
C ASP L 1008 18.19 84.90 27.28
N SER L 1009 17.27 84.83 28.26
CA SER L 1009 17.61 85.15 29.67
C SER L 1009 17.23 83.97 30.57
N ILE L 1010 17.58 84.06 31.87
CA ILE L 1010 17.26 82.97 32.84
C ILE L 1010 15.83 83.19 33.36
N GLY L 1011 14.98 82.17 33.20
CA GLY L 1011 13.58 82.24 33.67
C GLY L 1011 13.46 81.94 35.15
N GLU L 1012 12.27 82.17 35.72
CA GLU L 1012 12.03 81.90 37.15
C GLU L 1012 12.44 80.49 37.65
N SER L 1013 12.13 79.46 36.89
CA SER L 1013 12.40 78.06 37.29
C SER L 1013 13.90 77.84 37.46
N GLU L 1014 14.72 78.37 36.56
CA GLU L 1014 16.17 78.34 36.74
C GLU L 1014 16.57 79.13 38.02
N VAL L 1015 15.86 80.23 38.22
CA VAL L 1015 16.10 81.07 39.40
C VAL L 1015 15.69 80.24 40.61
N ARG L 1016 14.66 79.37 40.45
CA ARG L 1016 14.25 78.35 41.48
CA ARG L 1016 14.26 78.35 41.48
C ARG L 1016 15.34 77.26 41.65
N ALA L 1017 16.01 76.93 40.55
CA ALA L 1017 17.14 75.97 40.50
C ALA L 1017 18.40 76.50 41.16
N LEU L 1018 18.77 77.75 40.91
CA LEU L 1018 20.01 78.34 41.36
C LEU L 1018 20.01 78.56 42.88
N TYR L 1019 18.87 78.91 43.46
CA TYR L 1019 18.77 79.31 44.84
C TYR L 1019 19.03 78.12 45.75
N LYS L 1020 18.38 76.99 45.43
CA LYS L 1020 18.60 75.75 46.17
C LYS L 1020 20.06 75.28 46.08
N ALA L 1021 20.68 75.39 44.90
CA ALA L 1021 22.05 74.94 44.72
C ALA L 1021 23.04 75.70 45.63
N ILE L 1022 22.79 77.00 45.84
CA ILE L 1022 23.64 77.82 46.73
C ILE L 1022 23.56 77.33 48.17
N LEU L 1023 22.34 77.04 48.68
CA LEU L 1023 22.22 76.54 50.03
C LEU L 1023 22.96 75.22 50.21
N LYS L 1024 23.05 74.46 49.14
CA LYS L 1024 23.69 73.14 49.10
C LYS L 1024 25.19 73.21 48.86
N PHE L 1025 25.65 74.07 47.97
CA PHE L 1025 27.09 74.09 47.63
C PHE L 1025 27.83 75.40 48.00
N GLY L 1026 27.08 76.46 48.40
CA GLY L 1026 27.69 77.73 48.62
C GLY L 1026 28.12 78.30 47.28
N ASN L 1027 29.18 79.08 47.29
CA ASN L 1027 29.59 79.78 46.07
C ASN L 1027 29.68 78.70 45.03
N LEU L 1028 28.95 78.89 43.93
CA LEU L 1028 28.88 77.88 42.89
C LEU L 1028 29.50 78.37 41.56
N LYS L 1029 30.19 79.51 41.58
CA LYS L 1029 30.72 80.09 40.34
C LYS L 1029 31.77 79.13 39.71
N GLU L 1030 32.57 78.49 40.57
CA GLU L 1030 33.58 77.54 40.10
C GLU L 1030 32.98 76.29 39.41
N ILE L 1031 31.79 75.85 39.83
CA ILE L 1031 31.28 74.51 39.45
C ILE L 1031 30.33 74.56 38.25
N LEU L 1032 30.40 75.63 37.46
CA LEU L 1032 29.36 75.90 36.44
C LEU L 1032 28.99 74.74 35.50
N ASP L 1033 29.95 74.08 34.84
CA ASP L 1033 29.63 73.04 33.89
C ASP L 1033 29.11 71.72 34.46
N GLU L 1034 29.71 71.21 35.54
CA GLU L 1034 29.30 69.96 36.17
C GLU L 1034 27.79 69.86 36.41
N LEU L 1035 27.16 70.94 36.91
CA LEU L 1035 25.73 71.00 37.13
C LEU L 1035 24.89 71.00 35.84
N ILE L 1036 25.34 71.72 34.83
CA ILE L 1036 24.67 71.83 33.56
C ILE L 1036 24.65 70.45 32.86
N ALA L 1037 25.78 69.72 32.92
CA ALA L 1037 25.90 68.44 32.27
C ALA L 1037 24.77 67.49 32.69
N ASP L 1038 24.45 67.49 33.98
CA ASP L 1038 23.36 66.82 34.65
C ASP L 1038 22.19 67.80 34.86
N GLY L 1039 21.03 67.32 35.31
CA GLY L 1039 19.74 68.06 35.41
C GLY L 1039 19.71 69.51 35.93
N THR L 1040 20.55 69.86 36.89
CA THR L 1040 20.42 71.09 37.66
C THR L 1040 20.39 72.35 36.80
N LEU L 1041 21.22 72.44 35.77
CA LEU L 1041 21.16 73.70 34.96
C LEU L 1041 21.02 73.60 33.44
N PRO L 1042 20.25 74.56 32.87
CA PRO L 1042 20.18 74.74 31.43
C PRO L 1042 21.47 75.23 30.76
N VAL L 1043 21.63 75.03 29.45
CA VAL L 1043 22.87 75.56 28.81
C VAL L 1043 22.77 77.06 28.52
N LYS L 1044 23.46 77.83 29.36
CA LYS L 1044 23.65 79.27 29.18
C LYS L 1044 25.15 79.58 29.30
N SER L 1045 25.58 80.73 28.76
CA SER L 1045 26.98 81.13 28.82
C SER L 1045 27.41 81.32 30.28
N PHE L 1046 28.71 81.09 30.54
CA PHE L 1046 29.25 81.09 31.91
C PHE L 1046 28.96 82.38 32.69
N GLU L 1047 29.09 83.57 32.07
CA GLU L 1047 28.89 84.83 32.79
C GLU L 1047 27.44 85.09 33.25
N LYS L 1048 26.48 84.74 32.39
CA LYS L 1048 25.09 85.05 32.61
C LYS L 1048 24.57 84.55 33.96
N TYR L 1049 24.97 83.33 34.34
CA TYR L 1049 24.69 82.74 35.62
C TYR L 1049 25.49 83.41 36.76
N GLY L 1050 26.77 83.72 36.46
CA GLY L 1050 27.70 84.19 37.50
C GLY L 1050 27.31 85.54 38.08
N GLU L 1051 26.84 86.43 37.18
CA GLU L 1051 26.34 87.78 37.56
C GLU L 1051 25.03 87.63 38.33
N THR L 1052 24.14 86.77 37.88
CA THR L 1052 22.89 86.55 38.58
C THR L 1052 23.14 86.04 39.99
N TYR L 1053 24.09 85.11 40.10
CA TYR L 1053 24.57 84.58 41.42
C TYR L 1053 24.96 85.72 42.36
N ASP L 1054 25.77 86.67 41.91
CA ASP L 1054 26.22 87.81 42.72
C ASP L 1054 25.14 88.84 43.11
N GLU L 1055 24.29 89.31 42.18
CA GLU L 1055 23.24 90.25 42.53
C GLU L 1055 22.26 89.62 43.53
N MET L 1056 22.01 88.32 43.41
CA MET L 1056 21.10 87.58 44.25
C MET L 1056 21.48 87.69 45.74
N MET L 1057 22.76 87.55 46.08
CA MET L 1057 23.23 87.92 47.42
C MET L 1057 23.20 89.45 47.66
N GLU L 1058 23.57 90.23 46.65
CA GLU L 1058 23.58 91.68 46.78
C GLU L 1058 22.19 92.15 47.19
N ALA L 1059 21.16 91.48 46.63
CA ALA L 1059 19.78 91.71 47.05
C ALA L 1059 19.59 91.23 48.49
N ALA L 1060 20.23 90.07 48.83
CA ALA L 1060 20.14 89.45 50.14
C ALA L 1060 20.64 90.27 51.34
N LYS L 1061 21.83 90.89 51.24
CA LYS L 1061 22.36 91.69 52.31
C LYS L 1061 21.60 93.00 52.56
N ASP L 1062 21.29 93.77 51.51
CA ASP L 1062 20.63 95.06 51.64
C ASP L 1062 19.35 95.02 52.50
N CYS L 1063 18.49 94.03 52.28
CA CYS L 1063 17.31 93.84 53.09
C CYS L 1063 17.69 93.50 54.54
N VAL L 1064 18.70 92.64 54.72
CA VAL L 1064 19.16 92.21 56.02
C VAL L 1064 19.60 93.39 56.90
N HIS L 1065 20.45 94.27 56.34
CA HIS L 1065 20.93 95.45 57.08
C HIS L 1065 19.80 96.44 57.43
N GLU L 1066 18.95 96.73 56.45
CA GLU L 1066 17.90 97.74 56.60
C GLU L 1066 16.97 97.37 57.76
N GLU L 1067 16.58 96.09 57.78
CA GLU L 1067 15.75 95.59 58.88
C GLU L 1067 16.43 95.76 60.25
N GLU L 1068 17.69 95.34 60.33
CA GLU L 1068 18.46 95.43 61.60
C GLU L 1068 18.52 96.86 62.15
N LYS L 1069 18.76 97.82 61.26
CA LYS L 1069 18.85 99.24 61.59
C LYS L 1069 17.56 99.75 62.25
N ASN L 1070 16.40 99.36 61.71
CA ASN L 1070 15.13 99.84 62.17
C ASN L 1070 14.83 99.33 63.57
N ARG L 1071 15.02 98.02 63.80
CA ARG L 1071 14.82 97.48 65.15
C ARG L 1071 15.78 98.15 66.14
N LYS L 1072 17.01 98.34 65.69
CA LYS L 1072 18.07 99.00 66.45
C LYS L 1072 17.63 100.38 66.96
N GLU L 1073 16.97 101.14 66.09
CA GLU L 1073 16.48 102.47 66.43
C GLU L 1073 15.34 102.49 67.44
N ILE L 1074 14.39 101.55 67.37
CA ILE L 1074 13.34 101.38 68.30
C ILE L 1074 13.83 100.89 69.68
N LEU L 1075 14.75 99.94 69.65
CA LEU L 1075 15.30 99.31 70.86
C LEU L 1075 15.94 100.33 71.79
N GLU L 1076 16.60 101.34 71.23
CA GLU L 1076 17.17 102.47 71.95
C GLU L 1076 16.05 103.29 72.62
N LYS L 1077 14.95 103.48 71.91
CA LYS L 1077 13.82 104.25 72.40
C LYS L 1077 13.17 103.60 73.62
N LEU L 1078 12.99 102.27 73.56
CA LEU L 1078 12.41 101.54 74.71
C LEU L 1078 13.27 101.52 75.98
N GLU L 1079 14.60 101.29 75.89
CA GLU L 1079 15.46 101.35 77.05
C GLU L 1079 15.41 102.75 77.66
N LYS L 1080 15.32 103.77 76.83
CA LYS L 1080 15.22 105.17 77.28
C LYS L 1080 14.07 105.38 78.28
N HIS L 1081 12.91 104.75 78.01
CA HIS L 1081 11.81 104.71 78.89
C HIS L 1081 12.12 103.83 80.08
N ALA L 1082 12.85 102.75 79.84
CA ALA L 1082 13.07 101.67 80.80
C ALA L 1082 13.80 102.16 82.05
N THR L 1083 14.85 102.96 81.81
CA THR L 1083 15.59 103.63 82.92
C THR L 1083 14.69 104.59 83.72
N ALA L 1084 13.82 105.33 83.02
CA ALA L 1084 12.94 106.34 83.64
C ALA L 1084 12.07 105.71 84.74
N TYR L 1085 11.53 104.51 84.46
CA TYR L 1085 10.80 103.73 85.46
C TYR L 1085 11.77 103.27 86.58
N ARG L 1086 13.00 102.86 86.19
CA ARG L 1086 13.94 102.26 87.13
C ARG L 1086 14.20 103.19 88.31
N ALA L 1087 14.23 104.50 88.01
CA ALA L 1087 14.38 105.53 89.08
C ALA L 1087 13.24 105.48 90.12
N LYS L 1088 12.00 105.27 89.64
CA LYS L 1088 10.83 105.20 90.48
C LYS L 1088 10.87 103.94 91.35
N LEU L 1089 11.34 102.84 90.77
CA LEU L 1089 11.37 101.53 91.40
C LEU L 1089 12.21 101.49 92.70
N LYS L 1090 13.37 102.14 92.73
CA LYS L 1090 14.26 102.22 93.94
C LYS L 1090 13.95 103.43 94.84
N SER L 1091 13.14 104.37 94.32
CA SER L 1091 12.66 105.58 95.02
C SER L 1091 11.44 105.26 95.88
N GLY L 1092 10.68 104.21 95.46
CA GLY L 1092 9.48 103.73 96.19
C GLY L 1092 8.14 104.22 95.61
N GLU L 1093 8.14 105.13 94.62
CA GLU L 1093 6.88 105.69 94.01
C GLU L 1093 5.99 104.53 93.50
N ILE L 1094 6.62 103.58 92.79
CA ILE L 1094 6.05 102.28 92.44
C ILE L 1094 6.92 101.25 93.19
N LYS L 1095 6.29 100.29 93.85
CA LYS L 1095 7.00 99.30 94.68
C LYS L 1095 7.33 98.09 93.79
N ALA L 1096 8.40 97.36 94.11
CA ALA L 1096 8.89 96.22 93.24
C ALA L 1096 7.93 95.00 93.17
N GLU L 1097 7.32 94.59 94.31
CA GLU L 1097 6.43 93.40 94.40
C GLU L 1097 4.98 93.68 93.94
N ASN L 1098 4.67 94.94 93.57
CA ASN L 1098 3.35 95.40 93.06
C ASN L 1098 3.55 96.44 91.93
N GLN L 1099 4.00 95.95 90.77
CA GLN L 1099 4.29 96.77 89.58
C GLN L 1099 3.39 96.37 88.42
N PRO L 1100 3.06 97.32 87.51
CA PRO L 1100 1.99 97.13 86.52
C PRO L 1100 2.06 95.96 85.49
N LYS L 1101 0.91 95.38 85.14
CA LYS L 1101 0.95 94.28 84.14
C LYS L 1101 1.90 94.71 83.01
N ASP L 1102 1.48 95.72 82.26
CA ASP L 1102 2.19 96.35 81.20
C ASP L 1102 2.92 97.57 81.77
N ASN L 1103 4.23 97.62 81.49
CA ASN L 1103 5.20 98.65 81.94
C ASN L 1103 6.40 98.52 80.99
N PRO L 1104 7.35 99.48 80.86
CA PRO L 1104 8.34 99.34 79.78
C PRO L 1104 9.18 98.05 79.73
N LEU L 1105 9.52 97.49 80.89
CA LEU L 1105 10.43 96.37 80.97
C LEU L 1105 9.91 95.22 80.11
N THR L 1106 8.59 95.00 80.13
CA THR L 1106 7.93 93.91 79.37
C THR L 1106 7.90 94.21 77.86
N ARG L 1107 7.67 95.48 77.53
CA ARG L 1107 7.56 95.89 76.10
C ARG L 1107 8.91 95.67 75.43
N LEU L 1108 9.96 96.13 76.11
CA LEU L 1108 11.35 95.94 75.66
C LEU L 1108 11.71 94.47 75.41
N SER L 1109 11.34 93.58 76.32
CA SER L 1109 11.62 92.16 76.22
C SER L 1109 11.06 91.49 74.95
N LEU L 1110 9.79 91.72 74.67
CA LEU L 1110 9.17 91.12 73.47
C LEU L 1110 9.84 91.67 72.19
N LYS L 1111 10.12 92.96 72.22
CA LYS L 1111 10.72 93.68 71.09
C LYS L 1111 12.09 93.10 70.69
N LYS L 1112 12.95 92.83 71.68
CA LYS L 1112 14.27 92.25 71.41
C LYS L 1112 14.18 90.79 70.94
N ARG L 1113 13.32 90.03 71.62
CA ARG L 1113 13.11 88.59 71.29
C ARG L 1113 12.22 88.49 70.04
N GLU L 1114 12.50 89.32 69.03
CA GLU L 1114 11.72 89.31 67.77
C GLU L 1114 12.11 88.08 66.94
N LYS L 1115 11.10 87.33 66.45
CA LYS L 1115 11.36 86.12 65.63
C LYS L 1115 10.48 86.16 64.38
N LYS L 1116 11.08 86.48 63.22
CA LYS L 1116 10.34 86.55 61.94
C LYS L 1116 11.34 86.56 60.78
N ALA L 1117 11.16 85.67 59.79
CA ALA L 1117 12.05 85.60 58.66
C ALA L 1117 12.08 86.91 57.85
N VAL L 1118 13.23 87.13 57.19
CA VAL L 1118 13.58 88.31 56.41
C VAL L 1118 13.50 87.93 54.94
N LEU L 1119 12.78 88.72 54.13
CA LEU L 1119 12.36 88.31 52.82
C LEU L 1119 12.53 89.41 51.76
N PHE L 1120 12.58 88.95 50.52
CA PHE L 1120 12.65 89.81 49.34
C PHE L 1120 12.31 88.98 48.12
N ASN L 1121 12.19 89.68 46.97
CA ASN L 1121 11.87 89.08 45.68
C ASN L 1121 13.14 89.06 44.82
N PHE L 1122 13.13 88.37 43.69
CA PHE L 1122 14.29 88.34 42.83
C PHE L 1122 13.90 88.10 41.40
N LYS L 1123 12.86 88.76 40.91
CA LYS L 1123 12.39 88.60 39.51
C LYS L 1123 12.21 87.14 39.11
N GLY L 1124 11.55 86.32 39.96
CA GLY L 1124 11.36 84.91 39.67
C GLY L 1124 10.84 84.12 40.88
N VAL L 1125 11.62 84.13 41.94
CA VAL L 1125 11.25 83.39 43.14
C VAL L 1125 10.29 84.26 43.93
N LYS L 1126 9.57 83.64 44.86
CA LYS L 1126 8.70 84.30 45.81
C LYS L 1126 9.35 84.32 47.19
N SER L 1127 9.60 85.53 47.72
CA SER L 1127 10.07 85.71 49.09
C SER L 1127 11.31 84.85 49.41
N LEU L 1128 12.41 85.21 48.76
CA LEU L 1128 13.68 84.54 48.88
C LEU L 1128 14.19 84.76 50.31
N ASN L 1129 14.79 83.74 50.90
CA ASN L 1129 15.39 83.85 52.21
C ASN L 1129 16.76 84.54 52.17
N ALA L 1130 16.75 85.75 52.70
CA ALA L 1130 17.93 86.64 52.77
C ALA L 1130 19.04 86.17 53.71
N GLU L 1131 18.69 85.83 54.95
CA GLU L 1131 19.63 85.42 55.99
C GLU L 1131 20.12 83.97 55.76
N SER L 1132 19.22 83.11 55.27
CA SER L 1132 19.57 81.71 55.06
C SER L 1132 20.71 81.54 54.06
N LEU L 1133 20.67 82.28 52.93
CA LEU L 1133 21.70 82.40 51.95
C LEU L 1133 23.03 83.00 52.46
N LEU L 1134 22.98 84.09 53.20
CA LEU L 1134 24.16 84.74 53.69
C LEU L 1134 24.88 83.89 54.74
N SER L 1135 24.10 83.19 55.59
CA SER L 1135 24.66 82.37 56.68
C SER L 1135 25.45 81.12 56.24
N ARG L 1136 24.97 80.32 55.29
CA ARG L 1136 25.63 79.11 54.83
C ARG L 1136 26.79 79.40 53.86
N VAL L 1137 26.66 80.40 52.98
CA VAL L 1137 27.71 80.75 52.08
C VAL L 1137 29.04 80.96 52.81
N GLU L 1138 28.99 81.75 53.91
CA GLU L 1138 30.14 82.05 54.76
C GLU L 1138 30.70 80.92 55.66
N ASP L 1139 29.79 80.15 56.28
CA ASP L 1139 30.15 79.02 57.13
C ASP L 1139 30.86 77.91 56.38
N LEU L 1140 30.37 77.57 55.18
CA LEU L 1140 31.05 76.59 54.35
C LEU L 1140 32.38 77.14 53.83
N LYS L 1141 32.43 78.44 53.48
CA LYS L 1141 33.64 79.07 53.01
C LYS L 1141 34.75 78.87 54.07
N TYR L 1142 34.35 79.09 55.35
CA TYR L 1142 35.29 78.88 56.44
C TYR L 1142 35.79 77.44 56.64
N LEU L 1143 34.89 76.45 56.59
CA LEU L 1143 35.32 75.04 56.73
C LEU L 1143 36.21 74.60 55.53
N LYS L 1144 35.84 75.00 54.32
CA LYS L 1144 36.63 74.74 53.16
C LYS L 1144 38.03 75.33 53.28
N ASN L 1145 38.16 76.52 53.81
CA ASN L 1145 39.42 77.18 54.05
C ASN L 1145 40.37 76.51 55.08
N LEU L 1146 39.92 76.14 56.29
CA LEU L 1146 40.78 75.56 57.32
C LEU L 1146 41.35 74.15 57.02
N ILE L 1147 40.51 73.21 56.60
CA ILE L 1147 40.96 71.89 56.25
C ILE L 1147 41.87 71.91 55.02
N ASN L 1148 41.55 72.77 54.05
CA ASN L 1148 42.41 72.97 52.90
C ASN L 1148 43.85 73.30 53.31
N SER L 1149 44.06 74.13 54.37
CA SER L 1149 45.43 74.66 54.70
C SER L 1149 46.16 73.91 55.85
N ASN L 1150 45.58 72.82 56.33
CA ASN L 1150 46.13 71.98 57.35
C ASN L 1150 45.97 70.48 57.10
N TYR L 1151 44.95 70.06 56.33
CA TYR L 1151 44.65 68.66 56.13
C TYR L 1151 44.52 68.28 54.65
N LYS L 1152 45.19 69.05 53.76
CA LYS L 1152 44.97 68.97 52.36
C LYS L 1152 45.09 67.56 51.77
N ASP L 1153 46.26 66.94 51.94
CA ASP L 1153 46.57 65.70 51.26
C ASP L 1153 45.60 64.60 51.71
N ASP L 1154 45.21 64.63 52.99
CA ASP L 1154 44.22 63.66 53.49
C ASP L 1154 43.16 64.37 54.32
N PRO L 1155 41.94 64.46 53.74
CA PRO L 1155 40.79 65.06 54.45
C PRO L 1155 40.44 64.53 55.85
N LEU L 1156 40.31 63.19 56.00
CA LEU L 1156 39.74 62.54 57.15
C LEU L 1156 40.51 62.73 58.46
N LYS L 1157 41.82 62.95 58.42
CA LYS L 1157 42.55 63.05 59.68
C LYS L 1157 41.97 64.18 60.57
N PHE L 1158 41.07 64.99 59.98
CA PHE L 1158 40.52 66.16 60.61
C PHE L 1158 40.13 65.95 62.08
N SER L 1159 40.57 66.82 62.93
CA SER L 1159 40.35 66.63 64.36
C SER L 1159 39.80 67.86 65.07
N LEU L 1160 38.99 67.53 66.10
CA LEU L 1160 38.40 68.56 67.00
C LEU L 1160 39.38 69.11 68.04
N GLY L 1161 40.18 68.20 68.66
CA GLY L 1161 41.01 68.51 69.79
C GLY L 1161 40.19 68.87 71.02
N ASN L 1162 40.67 69.84 71.76
CA ASN L 1162 39.95 70.20 73.02
C ASN L 1162 38.50 70.68 72.84
N ASN L 1163 38.28 71.64 71.93
CA ASN L 1163 37.00 72.30 71.81
C ASN L 1163 35.82 71.33 71.93
N THR L 1164 34.81 71.74 72.73
CA THR L 1164 33.72 70.81 73.10
C THR L 1164 32.38 71.23 72.54
N PRO L 1165 31.86 70.39 71.61
CA PRO L 1165 30.51 70.46 71.06
C PRO L 1165 29.56 69.43 71.72
N LYS L 1166 28.28 69.77 71.79
CA LYS L 1166 27.36 69.22 72.80
C LYS L 1166 27.27 67.69 72.77
N PRO L 1167 27.17 67.05 73.94
CA PRO L 1167 26.90 65.61 73.92
C PRO L 1167 25.45 65.21 73.55
N VAL L 1168 25.34 64.10 72.84
CA VAL L 1168 24.05 63.73 72.23
C VAL L 1168 23.60 62.39 72.82
N GLN L 1169 23.44 62.37 74.15
CA GLN L 1169 23.30 61.13 74.96
C GLN L 1169 22.26 60.14 74.42
N ASN L 1170 21.07 60.62 74.07
CA ASN L 1170 19.88 59.76 73.93
C ASN L 1170 19.59 59.36 72.48
N TRP L 1171 20.50 59.69 71.56
CA TRP L 1171 20.33 59.33 70.18
C TRP L 1171 20.51 57.83 70.09
N SER L 1172 19.89 57.17 69.08
CA SER L 1172 19.66 55.73 69.15
C SER L 1172 20.99 54.94 69.24
N SER L 1173 21.97 55.43 68.49
CA SER L 1173 23.24 54.78 68.22
C SER L 1173 24.42 55.53 68.87
N ASN L 1174 25.53 54.83 68.98
CA ASN L 1174 26.78 55.47 69.46
C ASN L 1174 27.06 56.80 68.72
N TRP L 1175 27.15 57.85 69.50
CA TRP L 1175 27.53 59.19 69.07
C TRP L 1175 28.66 59.67 69.96
N THR L 1176 29.76 60.02 69.30
CA THR L 1176 30.98 60.51 70.02
C THR L 1176 31.74 61.44 69.09
N LYS L 1177 32.65 62.25 69.63
CA LYS L 1177 33.26 63.35 68.89
C LYS L 1177 33.78 62.93 67.52
N GLU L 1178 34.29 61.70 67.41
CA GLU L 1178 34.81 61.20 66.14
C GLU L 1178 33.76 61.20 65.05
N GLU L 1179 32.51 60.86 65.40
CA GLU L 1179 31.43 60.84 64.47
C GLU L 1179 31.11 62.24 63.93
N ASP L 1180 31.17 63.29 64.76
CA ASP L 1180 31.04 64.63 64.32
C ASP L 1180 32.19 64.98 63.36
N GLU L 1181 33.38 64.49 63.69
CA GLU L 1181 34.58 64.81 62.88
C GLU L 1181 34.35 64.44 61.41
N LYS L 1182 33.83 63.21 61.23
CA LYS L 1182 33.45 62.72 59.91
C LYS L 1182 32.27 63.48 59.30
N LEU L 1183 31.24 63.77 60.11
CA LEU L 1183 30.01 64.41 59.64
C LEU L 1183 30.33 65.68 58.84
N LEU L 1184 31.26 66.46 59.40
CA LEU L 1184 31.69 67.70 58.77
C LEU L 1184 32.46 67.48 57.47
N ILE L 1185 33.39 66.52 57.50
CA ILE L 1185 34.18 66.20 56.31
C ILE L 1185 33.19 65.79 55.23
N GLY L 1186 32.17 65.04 55.62
CA GLY L 1186 31.12 64.52 54.74
C GLY L 1186 30.46 65.60 53.89
N VAL L 1187 30.09 66.74 54.51
CA VAL L 1187 29.52 67.85 53.76
C VAL L 1187 30.66 68.52 52.98
N PHE L 1188 31.82 68.63 53.59
CA PHE L 1188 33.00 69.20 52.97
C PHE L 1188 33.19 68.49 51.61
N LYS L 1189 32.91 67.21 51.59
CA LYS L 1189 32.92 66.33 50.37
C LYS L 1189 31.66 66.30 49.47
N TYR L 1190 30.46 66.33 50.03
CA TYR L 1190 29.26 66.10 49.22
C TYR L 1190 28.27 67.28 49.11
N GLY L 1191 28.34 68.19 50.09
CA GLY L 1191 27.41 69.28 50.26
C GLY L 1191 26.34 69.06 51.33
N TYR L 1192 25.77 70.17 51.82
CA TYR L 1192 24.79 70.09 52.83
C TYR L 1192 23.51 69.52 52.22
N GLY L 1193 22.88 68.58 52.93
CA GLY L 1193 21.54 68.16 52.50
C GLY L 1193 21.51 66.87 51.70
N SER L 1194 22.66 66.38 51.19
CA SER L 1194 22.66 65.04 50.65
C SER L 1194 23.34 64.20 51.69
N TRP L 1195 22.56 63.37 52.40
CA TRP L 1195 23.10 62.55 53.53
C TRP L 1195 23.26 61.02 53.35
N THR L 1196 22.53 60.46 52.38
CA THR L 1196 22.73 59.07 51.97
C THR L 1196 24.13 58.87 51.36
N GLN L 1197 24.54 59.83 50.52
CA GLN L 1197 25.87 60.02 49.98
C GLN L 1197 26.91 59.83 51.11
N ILE L 1198 26.72 60.61 52.17
CA ILE L 1198 27.61 60.68 53.32
C ILE L 1198 27.56 59.38 54.14
N ARG L 1199 26.38 58.87 54.38
CA ARG L 1199 26.21 57.66 55.18
C ARG L 1199 26.80 56.41 54.51
N ASP L 1200 26.61 56.27 53.23
CA ASP L 1200 27.11 55.11 52.49
C ASP L 1200 28.66 55.08 52.32
N ASP L 1201 29.27 56.28 52.25
CA ASP L 1201 30.66 56.37 51.84
C ASP L 1201 31.46 55.30 52.59
N PRO L 1202 32.29 54.52 51.87
CA PRO L 1202 33.11 53.52 52.57
C PRO L 1202 34.14 54.11 53.54
N PHE L 1203 34.72 55.24 53.15
CA PHE L 1203 35.75 55.96 53.89
C PHE L 1203 35.22 56.57 55.22
N LEU L 1204 34.02 57.14 55.24
CA LEU L 1204 33.54 57.78 56.44
C LEU L 1204 33.33 56.83 57.66
N GLY L 1205 32.76 55.66 57.39
CA GLY L 1205 32.48 54.69 58.45
C GLY L 1205 31.32 55.04 59.34
N ILE L 1206 30.40 55.89 58.82
CA ILE L 1206 29.22 56.33 59.56
C ILE L 1206 27.95 55.52 59.22
N THR L 1207 28.08 54.45 58.44
CA THR L 1207 26.96 53.82 57.70
C THR L 1207 25.79 53.30 58.53
N ASP L 1208 26.01 52.72 59.72
CA ASP L 1208 24.88 52.21 60.52
C ASP L 1208 24.66 53.05 61.81
N LYS L 1209 25.07 54.32 61.71
CA LYS L 1209 24.79 55.32 62.73
C LYS L 1209 23.83 56.38 62.24
N ILE L 1210 23.34 56.26 60.99
CA ILE L 1210 22.36 57.18 60.42
C ILE L 1210 21.05 56.43 60.08
N PHE L 1211 19.91 57.12 60.21
CA PHE L 1211 18.62 56.54 60.06
C PHE L 1211 17.74 57.58 59.36
N LEU L 1212 17.90 57.81 58.08
CA LEU L 1212 17.10 58.82 57.39
C LEU L 1212 15.73 58.26 56.98
N LYS L 1245 11.50 56.84 65.00
CA LYS L 1245 11.86 56.36 66.36
C LYS L 1245 13.38 56.23 66.47
N LYS L 1246 14.07 56.09 65.33
CA LYS L 1246 15.54 55.95 65.30
C LYS L 1246 16.20 57.30 64.97
N VAL L 1247 17.14 57.79 65.81
CA VAL L 1247 17.71 59.12 65.62
C VAL L 1247 19.22 59.04 65.54
N PRO L 1248 19.86 59.95 64.74
CA PRO L 1248 19.26 61.12 64.06
C PRO L 1248 18.97 60.92 62.57
N GLY L 1249 17.82 61.47 62.19
CA GLY L 1249 17.34 61.55 60.85
C GLY L 1249 17.81 62.81 60.14
N ALA L 1250 17.20 63.12 59.00
CA ALA L 1250 17.72 64.18 58.12
C ALA L 1250 17.80 65.56 58.78
N ILE L 1251 16.77 65.95 59.54
CA ILE L 1251 16.81 67.28 60.14
C ILE L 1251 17.82 67.34 61.29
N HIS L 1252 17.97 66.23 62.04
CA HIS L 1252 18.82 66.16 63.21
C HIS L 1252 20.24 66.54 62.85
N LEU L 1253 20.73 66.01 61.72
CA LEU L 1253 22.02 66.43 61.19
C LEU L 1253 22.02 67.92 60.74
N GLY L 1254 20.95 68.31 60.04
CA GLY L 1254 20.79 69.66 59.53
C GLY L 1254 20.97 70.67 60.65
N ARG L 1255 20.38 70.29 61.80
CA ARG L 1255 20.49 71.00 63.11
CA ARG L 1255 20.50 71.02 63.09
C ARG L 1255 21.93 70.93 63.64
N ARG L 1256 22.53 69.78 63.44
CA ARG L 1256 23.89 69.45 63.94
C ARG L 1256 25.04 70.29 63.38
N VAL L 1257 25.10 70.49 62.05
CA VAL L 1257 26.16 71.25 61.34
C VAL L 1257 26.10 72.77 61.59
N ASP L 1258 24.93 73.41 61.40
CA ASP L 1258 24.80 74.86 61.56
C ASP L 1258 25.37 75.26 62.93
N TYR L 1259 25.08 74.46 63.96
CA TYR L 1259 25.54 74.68 65.31
C TYR L 1259 27.07 74.56 65.52
N LEU L 1260 27.73 73.56 64.90
CA LEU L 1260 29.19 73.29 64.98
C LEU L 1260 30.00 74.35 64.22
N LEU L 1261 29.53 74.76 63.02
CA LEU L 1261 30.29 75.63 62.16
C LEU L 1261 30.41 77.07 62.71
N SER L 1262 29.28 77.58 63.19
CA SER L 1262 29.23 78.86 63.87
C SER L 1262 30.10 78.80 65.14
N PHE L 1263 29.94 77.70 65.90
CA PHE L 1263 30.57 77.48 67.16
C PHE L 1263 32.10 77.67 67.13
N LEU L 1264 32.79 77.02 66.19
CA LEU L 1264 34.29 77.10 66.20
C LEU L 1264 34.91 78.35 65.57
N ARG L 1265 34.14 79.15 64.82
CA ARG L 1265 34.65 80.43 64.30
C ARG L 1265 34.45 81.55 65.35
N GLY L 1266 33.53 81.30 66.31
CA GLY L 1266 32.97 82.30 67.30
C GLY L 1266 31.78 83.17 66.80
N GLY L 1267 30.84 82.58 66.03
CA GLY L 1267 29.63 83.25 65.42
C GLY L 1267 28.57 83.69 66.44
N LEU L 1268 28.25 82.80 67.41
CA LEU L 1268 27.36 83.03 68.59
C LEU L 1268 28.07 83.92 69.63
N ASN L 1269 28.38 85.17 69.23
CA ASN L 1269 29.01 86.21 70.08
C ASN L 1269 28.08 87.43 70.14
#